data_7JL3
#
_entry.id   7JL3
#
_cell.length_a   1.00
_cell.length_b   1.00
_cell.length_c   1.00
_cell.angle_alpha   90.00
_cell.angle_beta   90.00
_cell.angle_gamma   90.00
#
_symmetry.space_group_name_H-M   'P 1'
#
loop_
_entity.id
_entity.type
_entity.pdbx_description
1 polymer 'Antiviral innate immune response receptor RIG-I'
2 polymer 'E3 ubiquitin-protein ligase RNF135'
3 polymer 'dsRNA strand1'
4 polymer 'dsRNA strand 2'
5 non-polymer "ADENOSINE-5'-DIPHOSPHATE"
6 non-polymer 'TETRAFLUOROALUMINATE ION'
7 non-polymer 'MAGNESIUM ION'
8 non-polymer 'ZINC ION'
#
loop_
_entity_poly.entity_id
_entity_poly.type
_entity_poly.pdbx_seq_one_letter_code
_entity_poly.pdbx_strand_id
1 'polypeptide(L)'
;METSDIQIFYQEDPECQNLSENSCPPSEVSDTNLYSPFKPRNYQLELALPAMKGKNTIICAPTGCGKTFVSLLICEHHLK
KFPQGQKGKVVFFANQIPVYEQQKSVFSKYFERHGYRVTGISGATAENVPVEQIVENNDIIILTPQILVNNLKKGTIPSL
SIFTLMIFDECHNTSKQHPYNMIMFNYLDQKLGGSSGPLPQVIGLTASVGVGDAKNTDEALDYICKLCASLDASVIATVK
HNLEELEQVVYKPQKFFRKVESRISDKFKYIIAQLMRDTESLAKRICKDLENLSQIQNREFGTQKYEQWIVTVQKACMVF
QMPDKDEESRICKALFLYTSHLRKYNDALIISEHARMKDALDYLKDFFSNVRAAGFDEIEQDLTQRFEEKLQELESVSRD
PSNENPKLEDLCFILQEEYHLNPETITILFVKTRALVDALKNWIEGNPKLSFLKPGILTGRGKTNQNTGMTLPAQKCILD
AFKASGDHNILIATSVADEGIDIAQCNLVILYEYVGNVIKMIQTRGRGRARGSKCFLLTSNAGVIEKEQINMYKEKMMND
SILRLQTWDEAVFREKILHIQTHEKFIRDSQEKPKPVPDKENKKLLCRKCKALACYTADVRVIEECHYTVLGDAFKECFV
SRPHPKPKQFSSFEKRAKIFCARQNCSHDWGIHVKYKTFEIPVIKIESFVVEDIATGVQTLYSKWKDFHFEKIPFDPAEM
SK
;
A,C,E
2 'polypeptide(L)'
;RRASRFAQWAIHPTFNLKSLSCSLEVSKDSRTVTVSHRPQPYRWSCERFSTSQVLCSQALSSGKHYWEVDTRNCSHWAVG
VASWEMSRDQVLGRTMDSCCVEWKGTSQLSAWHMVKETVLGSDRPGVVGIWLNLEEGKLAFYSVDNQEKLLYECTISASS
PLYPAFWLYGLHPGNYLIIKQVKV
;
B,D,F
3 'polyribonucleotide' GACUGACUGACUGAGACUGACUGACUGAGACUGACUGACUGA X
4 'polyribonucleotide' UCAGUCAGUCAGUCUCAGUCAGUCAGUCUCAGUCAGUCAGUC Y
#
# COMPACT_ATOMS: atom_id res chain seq x y z
N SER A 36 11.53 30.21 19.04
CA SER A 36 12.31 31.03 19.95
C SER A 36 12.82 30.29 21.18
N PRO A 37 11.96 29.56 21.91
CA PRO A 37 12.44 28.87 23.12
C PRO A 37 13.39 27.72 22.83
N PHE A 38 13.50 27.28 21.59
CA PHE A 38 14.39 26.17 21.27
C PHE A 38 15.84 26.62 21.35
N LYS A 39 16.63 25.95 22.19
CA LYS A 39 18.04 26.25 22.34
C LYS A 39 18.87 25.29 21.50
N PRO A 40 19.63 25.77 20.52
CA PRO A 40 20.42 24.86 19.68
C PRO A 40 21.41 24.05 20.52
N ARG A 41 21.42 22.74 20.27
CA ARG A 41 22.37 21.86 20.91
C ARG A 41 23.64 21.74 20.07
N ASN A 42 24.69 21.20 20.68
CA ASN A 42 26.02 21.18 20.07
C ASN A 42 26.04 20.34 18.79
N TYR A 43 25.45 19.16 18.85
CA TYR A 43 25.55 18.23 17.73
C TYR A 43 24.84 18.78 16.50
N GLN A 44 23.82 19.62 16.71
CA GLN A 44 23.18 20.28 15.57
C GLN A 44 24.13 21.21 14.85
N LEU A 45 24.90 21.99 15.61
CA LEU A 45 25.92 22.84 14.99
C LEU A 45 26.97 21.99 14.27
N GLU A 46 27.39 20.90 14.90
CA GLU A 46 28.37 20.02 14.26
C GLU A 46 27.85 19.49 12.92
N LEU A 47 26.62 19.01 12.90
CA LEU A 47 26.04 18.53 11.65
C LEU A 47 25.89 19.66 10.64
N ALA A 48 25.54 20.86 11.11
CA ALA A 48 25.30 21.97 10.19
C ALA A 48 26.58 22.42 9.50
N LEU A 49 27.72 22.35 10.20
CA LEU A 49 28.98 22.93 9.73
C LEU A 49 29.28 22.73 8.23
N PRO A 50 29.36 21.50 7.73
CA PRO A 50 29.73 21.34 6.31
C PRO A 50 28.74 21.99 5.35
N ALA A 51 27.44 21.89 5.66
CA ALA A 51 26.44 22.55 4.83
C ALA A 51 26.59 24.07 4.92
N MET A 52 26.85 24.59 6.14
CA MET A 52 27.12 26.02 6.30
C MET A 52 28.26 26.48 5.39
N LYS A 53 29.29 25.66 5.25
CA LYS A 53 30.40 26.01 4.37
C LYS A 53 29.94 26.16 2.93
N GLY A 54 29.09 25.26 2.44
CA GLY A 54 28.49 25.41 1.14
C GLY A 54 28.76 24.29 0.16
N LYS A 55 28.97 23.09 0.67
CA LYS A 55 29.09 21.90 -0.16
C LYS A 55 27.81 21.09 -0.10
N ASN A 56 27.50 20.41 -1.20
CA ASN A 56 26.33 19.55 -1.25
C ASN A 56 26.57 18.34 -0.35
N THR A 57 25.71 18.16 0.65
CA THR A 57 26.02 17.23 1.73
C THR A 57 24.84 16.33 2.05
N ILE A 58 25.17 15.21 2.69
CA ILE A 58 24.19 14.28 3.24
C ILE A 58 24.39 14.24 4.75
N ILE A 59 23.29 14.25 5.49
CA ILE A 59 23.30 14.19 6.95
C ILE A 59 22.72 12.85 7.36
N CYS A 60 23.46 12.09 8.15
CA CYS A 60 23.02 10.78 8.63
C CYS A 60 23.05 10.81 10.15
N ALA A 61 21.87 10.79 10.76
CA ALA A 61 21.73 10.88 12.21
C ALA A 61 20.65 9.92 12.67
N PRO A 62 20.72 9.45 13.91
CA PRO A 62 19.68 8.56 14.42
C PRO A 62 18.34 9.27 14.53
N THR A 63 17.27 8.48 14.51
CA THR A 63 15.92 9.03 14.55
C THR A 63 15.68 9.80 15.84
N GLY A 64 15.01 10.94 15.71
CA GLY A 64 14.61 11.74 16.85
C GLY A 64 15.59 12.79 17.31
N CYS A 65 16.78 12.88 16.69
CA CYS A 65 17.76 13.86 17.13
C CYS A 65 17.38 15.29 16.77
N GLY A 66 16.35 15.49 15.95
CA GLY A 66 15.95 16.84 15.58
C GLY A 66 16.60 17.36 14.33
N LYS A 67 16.67 16.54 13.28
CA LYS A 67 17.24 16.98 12.01
C LYS A 67 16.44 18.14 11.41
N THR A 68 15.16 18.24 11.75
CA THR A 68 14.35 19.35 11.26
C THR A 68 14.91 20.69 11.74
N PHE A 69 15.31 20.76 13.00
CA PHE A 69 15.92 21.99 13.51
C PHE A 69 17.24 22.27 12.81
N VAL A 70 17.99 21.21 12.47
CA VAL A 70 19.23 21.38 11.73
C VAL A 70 18.94 22.01 10.37
N SER A 71 17.90 21.52 9.70
CA SER A 71 17.48 22.13 8.44
C SER A 71 17.08 23.59 8.63
N LEU A 72 16.37 23.88 9.72
CA LEU A 72 16.02 25.26 10.03
C LEU A 72 17.26 26.13 10.08
N LEU A 73 18.26 25.70 10.85
CA LEU A 73 19.45 26.51 11.04
C LEU A 73 20.23 26.67 9.75
N ILE A 74 20.37 25.60 8.97
CA ILE A 74 21.09 25.69 7.71
C ILE A 74 20.38 26.65 6.76
N CYS A 75 19.06 26.54 6.67
CA CYS A 75 18.30 27.43 5.79
C CYS A 75 18.44 28.88 6.23
N GLU A 76 18.34 29.14 7.53
CA GLU A 76 18.44 30.51 8.02
C GLU A 76 19.81 31.10 7.71
N HIS A 77 20.87 30.35 8.01
CA HIS A 77 22.22 30.87 7.77
C HIS A 77 22.47 31.08 6.28
N HIS A 78 22.00 30.15 5.44
CA HIS A 78 22.22 30.29 4.00
C HIS A 78 21.46 31.49 3.44
N LEU A 79 20.22 31.70 3.89
CA LEU A 79 19.43 32.80 3.35
C LEU A 79 19.95 34.15 3.82
N LYS A 80 20.33 34.25 5.10
CA LYS A 80 20.80 35.53 5.61
C LYS A 80 22.16 35.94 5.03
N LYS A 81 22.88 35.00 4.40
CA LYS A 81 24.21 35.31 3.90
C LYS A 81 24.19 36.28 2.73
N PHE A 82 23.13 36.27 1.94
CA PHE A 82 23.11 37.05 0.70
C PHE A 82 23.18 38.54 0.97
N PRO A 83 23.80 39.30 0.07
CA PRO A 83 23.88 40.75 0.25
C PRO A 83 22.57 41.44 -0.16
N GLN A 84 22.50 42.72 0.16
CA GLN A 84 21.31 43.50 -0.15
C GLN A 84 21.10 43.58 -1.65
N GLY A 85 19.83 43.60 -2.06
CA GLY A 85 19.46 43.63 -3.46
C GLY A 85 19.41 42.26 -4.12
N GLN A 86 19.91 41.22 -3.47
CA GLN A 86 19.90 39.87 -4.01
C GLN A 86 19.24 38.93 -3.00
N LYS A 87 18.42 38.01 -3.50
CA LYS A 87 17.72 37.07 -2.64
C LYS A 87 17.69 35.71 -3.31
N GLY A 88 17.51 34.67 -2.49
CA GLY A 88 17.47 33.31 -2.98
C GLY A 88 16.26 32.57 -2.44
N LYS A 89 15.98 31.44 -3.07
CA LYS A 89 14.80 30.65 -2.77
C LYS A 89 15.19 29.34 -2.08
N VAL A 90 14.23 28.75 -1.39
CA VAL A 90 14.44 27.50 -0.66
C VAL A 90 13.27 26.58 -0.97
N VAL A 91 13.58 25.31 -1.23
CA VAL A 91 12.60 24.30 -1.61
C VAL A 91 12.68 23.15 -0.63
N PHE A 92 11.52 22.64 -0.20
CA PHE A 92 11.51 21.53 0.75
C PHE A 92 10.43 20.53 0.36
N PHE A 93 10.82 19.28 0.18
CA PHE A 93 9.92 18.21 -0.24
C PHE A 93 9.49 17.33 0.93
N ALA A 94 8.57 16.42 0.63
CA ALA A 94 8.07 15.41 1.55
C ALA A 94 7.22 14.43 0.75
N ASN A 95 7.19 13.18 1.19
CA ASN A 95 6.49 12.16 0.42
C ASN A 95 5.02 12.08 0.77
N GLN A 96 4.70 11.96 2.05
CA GLN A 96 3.32 11.74 2.49
C GLN A 96 2.69 13.04 2.96
N ILE A 97 1.37 13.13 2.81
CA ILE A 97 0.67 14.39 3.07
C ILE A 97 0.79 14.83 4.53
N PRO A 98 0.56 13.98 5.53
CA PRO A 98 0.69 14.48 6.92
C PRO A 98 2.07 15.05 7.23
N VAL A 99 3.12 14.42 6.70
CA VAL A 99 4.46 14.94 6.88
C VAL A 99 4.58 16.32 6.24
N TYR A 100 4.05 16.46 5.02
CA TYR A 100 3.97 17.76 4.37
C TYR A 100 3.32 18.81 5.26
N GLU A 101 2.18 18.47 5.85
CA GLU A 101 1.45 19.42 6.66
C GLU A 101 2.25 19.84 7.88
N GLN A 102 2.83 18.87 8.60
CA GLN A 102 3.56 19.22 9.81
C GLN A 102 4.82 20.01 9.50
N GLN A 103 5.53 19.67 8.41
CA GLN A 103 6.71 20.46 8.05
C GLN A 103 6.31 21.88 7.67
N LYS A 104 5.22 22.04 6.93
CA LYS A 104 4.76 23.39 6.59
C LYS A 104 4.44 24.19 7.86
N SER A 105 3.75 23.55 8.81
CA SER A 105 3.41 24.25 10.05
C SER A 105 4.67 24.66 10.81
N VAL A 106 5.65 23.76 10.88
CA VAL A 106 6.88 24.06 11.62
C VAL A 106 7.61 25.25 10.98
N PHE A 107 7.76 25.22 9.66
CA PHE A 107 8.44 26.32 8.98
C PHE A 107 7.68 27.63 9.17
N SER A 108 6.36 27.58 9.03
CA SER A 108 5.55 28.79 9.18
C SER A 108 5.71 29.39 10.57
N LYS A 109 5.67 28.56 11.61
CA LYS A 109 5.81 29.08 12.97
C LYS A 109 7.20 29.63 13.22
N TYR A 110 8.24 28.97 12.68
CA TYR A 110 9.59 29.45 12.96
C TYR A 110 9.89 30.76 12.24
N PHE A 111 9.61 30.83 10.94
CA PHE A 111 10.08 31.96 10.13
C PHE A 111 9.11 33.12 10.06
N GLU A 112 8.08 33.16 10.91
CA GLU A 112 7.17 34.30 10.88
C GLU A 112 7.86 35.57 11.37
N ARG A 113 8.77 35.45 12.34
CA ARG A 113 9.31 36.63 13.00
C ARG A 113 10.30 37.38 12.12
N HIS A 114 11.07 36.66 11.30
CA HIS A 114 12.02 37.33 10.42
C HIS A 114 11.32 38.02 9.27
N GLY A 115 10.05 37.67 9.03
CA GLY A 115 9.28 38.27 7.96
C GLY A 115 9.40 37.62 6.62
N TYR A 116 10.16 36.54 6.50
CA TYR A 116 10.25 35.79 5.26
C TYR A 116 8.89 35.17 4.95
N ARG A 117 8.50 35.18 3.68
CA ARG A 117 7.20 34.64 3.30
C ARG A 117 7.36 33.19 2.84
N VAL A 118 6.68 32.27 3.53
CA VAL A 118 6.68 30.86 3.17
C VAL A 118 5.36 30.52 2.51
N THR A 119 5.33 29.39 1.81
CA THR A 119 4.10 28.90 1.21
C THR A 119 4.27 27.42 0.86
N GLY A 120 3.16 26.79 0.49
CA GLY A 120 3.19 25.40 0.14
C GLY A 120 2.26 25.10 -1.03
N ILE A 121 2.56 24.00 -1.70
CA ILE A 121 1.73 23.48 -2.78
C ILE A 121 1.56 21.98 -2.53
N SER A 122 0.43 21.44 -2.97
CA SER A 122 0.13 20.02 -2.76
C SER A 122 -1.01 19.64 -3.68
N GLY A 123 -1.51 18.41 -3.50
CA GLY A 123 -2.72 18.02 -4.22
C GLY A 123 -3.96 18.62 -3.60
N ALA A 124 -3.84 19.18 -2.40
CA ALA A 124 -5.00 19.74 -1.71
C ALA A 124 -5.50 21.00 -2.40
N THR A 125 -4.60 21.93 -2.72
CA THR A 125 -5.00 23.21 -3.28
C THR A 125 -5.77 23.03 -4.58
N ALA A 126 -6.98 23.58 -4.61
CA ALA A 126 -7.86 23.50 -5.77
C ALA A 126 -7.92 24.84 -6.47
N GLU A 127 -8.04 24.81 -7.80
CA GLU A 127 -8.01 26.02 -8.62
C GLU A 127 -6.77 26.85 -8.32
N ASN A 128 -5.64 26.17 -8.14
CA ASN A 128 -4.43 26.81 -7.69
C ASN A 128 -3.99 27.92 -8.64
N VAL A 129 -3.55 29.03 -8.07
CA VAL A 129 -2.91 30.09 -8.86
C VAL A 129 -1.71 29.49 -9.58
N PRO A 130 -1.45 29.84 -10.84
CA PRO A 130 -0.34 29.19 -11.56
C PRO A 130 0.99 29.35 -10.83
N VAL A 131 1.71 28.24 -10.72
CA VAL A 131 2.92 28.17 -9.90
C VAL A 131 4.09 28.98 -10.45
N GLU A 132 4.09 29.26 -11.76
CA GLU A 132 5.20 29.92 -12.43
C GLU A 132 5.68 31.15 -11.68
N GLN A 133 4.80 31.75 -10.89
CA GLN A 133 5.15 32.93 -10.12
C GLN A 133 4.90 32.79 -8.62
N ILE A 134 4.12 31.79 -8.19
CA ILE A 134 4.03 31.56 -6.76
C ILE A 134 5.37 31.04 -6.27
N VAL A 135 6.20 30.56 -7.20
CA VAL A 135 7.60 30.34 -6.85
C VAL A 135 8.33 31.67 -6.66
N GLU A 136 8.05 32.65 -7.52
CA GLU A 136 8.80 33.91 -7.46
C GLU A 136 8.38 34.78 -6.28
N ASN A 137 7.12 34.68 -5.87
CA ASN A 137 6.60 35.62 -4.89
C ASN A 137 7.14 35.33 -3.49
N ASN A 138 7.37 34.06 -3.18
CA ASN A 138 7.69 33.63 -1.82
C ASN A 138 9.16 33.26 -1.71
N ASP A 139 9.62 33.13 -0.46
CA ASP A 139 11.00 32.72 -0.22
C ASP A 139 11.11 31.21 -0.05
N ILE A 140 10.38 30.64 0.90
CA ILE A 140 10.41 29.22 1.19
C ILE A 140 9.17 28.57 0.59
N ILE A 141 9.38 27.48 -0.16
CA ILE A 141 8.29 26.79 -0.83
C ILE A 141 8.34 25.32 -0.44
N ILE A 142 7.19 24.79 0.01
CA ILE A 142 7.06 23.40 0.41
C ILE A 142 6.28 22.68 -0.69
N LEU A 143 6.74 21.49 -1.07
CA LEU A 143 6.10 20.77 -2.15
C LEU A 143 6.09 19.27 -1.88
N THR A 144 5.46 18.56 -2.80
CA THR A 144 5.56 17.13 -2.96
C THR A 144 6.16 16.87 -4.34
N PRO A 145 7.21 16.06 -4.46
CA PRO A 145 8.04 16.09 -5.67
C PRO A 145 7.28 15.87 -6.96
N GLN A 146 6.15 15.16 -6.92
CA GLN A 146 5.39 14.94 -8.15
C GLN A 146 4.95 16.26 -8.78
N ILE A 147 4.65 17.27 -7.97
CA ILE A 147 4.27 18.57 -8.52
C ILE A 147 5.42 19.16 -9.33
N LEU A 148 6.62 19.15 -8.75
CA LEU A 148 7.78 19.71 -9.44
C LEU A 148 8.10 18.93 -10.71
N VAL A 149 7.99 17.60 -10.65
CA VAL A 149 8.24 16.79 -11.84
C VAL A 149 7.22 17.10 -12.93
N ASN A 150 5.95 17.23 -12.54
CA ASN A 150 4.90 17.59 -13.50
C ASN A 150 5.23 18.91 -14.18
N ASN A 151 5.55 19.93 -13.39
CA ASN A 151 5.81 21.25 -13.96
C ASN A 151 7.04 21.23 -14.85
N LEU A 152 8.09 20.51 -14.44
CA LEU A 152 9.30 20.43 -15.26
C LEU A 152 9.02 19.73 -16.59
N LYS A 153 8.26 18.63 -16.56
CA LYS A 153 7.94 17.95 -17.80
C LYS A 153 7.08 18.80 -18.71
N LYS A 154 6.10 19.51 -18.14
CA LYS A 154 5.28 20.40 -18.96
C LYS A 154 6.10 21.60 -19.44
N GLY A 155 7.00 22.09 -18.59
CA GLY A 155 7.89 23.18 -18.98
C GLY A 155 7.51 24.55 -18.48
N THR A 156 6.49 24.67 -17.63
CA THR A 156 6.12 25.98 -17.11
C THR A 156 7.26 26.61 -16.32
N ILE A 157 7.91 25.82 -15.45
CA ILE A 157 9.11 26.28 -14.77
C ILE A 157 10.28 26.04 -15.72
N PRO A 158 10.99 27.09 -16.14
CA PRO A 158 12.04 26.90 -17.17
C PRO A 158 13.17 25.99 -16.72
N SER A 159 13.82 26.30 -15.60
CA SER A 159 15.00 25.55 -15.21
C SER A 159 15.14 25.62 -13.69
N LEU A 160 15.92 24.68 -13.16
CA LEU A 160 16.15 24.59 -11.72
C LEU A 160 16.98 25.74 -11.17
N SER A 161 17.61 26.54 -12.03
CA SER A 161 18.49 27.60 -11.59
C SER A 161 17.75 28.71 -10.83
N ILE A 162 16.42 28.74 -10.89
CA ILE A 162 15.66 29.73 -10.13
C ILE A 162 15.91 29.56 -8.64
N PHE A 163 16.29 28.36 -8.22
CA PHE A 163 16.53 28.06 -6.82
C PHE A 163 18.01 28.11 -6.49
N THR A 164 18.31 28.19 -5.18
CA THR A 164 19.67 28.16 -4.70
C THR A 164 19.93 27.09 -3.65
N LEU A 165 18.90 26.57 -2.99
CA LEU A 165 19.08 25.51 -2.00
C LEU A 165 17.95 24.50 -2.12
N MET A 166 18.29 23.22 -2.27
CA MET A 166 17.31 22.15 -2.33
C MET A 166 17.52 21.23 -1.14
N ILE A 167 16.49 21.06 -0.33
CA ILE A 167 16.53 20.22 0.86
C ILE A 167 15.69 18.98 0.58
N PHE A 168 16.27 17.80 0.78
CA PHE A 168 15.60 16.54 0.54
C PHE A 168 15.44 15.80 1.87
N ASP A 169 14.21 15.78 2.37
CA ASP A 169 13.90 15.01 3.56
C ASP A 169 13.72 13.55 3.19
N GLU A 170 14.07 12.67 4.13
CA GLU A 170 14.01 11.22 3.93
C GLU A 170 14.72 10.84 2.63
N CYS A 171 15.97 11.29 2.51
CA CYS A 171 16.70 11.28 1.24
C CYS A 171 17.06 9.87 0.77
N HIS A 172 16.86 8.85 1.59
CA HIS A 172 17.24 7.49 1.22
C HIS A 172 16.45 6.94 0.04
N ASN A 173 15.37 7.61 -0.37
CA ASN A 173 14.52 7.11 -1.43
C ASN A 173 15.03 7.46 -2.82
N THR A 174 16.14 8.16 -2.93
CA THR A 174 16.70 8.52 -4.25
C THR A 174 17.24 7.26 -4.92
N SER A 175 16.41 6.67 -5.77
CA SER A 175 16.71 5.38 -6.38
C SER A 175 15.98 5.28 -7.72
N LYS A 176 15.89 4.06 -8.22
CA LYS A 176 15.73 3.73 -9.65
C LYS A 176 14.79 4.73 -10.33
N GLN A 177 13.53 4.84 -9.92
CA GLN A 177 12.58 5.70 -10.60
C GLN A 177 11.80 6.59 -9.66
N HIS A 178 12.23 6.73 -8.41
CA HIS A 178 11.52 7.58 -7.48
C HIS A 178 11.65 9.04 -7.92
N PRO A 179 10.61 9.86 -7.72
CA PRO A 179 10.65 11.23 -8.27
C PRO A 179 11.85 12.04 -7.83
N TYR A 180 12.33 11.84 -6.60
CA TYR A 180 13.56 12.49 -6.17
C TYR A 180 14.67 12.26 -7.18
N ASN A 181 14.84 11.01 -7.60
CA ASN A 181 15.89 10.66 -8.55
C ASN A 181 15.65 11.29 -9.92
N MET A 182 14.40 11.49 -10.34
CA MET A 182 14.16 12.17 -11.60
C MET A 182 14.54 13.64 -11.50
N ILE A 183 14.24 14.27 -10.36
CA ILE A 183 14.70 15.64 -10.14
C ILE A 183 16.22 15.71 -10.23
N MET A 184 16.89 14.78 -9.55
CA MET A 184 18.35 14.71 -9.66
C MET A 184 18.81 14.40 -11.07
N PHE A 185 18.02 13.65 -11.84
CA PHE A 185 18.42 13.38 -13.21
C PHE A 185 18.42 14.66 -14.03
N ASN A 186 17.39 15.49 -13.86
CA ASN A 186 17.41 16.80 -14.50
C ASN A 186 18.61 17.61 -14.05
N TYR A 187 18.86 17.64 -12.74
CA TYR A 187 19.98 18.39 -12.18
C TYR A 187 21.31 17.96 -12.80
N LEU A 188 21.58 16.66 -12.83
CA LEU A 188 22.86 16.17 -13.30
C LEU A 188 22.98 16.31 -14.82
N ASP A 189 21.90 16.05 -15.55
CA ASP A 189 21.92 16.26 -17.00
C ASP A 189 22.21 17.71 -17.34
N GLN A 190 21.74 18.64 -16.51
CA GLN A 190 22.09 20.04 -16.73
C GLN A 190 23.55 20.31 -16.41
N LYS A 191 24.03 19.77 -15.27
CA LYS A 191 25.39 20.11 -14.84
C LYS A 191 26.43 19.54 -15.79
N LEU A 192 26.32 18.26 -16.15
CA LEU A 192 27.38 17.62 -16.93
C LEU A 192 27.47 18.20 -18.33
N GLY A 193 26.38 18.77 -18.82
CA GLY A 193 26.40 19.41 -20.13
C GLY A 193 26.35 20.93 -20.05
N GLY A 194 27.46 21.58 -20.32
CA GLY A 194 27.53 23.03 -20.28
C GLY A 194 27.31 23.62 -18.90
N GLY A 197 24.52 27.62 -16.80
CA GLY A 197 23.88 28.41 -15.75
C GLY A 197 24.23 27.94 -14.35
N PRO A 198 24.05 28.81 -13.37
CA PRO A 198 24.34 28.42 -11.98
C PRO A 198 23.39 27.35 -11.49
N LEU A 199 23.87 26.57 -10.53
CA LEU A 199 23.13 25.44 -10.00
C LEU A 199 23.06 25.51 -8.48
N PRO A 200 21.99 24.99 -7.88
CA PRO A 200 21.77 25.17 -6.45
C PRO A 200 22.46 24.13 -5.58
N GLN A 201 22.78 24.54 -4.36
CA GLN A 201 23.31 23.64 -3.36
C GLN A 201 22.27 22.58 -2.99
N VAL A 202 22.75 21.39 -2.65
CA VAL A 202 21.87 20.25 -2.36
C VAL A 202 22.20 19.72 -0.98
N ILE A 203 21.17 19.64 -0.12
CA ILE A 203 21.30 19.08 1.22
C ILE A 203 20.31 17.93 1.32
N GLY A 204 20.75 16.82 1.90
CA GLY A 204 19.87 15.69 2.14
C GLY A 204 19.92 15.27 3.60
N LEU A 205 18.78 14.81 4.08
CA LEU A 205 18.68 14.29 5.44
C LEU A 205 18.26 12.83 5.40
N THR A 206 18.75 12.05 6.35
CA THR A 206 18.31 10.66 6.45
C THR A 206 18.53 10.16 7.86
N ALA A 207 17.84 9.07 8.18
CA ALA A 207 18.08 8.29 9.38
C ALA A 207 18.70 6.93 9.09
N SER A 208 18.61 6.46 7.85
CA SER A 208 19.25 5.20 7.45
C SER A 208 19.42 5.28 5.93
N VAL A 209 20.68 5.31 5.49
CA VAL A 209 20.97 5.46 4.07
C VAL A 209 20.52 4.24 3.28
N GLY A 210 20.36 3.11 3.96
CA GLY A 210 19.92 1.90 3.27
C GLY A 210 21.13 1.09 2.82
N VAL A 211 21.00 -0.24 2.89
CA VAL A 211 22.10 -1.13 2.53
C VAL A 211 21.87 -1.80 1.20
N GLY A 212 20.67 -1.70 0.63
CA GLY A 212 20.40 -2.39 -0.62
C GLY A 212 20.36 -3.88 -0.40
N ASP A 213 21.16 -4.61 -1.18
CA ASP A 213 21.22 -6.06 -1.10
C ASP A 213 22.64 -6.58 -0.92
N ALA A 214 23.42 -5.94 -0.05
CA ALA A 214 24.80 -6.34 0.15
C ALA A 214 24.88 -7.69 0.86
N LYS A 215 25.90 -8.46 0.52
CA LYS A 215 26.24 -9.69 1.23
C LYS A 215 27.56 -9.57 2.00
N ASN A 216 28.22 -8.42 1.89
CA ASN A 216 29.48 -8.17 2.59
C ASN A 216 29.67 -6.67 2.65
N THR A 217 30.64 -6.25 3.46
CA THR A 217 30.89 -4.81 3.65
C THR A 217 31.21 -4.11 2.35
N ASP A 218 31.87 -4.80 1.42
CA ASP A 218 32.25 -4.18 0.16
C ASP A 218 31.02 -3.72 -0.63
N GLU A 219 30.01 -4.58 -0.74
CA GLU A 219 28.82 -4.21 -1.50
C GLU A 219 28.02 -3.12 -0.79
N ALA A 220 28.02 -3.11 0.54
CA ALA A 220 27.39 -2.02 1.26
C ALA A 220 28.09 -0.70 0.96
N LEU A 221 29.41 -0.71 0.92
CA LEU A 221 30.17 0.48 0.59
C LEU A 221 29.88 0.93 -0.84
N ASP A 222 29.78 -0.02 -1.76
CA ASP A 222 29.43 0.30 -3.14
C ASP A 222 28.04 0.92 -3.22
N TYR A 223 27.08 0.37 -2.48
CA TYR A 223 25.72 0.92 -2.50
C TYR A 223 25.69 2.34 -1.97
N ILE A 224 26.40 2.59 -0.86
CA ILE A 224 26.42 3.92 -0.28
C ILE A 224 27.11 4.91 -1.21
N CYS A 225 28.21 4.49 -1.85
CA CYS A 225 28.87 5.35 -2.81
C CYS A 225 27.94 5.68 -3.99
N LYS A 226 27.22 4.68 -4.50
CA LYS A 226 26.31 4.93 -5.61
C LYS A 226 25.19 5.88 -5.19
N LEU A 227 24.67 5.71 -3.98
CA LEU A 227 23.65 6.62 -3.48
C LEU A 227 24.17 8.05 -3.42
N CYS A 228 25.36 8.24 -2.84
CA CYS A 228 25.92 9.58 -2.74
C CYS A 228 26.15 10.17 -4.13
N ALA A 229 26.56 9.33 -5.08
CA ALA A 229 26.74 9.81 -6.45
C ALA A 229 25.41 10.22 -7.07
N SER A 230 24.34 9.49 -6.75
CA SER A 230 23.06 9.74 -7.41
C SER A 230 22.53 11.13 -7.11
N LEU A 231 22.93 11.73 -5.99
CA LEU A 231 22.45 13.06 -5.63
C LEU A 231 23.56 14.09 -5.52
N ASP A 232 24.77 13.76 -5.97
CA ASP A 232 25.87 14.71 -6.09
C ASP A 232 26.19 15.36 -4.74
N ALA A 233 26.66 14.52 -3.82
CA ALA A 233 27.09 14.97 -2.51
C ALA A 233 28.55 14.60 -2.31
N SER A 234 29.30 15.50 -1.68
CA SER A 234 30.72 15.27 -1.43
C SER A 234 31.01 14.88 0.01
N VAL A 235 30.14 15.25 0.94
CA VAL A 235 30.39 15.05 2.37
C VAL A 235 29.21 14.31 3.00
N ILE A 236 29.53 13.34 3.84
CA ILE A 236 28.56 12.64 4.68
C ILE A 236 28.86 13.02 6.13
N ALA A 237 27.86 13.58 6.81
CA ALA A 237 28.04 14.10 8.16
C ALA A 237 27.32 13.22 9.16
N THR A 238 28.07 12.75 10.15
CA THR A 238 27.54 11.97 11.26
C THR A 238 28.18 12.48 12.54
N VAL A 239 27.38 12.55 13.61
CA VAL A 239 27.84 13.10 14.87
C VAL A 239 28.76 12.09 15.56
N LYS A 240 29.97 12.54 15.91
CA LYS A 240 30.91 11.75 16.70
C LYS A 240 31.47 12.47 17.92
N HIS A 241 31.76 13.77 17.83
CA HIS A 241 32.44 14.46 18.93
C HIS A 241 31.54 14.54 20.16
N ASN A 242 30.27 14.90 19.97
CA ASN A 242 29.33 15.06 21.07
C ASN A 242 28.45 13.82 21.26
N LEU A 243 28.98 12.63 20.98
CA LEU A 243 28.22 11.40 21.08
C LEU A 243 27.57 11.24 22.45
N GLU A 244 28.38 11.37 23.51
CA GLU A 244 27.86 11.18 24.86
C GLU A 244 26.63 12.04 25.11
N GLU A 245 26.67 13.30 24.65
CA GLU A 245 25.50 14.15 24.72
C GLU A 245 24.32 13.50 24.01
N LEU A 246 24.59 12.85 22.87
CA LEU A 246 23.51 12.19 22.13
C LEU A 246 22.86 11.09 22.97
N GLU A 247 23.64 10.31 23.72
CA GLU A 247 23.03 9.19 24.43
C GLU A 247 21.99 9.63 25.47
N GLN A 248 22.27 10.66 26.27
CA GLN A 248 21.20 11.08 27.19
C GLN A 248 20.21 12.04 26.56
N VAL A 249 20.51 12.61 25.40
CA VAL A 249 19.48 13.39 24.71
C VAL A 249 18.46 12.47 24.05
N VAL A 250 18.92 11.42 23.37
CA VAL A 250 18.07 10.54 22.57
C VAL A 250 18.07 9.16 23.21
N TYR A 251 16.87 8.63 23.47
CA TYR A 251 16.71 7.30 24.04
C TYR A 251 16.48 6.29 22.92
N LYS A 252 17.31 5.27 22.87
CA LYS A 252 17.16 4.21 21.87
C LYS A 252 16.02 3.29 22.27
N PRO A 253 15.01 3.09 21.42
CA PRO A 253 13.95 2.14 21.75
C PRO A 253 14.44 0.71 21.76
N GLN A 254 13.73 -0.13 22.51
CA GLN A 254 14.07 -1.53 22.68
C GLN A 254 13.13 -2.40 21.83
N LYS A 255 13.64 -3.58 21.43
CA LYS A 255 12.97 -4.44 20.47
C LYS A 255 12.61 -5.78 21.13
N PHE A 256 11.47 -6.34 20.71
CA PHE A 256 11.03 -7.63 21.21
C PHE A 256 10.25 -8.38 20.14
N PHE A 257 10.22 -9.70 20.28
CA PHE A 257 9.58 -10.62 19.34
C PHE A 257 8.52 -11.42 20.07
N ARG A 258 7.42 -11.73 19.38
CA ARG A 258 6.35 -12.57 19.93
C ARG A 258 5.87 -13.52 18.83
N LYS A 259 6.29 -14.78 18.96
CA LYS A 259 5.81 -15.86 18.10
C LYS A 259 4.54 -16.45 18.69
N VAL A 260 3.51 -16.60 17.86
CA VAL A 260 2.25 -17.17 18.28
C VAL A 260 1.96 -18.41 17.44
N GLU A 261 1.70 -19.53 18.10
CA GLU A 261 1.33 -20.74 17.39
C GLU A 261 -0.14 -20.68 16.97
N SER A 262 -0.48 -21.49 15.98
CA SER A 262 -1.84 -21.58 15.48
C SER A 262 -2.54 -22.79 16.08
N ARG A 263 -3.86 -22.83 15.92
CA ARG A 263 -4.63 -23.94 16.46
C ARG A 263 -4.45 -25.19 15.60
N ILE A 264 -4.41 -26.35 16.25
CA ILE A 264 -4.29 -27.60 15.52
C ILE A 264 -5.60 -27.93 14.79
N SER A 265 -6.73 -27.68 15.44
CA SER A 265 -8.04 -28.01 14.89
C SER A 265 -8.85 -26.74 14.72
N ASP A 266 -9.24 -26.45 13.48
CA ASP A 266 -10.09 -25.31 13.16
C ASP A 266 -11.32 -25.81 12.43
N LYS A 267 -12.48 -25.67 13.07
CA LYS A 267 -13.73 -26.14 12.47
C LYS A 267 -14.02 -25.38 11.19
N PHE A 268 -13.93 -24.04 11.24
CA PHE A 268 -14.21 -23.22 10.06
C PHE A 268 -13.25 -23.55 8.93
N LYS A 269 -11.96 -23.68 9.24
CA LYS A 269 -10.99 -24.04 8.22
C LYS A 269 -11.34 -25.39 7.59
N TYR A 270 -11.69 -26.37 8.42
CA TYR A 270 -11.99 -27.70 7.90
C TYR A 270 -13.23 -27.68 7.00
N ILE A 271 -14.29 -26.98 7.42
CA ILE A 271 -15.52 -27.01 6.64
C ILE A 271 -15.34 -26.23 5.34
N ILE A 272 -14.64 -25.10 5.39
CA ILE A 272 -14.40 -24.35 4.16
C ILE A 272 -13.49 -25.13 3.23
N ALA A 273 -12.53 -25.89 3.78
CA ALA A 273 -11.70 -26.75 2.95
C ALA A 273 -12.51 -27.87 2.31
N GLN A 274 -13.49 -28.41 3.04
CA GLN A 274 -14.37 -29.40 2.44
C GLN A 274 -15.16 -28.80 1.29
N LEU A 275 -15.66 -27.58 1.46
CA LEU A 275 -16.30 -26.88 0.36
C LEU A 275 -15.35 -26.68 -0.80
N MET A 276 -14.08 -26.37 -0.50
CA MET A 276 -13.06 -26.26 -1.54
C MET A 276 -12.94 -27.56 -2.34
N ARG A 277 -12.85 -28.67 -1.62
CA ARG A 277 -12.72 -29.96 -2.30
C ARG A 277 -13.93 -30.26 -3.17
N ASP A 278 -15.13 -29.97 -2.66
CA ASP A 278 -16.34 -30.21 -3.44
C ASP A 278 -16.37 -29.34 -4.69
N THR A 279 -16.14 -28.04 -4.53
CA THR A 279 -16.17 -27.12 -5.67
C THR A 279 -15.09 -27.46 -6.68
N GLU A 280 -13.90 -27.86 -6.19
CA GLU A 280 -12.85 -28.29 -7.11
C GLU A 280 -13.26 -29.52 -7.90
N SER A 281 -13.91 -30.48 -7.25
CA SER A 281 -14.40 -31.65 -7.98
C SER A 281 -15.42 -31.26 -9.03
N LEU A 282 -16.37 -30.38 -8.67
CA LEU A 282 -17.34 -29.87 -9.63
C LEU A 282 -16.64 -29.25 -10.83
N ALA A 283 -15.71 -28.33 -10.58
CA ALA A 283 -15.00 -27.68 -11.68
C ALA A 283 -14.23 -28.69 -12.51
N LYS A 284 -13.60 -29.66 -11.86
CA LYS A 284 -12.83 -30.69 -12.57
C LYS A 284 -13.71 -31.48 -13.52
N ARG A 285 -14.94 -31.79 -13.11
CA ARG A 285 -15.76 -32.72 -13.88
C ARG A 285 -16.09 -32.16 -15.27
N ILE A 286 -16.45 -30.88 -15.36
CA ILE A 286 -16.83 -30.32 -16.66
C ILE A 286 -15.62 -30.26 -17.59
N CYS A 287 -14.50 -29.73 -17.12
CA CYS A 287 -13.35 -29.54 -17.98
C CYS A 287 -12.65 -30.87 -18.26
N LYS A 288 -12.19 -31.01 -19.50
CA LYS A 288 -11.43 -32.20 -19.87
C LYS A 288 -10.13 -32.29 -19.07
N ASP A 289 -9.41 -31.18 -18.95
CA ASP A 289 -8.15 -31.15 -18.21
C ASP A 289 -8.02 -29.77 -17.61
N LEU A 290 -7.53 -29.70 -16.37
CA LEU A 290 -7.21 -28.49 -15.67
C LEU A 290 -5.94 -28.55 -14.74
N GLU A 291 -5.46 -29.80 -14.64
CA GLU A 291 -4.27 -30.06 -13.84
C GLU A 291 -3.13 -29.53 -14.70
N ASN A 292 -3.13 -29.86 -15.99
CA ASN A 292 -1.97 -29.61 -16.84
C ASN A 292 -1.87 -28.17 -17.32
N LEU A 293 -2.91 -27.36 -17.15
CA LEU A 293 -2.90 -26.01 -17.72
C LEU A 293 -1.87 -25.11 -17.05
N SER A 294 -1.68 -25.25 -15.74
CA SER A 294 -0.78 -24.40 -14.98
C SER A 294 0.35 -25.24 -14.40
N GLN A 295 1.59 -24.75 -14.57
CA GLN A 295 2.76 -25.47 -14.06
C GLN A 295 2.78 -25.55 -12.55
N ILE A 296 2.00 -24.71 -11.86
CA ILE A 296 1.98 -24.72 -10.40
C ILE A 296 1.59 -26.11 -9.89
N GLN A 297 2.22 -26.52 -8.78
CA GLN A 297 2.03 -27.85 -8.22
C GLN A 297 1.85 -27.75 -6.72
N ASN A 298 1.14 -28.73 -6.17
CA ASN A 298 0.95 -28.88 -4.73
C ASN A 298 0.36 -27.59 -4.12
N ARG A 299 -0.75 -27.15 -4.70
CA ARG A 299 -1.36 -25.90 -4.28
C ARG A 299 -2.03 -26.07 -2.92
N GLU A 300 -1.57 -25.29 -1.94
CA GLU A 300 -2.25 -25.25 -0.65
C GLU A 300 -3.52 -24.41 -0.76
N PHE A 301 -4.27 -24.36 0.33
CA PHE A 301 -5.60 -23.74 0.27
C PHE A 301 -5.54 -22.25 0.59
N GLY A 302 -4.82 -21.87 1.64
CA GLY A 302 -4.82 -20.48 2.07
C GLY A 302 -3.63 -19.66 1.60
N THR A 303 -2.94 -20.12 0.56
CA THR A 303 -1.75 -19.45 0.08
C THR A 303 -2.05 -18.56 -1.13
N GLN A 304 -1.20 -17.56 -1.30
CA GLN A 304 -1.28 -16.70 -2.48
C GLN A 304 -0.94 -17.46 -3.75
N LYS A 305 -0.17 -18.55 -3.63
CA LYS A 305 0.12 -19.39 -4.78
C LYS A 305 -1.17 -19.98 -5.35
N TYR A 306 -2.09 -20.39 -4.48
CA TYR A 306 -3.39 -20.86 -4.93
C TYR A 306 -4.14 -19.77 -5.67
N GLU A 307 -4.09 -18.53 -5.16
CA GLU A 307 -4.74 -17.42 -5.84
C GLU A 307 -4.15 -17.20 -7.21
N GLN A 308 -2.83 -17.26 -7.32
CA GLN A 308 -2.20 -17.14 -8.63
C GLN A 308 -2.62 -18.27 -9.55
N TRP A 309 -2.77 -19.48 -9.02
CA TRP A 309 -3.24 -20.60 -9.83
C TRP A 309 -4.64 -20.33 -10.35
N ILE A 310 -5.53 -19.83 -9.50
CA ILE A 310 -6.90 -19.54 -9.93
C ILE A 310 -6.90 -18.48 -11.01
N VAL A 311 -6.09 -17.43 -10.83
CA VAL A 311 -6.03 -16.37 -11.84
C VAL A 311 -5.50 -16.92 -13.16
N THR A 312 -4.49 -17.78 -13.10
CA THR A 312 -3.94 -18.37 -14.31
C THR A 312 -4.97 -19.24 -15.00
N VAL A 313 -5.72 -20.05 -14.24
CA VAL A 313 -6.74 -20.90 -14.84
C VAL A 313 -7.81 -20.04 -15.50
N GLN A 314 -8.23 -18.96 -14.83
CA GLN A 314 -9.17 -18.03 -15.46
C GLN A 314 -8.61 -17.50 -16.77
N LYS A 315 -7.45 -16.85 -16.73
CA LYS A 315 -6.91 -16.20 -17.91
C LYS A 315 -6.56 -17.20 -19.01
N ALA A 316 -6.46 -18.49 -18.69
CA ALA A 316 -6.25 -19.51 -19.70
C ALA A 316 -7.55 -20.10 -20.24
N CYS A 317 -8.62 -20.09 -19.43
CA CYS A 317 -9.88 -20.71 -19.82
C CYS A 317 -10.83 -19.76 -20.52
N MET A 318 -11.05 -18.55 -19.97
CA MET A 318 -11.90 -17.63 -20.71
C MET A 318 -11.31 -17.22 -22.05
N VAL A 319 -10.00 -17.42 -22.27
CA VAL A 319 -9.44 -17.19 -23.58
C VAL A 319 -9.55 -18.41 -24.49
N PHE A 320 -9.77 -19.60 -23.91
CA PHE A 320 -9.91 -20.81 -24.70
C PHE A 320 -11.12 -20.70 -25.64
N GLN A 321 -10.93 -21.11 -26.88
CA GLN A 321 -11.96 -20.99 -27.91
C GLN A 321 -12.43 -22.36 -28.37
N MET A 322 -13.66 -22.39 -28.85
CA MET A 322 -14.31 -23.59 -29.37
C MET A 322 -14.88 -23.29 -30.74
N PRO A 323 -15.05 -24.31 -31.60
CA PRO A 323 -15.62 -24.09 -32.94
C PRO A 323 -17.05 -23.58 -32.90
N LYS A 325 -21.31 -23.36 -30.66
CA LYS A 325 -20.80 -22.06 -30.26
C LYS A 325 -21.40 -21.64 -28.93
N ASP A 326 -22.68 -21.93 -28.72
CA ASP A 326 -23.34 -21.63 -27.46
C ASP A 326 -22.76 -22.49 -26.33
N GLU A 327 -22.42 -23.74 -26.62
CA GLU A 327 -21.74 -24.58 -25.64
C GLU A 327 -20.44 -23.94 -25.16
N GLU A 328 -19.73 -23.25 -26.05
CA GLU A 328 -18.53 -22.53 -25.65
C GLU A 328 -18.85 -21.50 -24.58
N SER A 329 -19.89 -20.68 -24.81
CA SER A 329 -20.28 -19.68 -23.83
C SER A 329 -20.72 -20.32 -22.52
N ARG A 330 -21.44 -21.44 -22.61
CA ARG A 330 -21.90 -22.12 -21.40
C ARG A 330 -20.72 -22.62 -20.57
N ILE A 331 -19.74 -23.25 -21.20
CA ILE A 331 -18.56 -23.71 -20.47
C ILE A 331 -17.80 -22.53 -19.88
N CYS A 332 -17.65 -21.46 -20.65
CA CYS A 332 -16.97 -20.27 -20.13
C CYS A 332 -17.68 -19.75 -18.90
N LYS A 333 -19.01 -19.64 -18.96
CA LYS A 333 -19.77 -19.15 -17.80
C LYS A 333 -19.59 -20.06 -16.59
N ALA A 334 -19.67 -21.38 -16.81
CA ALA A 334 -19.56 -22.30 -15.68
C ALA A 334 -18.20 -22.21 -15.01
N LEU A 335 -17.14 -22.25 -15.81
CA LEU A 335 -15.79 -22.15 -15.25
C LEU A 335 -15.58 -20.80 -14.58
N PHE A 336 -16.10 -19.74 -15.17
CA PHE A 336 -16.01 -18.42 -14.57
C PHE A 336 -16.62 -18.40 -13.17
N LEU A 337 -17.85 -18.91 -13.05
CA LEU A 337 -18.53 -18.89 -11.76
C LEU A 337 -17.78 -19.75 -10.74
N TYR A 338 -17.39 -20.96 -11.14
CA TYR A 338 -16.64 -21.83 -10.24
C TYR A 338 -15.38 -21.15 -9.73
N THR A 339 -14.57 -20.62 -10.65
CA THR A 339 -13.31 -19.97 -10.27
C THR A 339 -13.55 -18.75 -9.40
N SER A 340 -14.59 -17.97 -9.71
CA SER A 340 -14.88 -16.79 -8.91
C SER A 340 -15.21 -17.17 -7.47
N HIS A 341 -16.04 -18.20 -7.29
CA HIS A 341 -16.35 -18.63 -5.93
C HIS A 341 -15.12 -19.20 -5.24
N LEU A 342 -14.27 -19.92 -5.98
CA LEU A 342 -13.02 -20.42 -5.40
C LEU A 342 -12.18 -19.27 -4.87
N ARG A 343 -11.97 -18.24 -5.69
CA ARG A 343 -11.18 -17.10 -5.26
C ARG A 343 -11.79 -16.40 -4.07
N LYS A 344 -13.11 -16.21 -4.08
CA LYS A 344 -13.77 -15.51 -2.98
C LYS A 344 -13.61 -16.28 -1.68
N TYR A 345 -13.77 -17.60 -1.74
CA TYR A 345 -13.58 -18.42 -0.54
C TYR A 345 -12.13 -18.39 -0.07
N ASN A 346 -11.17 -18.41 -0.99
CA ASN A 346 -9.77 -18.33 -0.59
C ASN A 346 -9.48 -17.00 0.11
N ASP A 347 -10.02 -15.91 -0.41
CA ASP A 347 -9.88 -14.62 0.25
C ASP A 347 -10.52 -14.67 1.64
N ALA A 348 -11.68 -15.31 1.75
CA ALA A 348 -12.30 -15.48 3.06
C ALA A 348 -11.38 -16.24 4.01
N LEU A 349 -10.73 -17.29 3.51
CA LEU A 349 -9.83 -18.08 4.35
C LEU A 349 -8.68 -17.24 4.87
N ILE A 350 -8.05 -16.46 3.97
CA ILE A 350 -6.89 -15.68 4.41
C ILE A 350 -7.31 -14.57 5.38
N ILE A 351 -8.45 -13.93 5.13
CA ILE A 351 -8.95 -12.94 6.06
C ILE A 351 -9.25 -13.58 7.41
N SER A 352 -9.83 -14.78 7.39
CA SER A 352 -10.15 -15.48 8.63
C SER A 352 -8.88 -15.78 9.43
N GLU A 353 -7.83 -16.26 8.77
CA GLU A 353 -6.61 -16.54 9.48
C GLU A 353 -5.89 -15.28 9.92
N HIS A 354 -6.13 -14.14 9.26
CA HIS A 354 -5.58 -12.86 9.70
C HIS A 354 -6.53 -12.12 10.64
N ALA A 355 -7.75 -11.85 10.20
CA ALA A 355 -8.70 -11.05 10.96
C ALA A 355 -9.54 -11.98 11.84
N ARG A 356 -10.60 -11.43 12.43
CA ARG A 356 -11.37 -12.20 13.40
C ARG A 356 -12.34 -13.15 12.71
N MET A 357 -12.97 -13.99 13.53
CA MET A 357 -13.85 -15.04 13.03
C MET A 357 -14.98 -14.46 12.20
N LYS A 358 -15.68 -13.45 12.74
CA LYS A 358 -16.91 -12.95 12.13
C LYS A 358 -16.67 -12.29 10.77
N ASP A 359 -15.49 -11.72 10.56
CA ASP A 359 -15.26 -10.91 9.36
C ASP A 359 -15.34 -11.75 8.09
N ALA A 360 -14.79 -12.96 8.11
CA ALA A 360 -14.80 -13.80 6.92
C ALA A 360 -16.23 -14.16 6.51
N LEU A 361 -17.05 -14.55 7.48
CA LEU A 361 -18.44 -14.82 7.20
C LEU A 361 -19.18 -13.58 6.73
N ASP A 362 -18.87 -12.42 7.31
CA ASP A 362 -19.46 -11.18 6.84
C ASP A 362 -19.18 -10.96 5.36
N TYR A 363 -17.90 -11.08 4.97
CA TYR A 363 -17.52 -10.87 3.59
C TYR A 363 -18.20 -11.88 2.67
N LEU A 364 -18.20 -13.15 3.06
CA LEU A 364 -18.79 -14.18 2.22
C LEU A 364 -20.29 -13.97 2.06
N LYS A 365 -20.98 -13.67 3.15
CA LYS A 365 -22.42 -13.44 3.09
C LYS A 365 -22.74 -12.22 2.24
N ASP A 366 -21.95 -11.15 2.37
CA ASP A 366 -22.17 -9.99 1.54
C ASP A 366 -22.00 -10.31 0.06
N PHE A 367 -20.98 -11.10 -0.28
CA PHE A 367 -20.80 -11.47 -1.68
C PHE A 367 -21.97 -12.30 -2.18
N PHE A 368 -22.41 -13.28 -1.39
CA PHE A 368 -23.51 -14.15 -1.82
C PHE A 368 -24.80 -13.38 -1.97
N SER A 369 -25.13 -12.52 -1.00
CA SER A 369 -26.36 -11.75 -1.06
C SER A 369 -26.33 -10.72 -2.18
N ASN A 370 -25.17 -10.11 -2.44
CA ASN A 370 -25.07 -9.10 -3.47
C ASN A 370 -24.76 -9.68 -4.85
N VAL A 371 -24.09 -10.82 -4.90
CA VAL A 371 -23.74 -11.48 -6.16
C VAL A 371 -22.96 -10.53 -7.07
N GLU A 378 -30.39 -22.56 -11.75
CA GLU A 378 -29.15 -22.75 -12.50
C GLU A 378 -28.01 -23.11 -11.54
N ILE A 379 -26.77 -23.01 -12.03
CA ILE A 379 -25.61 -23.43 -11.24
C ILE A 379 -25.47 -22.58 -9.98
N GLU A 380 -25.61 -21.26 -10.13
CA GLU A 380 -25.46 -20.38 -8.97
C GLU A 380 -26.49 -20.69 -7.90
N GLN A 381 -27.69 -21.16 -8.29
CA GLN A 381 -28.64 -21.64 -7.30
C GLN A 381 -28.07 -22.83 -6.54
N ASP A 382 -27.44 -23.76 -7.25
CA ASP A 382 -26.82 -24.91 -6.59
C ASP A 382 -25.78 -24.46 -5.57
N LEU A 383 -24.88 -23.56 -5.97
CA LEU A 383 -23.84 -23.11 -5.04
C LEU A 383 -24.43 -22.33 -3.87
N THR A 384 -25.48 -21.56 -4.11
CA THR A 384 -26.16 -20.86 -3.02
C THR A 384 -26.73 -21.87 -2.02
N GLN A 385 -27.33 -22.95 -2.53
CA GLN A 385 -27.79 -24.01 -1.64
C GLN A 385 -26.63 -24.61 -0.86
N ARG A 386 -25.49 -24.83 -1.53
CA ARG A 386 -24.34 -25.40 -0.85
C ARG A 386 -23.89 -24.54 0.32
N PHE A 387 -23.85 -23.21 0.11
CA PHE A 387 -23.37 -22.33 1.18
C PHE A 387 -24.41 -22.22 2.29
N GLU A 388 -25.68 -22.04 1.93
CA GLU A 388 -26.74 -21.93 2.93
C GLU A 388 -26.88 -23.22 3.74
N GLU A 389 -26.45 -24.35 3.19
CA GLU A 389 -26.40 -25.59 3.96
C GLU A 389 -25.55 -25.43 5.21
N LYS A 390 -24.37 -24.84 5.05
CA LYS A 390 -23.37 -24.80 6.11
C LYS A 390 -23.42 -23.51 6.93
N LEU A 391 -24.13 -22.49 6.44
CA LEU A 391 -24.19 -21.19 7.12
C LEU A 391 -24.37 -21.29 8.63
N GLN A 392 -25.33 -22.09 9.08
CA GLN A 392 -25.64 -22.13 10.51
C GLN A 392 -24.51 -22.75 11.33
N GLU A 393 -23.89 -23.81 10.80
CA GLU A 393 -22.71 -24.37 11.46
C GLU A 393 -21.60 -23.34 11.55
N LEU A 394 -21.41 -22.58 10.46
CA LEU A 394 -20.38 -21.53 10.48
C LEU A 394 -20.67 -20.49 11.55
N GLU A 395 -21.93 -20.05 11.66
CA GLU A 395 -22.27 -19.08 12.70
C GLU A 395 -22.04 -19.66 14.09
N SER A 396 -22.43 -20.92 14.29
CA SER A 396 -22.27 -21.55 15.60
C SER A 396 -20.81 -21.59 16.00
N VAL A 397 -19.93 -22.03 15.10
CA VAL A 397 -18.51 -22.07 15.45
C VAL A 397 -17.96 -20.66 15.60
N SER A 398 -18.51 -19.69 14.87
CA SER A 398 -18.05 -18.31 15.00
C SER A 398 -18.34 -17.75 16.39
N ARG A 399 -19.52 -18.04 16.92
CA ARG A 399 -19.90 -17.50 18.23
C ARG A 399 -19.37 -18.32 19.39
N ASP A 400 -18.55 -19.34 19.14
CA ASP A 400 -17.86 -20.03 20.21
C ASP A 400 -16.52 -19.34 20.47
N PRO A 401 -16.41 -18.56 21.55
CA PRO A 401 -15.19 -17.77 21.78
C PRO A 401 -13.95 -18.61 22.02
N SER A 402 -14.11 -19.90 22.36
CA SER A 402 -12.95 -20.73 22.63
C SER A 402 -12.07 -20.90 21.39
N ASN A 403 -12.66 -20.81 20.21
CA ASN A 403 -11.92 -20.96 18.95
C ASN A 403 -11.51 -19.61 18.36
N GLU A 404 -11.25 -18.61 19.21
CA GLU A 404 -10.87 -17.29 18.75
C GLU A 404 -9.47 -17.32 18.14
N ASN A 405 -9.21 -16.36 17.27
CA ASN A 405 -7.92 -16.26 16.60
C ASN A 405 -6.83 -15.96 17.62
N PRO A 406 -5.80 -16.81 17.74
CA PRO A 406 -4.81 -16.61 18.82
C PRO A 406 -4.05 -15.30 18.74
N LYS A 407 -3.82 -14.78 17.52
CA LYS A 407 -3.11 -13.53 17.37
C LYS A 407 -3.85 -12.39 18.08
N LEU A 408 -5.17 -12.32 17.88
CA LEU A 408 -5.98 -11.32 18.57
C LEU A 408 -5.92 -11.52 20.08
N GLU A 409 -5.91 -12.77 20.54
CA GLU A 409 -5.79 -13.05 21.96
C GLU A 409 -4.50 -12.46 22.53
N ASP A 410 -3.37 -12.74 21.88
CA ASP A 410 -2.11 -12.25 22.39
C ASP A 410 -2.00 -10.74 22.28
N LEU A 411 -2.59 -10.14 21.24
CA LEU A 411 -2.61 -8.69 21.13
C LEU A 411 -3.44 -8.05 22.23
N CYS A 412 -4.57 -8.66 22.56
CA CYS A 412 -5.34 -8.20 23.71
C CYS A 412 -4.51 -8.30 24.98
N PHE A 413 -3.77 -9.40 25.14
CA PHE A 413 -2.93 -9.58 26.32
C PHE A 413 -1.87 -8.49 26.41
N ILE A 414 -1.20 -8.19 25.29
CA ILE A 414 -0.13 -7.19 25.32
C ILE A 414 -0.70 -5.82 25.67
N LEU A 415 -1.80 -5.43 25.03
CA LEU A 415 -2.40 -4.13 25.33
C LEU A 415 -2.85 -4.05 26.78
N GLN A 416 -3.51 -5.11 27.25
CA GLN A 416 -3.98 -5.16 28.63
C GLN A 416 -2.84 -5.01 29.61
N GLU A 417 -1.79 -5.81 29.44
CA GLU A 417 -0.75 -5.81 30.46
C GLU A 417 0.02 -4.49 30.46
N GLU A 418 0.28 -3.93 29.27
CA GLU A 418 0.92 -2.63 29.20
C GLU A 418 0.07 -1.55 29.85
N TYR A 419 -1.22 -1.49 29.50
CA TYR A 419 -2.05 -0.42 30.04
C TYR A 419 -2.32 -0.62 31.53
N HIS A 420 -2.18 -1.86 32.01
CA HIS A 420 -2.18 -2.09 33.45
C HIS A 420 -0.92 -1.52 34.08
N LEU A 421 0.24 -1.78 33.46
CA LEU A 421 1.51 -1.28 33.98
C LEU A 421 1.55 0.24 33.96
N ASN A 422 1.26 0.84 32.82
CA ASN A 422 1.19 2.29 32.69
C ASN A 422 -0.21 2.67 32.27
N PRO A 423 -1.00 3.31 33.15
CA PRO A 423 -2.37 3.67 32.77
C PRO A 423 -2.43 4.60 31.56
N GLU A 424 -1.48 5.51 31.42
CA GLU A 424 -1.48 6.47 30.32
C GLU A 424 -0.27 6.23 29.43
N THR A 425 -0.52 6.08 28.14
CA THR A 425 0.52 5.87 27.15
C THR A 425 -0.13 6.00 25.77
N ILE A 426 0.70 6.31 24.78
CA ILE A 426 0.26 6.46 23.40
C ILE A 426 0.97 5.40 22.58
N THR A 427 0.20 4.54 21.93
CA THR A 427 0.74 3.42 21.18
C THR A 427 0.26 3.47 19.73
N ILE A 428 1.10 2.91 18.86
CA ILE A 428 0.83 2.87 17.43
C ILE A 428 0.88 1.42 16.97
N LEU A 429 -0.07 1.04 16.12
CA LEU A 429 -0.18 -0.31 15.61
C LEU A 429 -0.15 -0.29 14.10
N PHE A 430 0.74 -1.12 13.53
CA PHE A 430 1.04 -1.13 12.11
C PHE A 430 0.50 -2.39 11.47
N VAL A 431 -0.20 -2.22 10.34
CA VAL A 431 -0.85 -3.29 9.62
C VAL A 431 -0.44 -3.19 8.15
N LYS A 432 -0.91 -4.16 7.35
CA LYS A 432 -0.58 -4.17 5.94
C LYS A 432 -1.68 -3.52 5.09
N THR A 433 -2.94 -3.78 5.41
CA THR A 433 -4.04 -3.47 4.51
C THR A 433 -5.13 -2.70 5.24
N ARG A 434 -5.74 -1.76 4.51
CA ARG A 434 -6.77 -0.88 5.07
C ARG A 434 -7.99 -1.68 5.54
N ALA A 435 -8.34 -2.75 4.83
CA ALA A 435 -9.43 -3.62 5.29
C ALA A 435 -9.15 -4.11 6.70
N LEU A 436 -7.92 -4.52 6.98
CA LEU A 436 -7.54 -4.86 8.34
C LEU A 436 -7.61 -3.66 9.28
N VAL A 437 -7.39 -2.44 8.77
CA VAL A 437 -7.58 -1.26 9.62
C VAL A 437 -9.02 -1.19 10.12
N ASP A 438 -9.98 -1.33 9.19
CA ASP A 438 -11.38 -1.29 9.59
C ASP A 438 -11.73 -2.45 10.53
N ALA A 439 -11.24 -3.65 10.21
CA ALA A 439 -11.54 -4.81 11.03
C ALA A 439 -11.02 -4.63 12.45
N LEU A 440 -9.77 -4.19 12.59
CA LEU A 440 -9.20 -3.95 13.91
C LEU A 440 -9.91 -2.81 14.63
N LYS A 441 -10.33 -1.77 13.91
CA LYS A 441 -11.10 -0.71 14.54
C LYS A 441 -12.36 -1.27 15.19
N ASN A 442 -13.13 -2.04 14.43
CA ASN A 442 -14.37 -2.61 14.96
C ASN A 442 -14.08 -3.57 16.13
N TRP A 443 -13.08 -4.44 15.97
CA TRP A 443 -12.80 -5.44 16.99
C TRP A 443 -12.32 -4.79 18.28
N ILE A 444 -11.53 -3.71 18.17
CA ILE A 444 -11.07 -2.99 19.35
C ILE A 444 -12.23 -2.28 20.02
N GLU A 445 -13.10 -1.65 19.23
CA GLU A 445 -14.23 -0.94 19.83
C GLU A 445 -15.26 -1.89 20.44
N GLY A 446 -15.28 -3.15 20.01
CA GLY A 446 -16.26 -4.10 20.48
C GLY A 446 -15.80 -5.07 21.56
N ASN A 447 -14.68 -4.80 22.22
CA ASN A 447 -14.19 -5.71 23.26
C ASN A 447 -14.41 -5.08 24.62
N PRO A 448 -15.29 -5.63 25.47
CA PRO A 448 -15.47 -5.08 26.82
C PRO A 448 -14.20 -5.13 27.65
N LYS A 449 -13.32 -6.09 27.40
CA LYS A 449 -12.08 -6.19 28.18
C LYS A 449 -11.20 -4.96 27.97
N LEU A 450 -11.13 -4.46 26.74
CA LEU A 450 -10.32 -3.29 26.42
C LEU A 450 -11.19 -2.04 26.42
N SER A 451 -11.67 -1.69 27.62
CA SER A 451 -12.37 -0.42 27.79
C SER A 451 -11.41 0.75 27.83
N PHE A 452 -10.14 0.49 28.12
CA PHE A 452 -9.14 1.56 28.17
C PHE A 452 -8.99 2.24 26.83
N LEU A 453 -8.95 1.46 25.74
CA LEU A 453 -8.51 1.96 24.45
C LEU A 453 -9.47 2.99 23.88
N LYS A 454 -8.90 4.07 23.34
CA LYS A 454 -9.64 5.07 22.58
C LYS A 454 -9.03 5.15 21.19
N PRO A 455 -9.72 4.67 20.16
CA PRO A 455 -9.04 4.45 18.87
C PRO A 455 -8.95 5.70 18.01
N GLY A 456 -7.90 5.74 17.20
CA GLY A 456 -7.77 6.75 16.16
C GLY A 456 -7.21 6.15 14.88
N ILE A 457 -7.96 6.28 13.79
CA ILE A 457 -7.58 5.73 12.50
C ILE A 457 -6.68 6.71 11.78
N LEU A 458 -5.77 6.20 10.96
CA LEU A 458 -4.94 7.07 10.14
C LEU A 458 -4.53 6.33 8.87
N THR A 459 -4.79 6.94 7.71
CA THR A 459 -4.45 6.33 6.44
C THR A 459 -4.27 7.42 5.39
N GLY A 460 -3.66 7.05 4.28
CA GLY A 460 -3.44 8.00 3.21
C GLY A 460 -4.72 8.40 2.52
N ARG A 461 -4.68 9.58 1.91
CA ARG A 461 -5.86 10.10 1.21
C ARG A 461 -6.24 9.19 0.05
N GLY A 462 -7.52 8.85 -0.04
CA GLY A 462 -8.01 7.98 -1.09
C GLY A 462 -7.55 6.54 -0.95
N GLY A 469 -11.89 6.93 2.16
CA GLY A 469 -10.60 7.57 2.23
C GLY A 469 -10.60 8.84 3.06
N MET A 470 -9.67 8.93 4.01
CA MET A 470 -9.56 10.11 4.85
C MET A 470 -9.05 11.30 4.03
N THR A 471 -9.40 12.50 4.46
CA THR A 471 -8.99 13.73 3.79
C THR A 471 -7.88 14.42 4.58
N LEU A 472 -7.35 15.50 4.00
CA LEU A 472 -6.25 16.23 4.62
C LEU A 472 -6.61 16.85 5.97
N PRO A 473 -7.67 17.66 6.07
CA PRO A 473 -8.00 18.24 7.39
C PRO A 473 -8.32 17.19 8.44
N ALA A 474 -8.92 16.06 8.03
CA ALA A 474 -9.16 14.99 8.99
C ALA A 474 -7.84 14.44 9.53
N GLN A 475 -6.86 14.23 8.66
CA GLN A 475 -5.55 13.78 9.12
C GLN A 475 -4.93 14.79 10.06
N LYS A 476 -5.02 16.07 9.71
CA LYS A 476 -4.45 17.12 10.56
C LYS A 476 -5.10 17.11 11.94
N CYS A 477 -6.42 16.96 11.99
CA CYS A 477 -7.14 16.96 13.26
C CYS A 477 -6.75 15.74 14.10
N ILE A 478 -6.71 14.57 13.48
CA ILE A 478 -6.32 13.36 14.22
C ILE A 478 -4.91 13.50 14.77
N LEU A 479 -3.99 14.02 13.98
CA LEU A 479 -2.63 14.24 14.46
C LEU A 479 -2.60 15.21 15.63
N ASP A 480 -3.24 16.38 15.47
CA ASP A 480 -3.18 17.40 16.51
C ASP A 480 -3.86 16.94 17.79
N ALA A 481 -4.86 16.05 17.69
CA ALA A 481 -5.55 15.56 18.87
C ALA A 481 -4.60 14.83 19.81
N PHE A 482 -3.56 14.19 19.27
CA PHE A 482 -2.65 13.40 20.09
C PHE A 482 -1.78 14.25 21.01
N LYS A 483 -1.75 15.57 20.82
CA LYS A 483 -0.95 16.44 21.67
C LYS A 483 -1.49 16.48 23.10
N GLY A 486 -6.54 16.56 24.44
CA GLY A 486 -6.62 15.34 23.68
C GLY A 486 -7.21 14.18 24.46
N ASP A 487 -7.78 13.22 23.74
CA ASP A 487 -8.41 12.07 24.38
C ASP A 487 -8.13 10.75 23.69
N HIS A 488 -7.33 10.72 22.63
CA HIS A 488 -7.02 9.49 21.92
C HIS A 488 -5.78 8.85 22.51
N ASN A 489 -5.76 7.51 22.53
CA ASN A 489 -4.67 6.76 23.15
C ASN A 489 -4.01 5.74 22.25
N ILE A 490 -4.68 5.25 21.22
CA ILE A 490 -4.10 4.27 20.29
C ILE A 490 -4.33 4.75 18.87
N LEU A 491 -3.34 4.52 18.01
CA LEU A 491 -3.43 4.93 16.62
C LEU A 491 -3.20 3.71 15.73
N ILE A 492 -4.17 3.43 14.87
CA ILE A 492 -4.08 2.36 13.89
C ILE A 492 -3.64 2.98 12.57
N ALA A 493 -2.47 2.58 12.07
CA ALA A 493 -1.87 3.26 10.92
C ALA A 493 -1.46 2.27 9.85
N THR A 494 -1.51 2.75 8.61
CA THR A 494 -0.96 2.04 7.47
C THR A 494 0.47 2.51 7.24
N SER A 495 1.02 2.21 6.06
CA SER A 495 2.42 2.50 5.79
C SER A 495 2.76 3.99 5.84
N VAL A 496 1.75 4.86 5.81
CA VAL A 496 2.03 6.30 5.80
C VAL A 496 2.62 6.79 7.11
N ALA A 497 2.60 5.97 8.16
CA ALA A 497 3.12 6.39 9.45
C ALA A 497 4.62 6.24 9.57
N ASP A 498 5.30 5.92 8.47
CA ASP A 498 6.74 5.85 8.46
C ASP A 498 7.32 7.19 8.01
N GLU A 499 8.64 7.28 8.01
CA GLU A 499 9.40 8.47 7.61
C GLU A 499 9.06 9.68 8.45
N GLY A 500 8.58 9.49 9.68
CA GLY A 500 8.45 10.58 10.63
C GLY A 500 7.06 11.14 10.80
N ILE A 501 6.39 10.73 11.88
CA ILE A 501 5.16 11.40 12.31
C ILE A 501 5.43 12.35 13.46
N ASP A 502 6.45 12.08 14.27
CA ASP A 502 6.94 13.01 15.30
C ASP A 502 5.88 13.27 16.37
N ILE A 503 5.27 12.20 16.86
CA ILE A 503 4.41 12.30 18.03
C ILE A 503 5.28 12.41 19.27
N ALA A 504 5.14 13.51 20.01
CA ALA A 504 6.06 13.79 21.12
C ALA A 504 5.96 12.73 22.21
N GLN A 505 4.87 11.99 22.26
CA GLN A 505 4.65 10.96 23.26
C GLN A 505 4.21 9.67 22.56
N CYS A 506 5.11 8.71 22.47
CA CYS A 506 4.79 7.36 22.01
C CYS A 506 5.73 6.40 22.70
N ASN A 507 5.16 5.40 23.37
CA ASN A 507 5.94 4.46 24.17
C ASN A 507 5.74 3.01 23.74
N LEU A 508 4.96 2.76 22.69
CA LEU A 508 4.67 1.40 22.29
C LEU A 508 4.39 1.36 20.80
N VAL A 509 5.16 0.53 20.08
CA VAL A 509 4.95 0.29 18.67
C VAL A 509 4.71 -1.20 18.49
N ILE A 510 3.65 -1.56 17.79
CA ILE A 510 3.29 -2.95 17.56
C ILE A 510 3.24 -3.20 16.05
N LEU A 511 3.90 -4.27 15.62
CA LEU A 511 3.94 -4.67 14.21
C LEU A 511 3.10 -5.94 14.06
N TYR A 512 2.02 -5.85 13.29
CA TYR A 512 1.11 -6.97 13.07
C TYR A 512 1.47 -7.60 11.73
N GLU A 513 2.47 -8.49 11.74
CA GLU A 513 2.93 -9.18 10.54
C GLU A 513 3.45 -8.19 9.50
N TYR A 514 4.22 -7.21 9.97
CA TYR A 514 4.73 -6.13 9.13
C TYR A 514 6.25 -6.18 9.12
N VAL A 515 6.83 -6.59 7.99
CA VAL A 515 8.28 -6.70 7.83
C VAL A 515 8.66 -6.25 6.44
N GLY A 516 9.95 -6.02 6.24
CA GLY A 516 10.46 -5.58 4.96
C GLY A 516 11.96 -5.36 4.97
N ASN A 517 12.45 -4.45 4.13
CA ASN A 517 13.86 -4.13 4.10
C ASN A 517 14.25 -3.34 5.34
N VAL A 518 15.57 -3.15 5.53
CA VAL A 518 16.09 -2.57 6.76
C VAL A 518 15.59 -1.15 6.97
N ILE A 519 15.37 -0.40 5.89
CA ILE A 519 14.91 0.99 6.03
C ILE A 519 13.59 1.03 6.79
N LYS A 520 12.65 0.17 6.40
CA LYS A 520 11.37 0.14 7.08
C LYS A 520 11.52 -0.26 8.54
N MET A 521 12.40 -1.22 8.81
CA MET A 521 12.63 -1.64 10.18
C MET A 521 13.09 -0.47 11.04
N ILE A 522 14.09 0.28 10.56
CA ILE A 522 14.64 1.37 11.35
C ILE A 522 13.61 2.48 11.51
N GLN A 523 12.92 2.84 10.43
CA GLN A 523 11.96 3.93 10.50
C GLN A 523 10.75 3.56 11.36
N THR A 524 10.40 2.28 11.42
CA THR A 524 9.32 1.85 12.31
C THR A 524 9.77 1.89 13.76
N ARG A 525 10.97 1.38 14.04
CA ARG A 525 11.45 1.37 15.42
C ARG A 525 11.61 2.78 15.97
N GLY A 526 12.04 3.72 15.12
CA GLY A 526 12.35 5.06 15.59
C GLY A 526 11.15 5.86 16.08
N ARG A 527 9.93 5.43 15.77
CA ARG A 527 8.75 6.25 16.09
C ARG A 527 8.62 6.52 17.58
N GLY A 528 9.18 5.65 18.42
CA GLY A 528 9.04 5.81 19.85
C GLY A 528 9.90 6.91 20.44
N ARG A 529 9.55 8.16 20.13
CA ARG A 529 10.33 9.30 20.61
C ARG A 529 10.43 9.31 22.13
N ALA A 530 9.35 8.93 22.81
CA ALA A 530 9.36 8.93 24.27
C ALA A 530 10.33 7.89 24.81
N ARG A 531 10.97 8.22 25.92
CA ARG A 531 11.91 7.31 26.55
C ARG A 531 11.17 6.19 27.27
N GLY A 532 11.85 5.04 27.38
CA GLY A 532 11.21 3.85 27.90
C GLY A 532 10.33 3.14 26.90
N SER A 533 10.37 3.52 25.63
CA SER A 533 9.49 2.96 24.62
C SER A 533 9.93 1.53 24.26
N LYS A 534 9.04 0.83 23.59
CA LYS A 534 9.30 -0.55 23.18
C LYS A 534 8.62 -0.81 21.84
N CYS A 535 9.15 -1.80 21.13
CA CYS A 535 8.59 -2.27 19.87
C CYS A 535 8.42 -3.76 19.93
N PHE A 536 7.29 -4.26 19.43
CA PHE A 536 6.95 -5.67 19.50
C PHE A 536 6.52 -6.15 18.12
N LEU A 537 7.25 -7.14 17.59
CA LEU A 537 6.85 -7.81 16.35
C LEU A 537 6.04 -9.05 16.69
N LEU A 538 4.76 -9.06 16.32
CA LEU A 538 3.89 -10.19 16.58
C LEU A 538 3.68 -10.97 15.29
N THR A 539 3.96 -12.27 15.33
CA THR A 539 3.78 -13.06 14.12
C THR A 539 3.61 -14.53 14.47
N SER A 540 3.14 -15.29 13.47
CA SER A 540 2.90 -16.73 13.60
C SER A 540 3.78 -17.53 12.66
N ASN A 541 4.88 -16.94 12.18
CA ASN A 541 5.81 -17.61 11.29
C ASN A 541 7.23 -17.31 11.76
N ALA A 542 8.07 -18.35 11.79
CA ALA A 542 9.44 -18.20 12.27
C ALA A 542 10.31 -17.48 11.25
N GLY A 543 10.06 -17.69 9.97
CA GLY A 543 10.83 -17.00 8.94
C GLY A 543 10.77 -15.50 9.06
N VAL A 544 9.64 -14.97 9.52
CA VAL A 544 9.53 -13.53 9.76
C VAL A 544 10.52 -13.10 10.83
N ILE A 545 10.60 -13.87 11.93
CA ILE A 545 11.56 -13.56 12.99
C ILE A 545 12.98 -13.61 12.44
N GLU A 546 13.28 -14.62 11.62
CA GLU A 546 14.62 -14.72 11.04
C GLU A 546 14.94 -13.51 10.17
N LYS A 547 13.98 -13.08 9.36
CA LYS A 547 14.18 -11.88 8.54
C LYS A 547 14.43 -10.66 9.41
N GLU A 548 13.70 -10.54 10.52
CA GLU A 548 13.93 -9.40 11.41
C GLU A 548 15.35 -9.42 11.98
N GLN A 549 15.82 -10.60 12.40
CA GLN A 549 17.17 -10.69 12.95
C GLN A 549 18.22 -10.33 11.91
N ILE A 550 18.09 -10.87 10.70
CA ILE A 550 19.07 -10.58 9.67
C ILE A 550 19.01 -9.11 9.28
N ASN A 551 17.83 -8.48 9.34
CA ASN A 551 17.75 -7.05 9.06
C ASN A 551 18.46 -6.24 10.15
N MET A 552 18.34 -6.66 11.41
CA MET A 552 19.10 -6.00 12.47
C MET A 552 20.59 -6.06 12.19
N TYR A 553 21.08 -7.23 11.80
CA TYR A 553 22.49 -7.31 11.43
C TYR A 553 22.81 -6.38 10.29
N LYS A 554 21.95 -6.38 9.26
CA LYS A 554 22.23 -5.56 8.08
C LYS A 554 22.36 -4.11 8.47
N GLU A 555 21.52 -3.66 9.39
CA GLU A 555 21.66 -2.31 9.93
C GLU A 555 23.04 -2.13 10.55
N LYS A 556 23.47 -3.09 11.37
CA LYS A 556 24.80 -2.96 11.99
C LYS A 556 25.91 -2.87 10.95
N MET A 557 25.85 -3.72 9.92
CA MET A 557 26.91 -3.75 8.91
C MET A 557 26.93 -2.47 8.11
N MET A 558 25.75 -1.92 7.79
CA MET A 558 25.69 -0.62 7.13
C MET A 558 26.31 0.47 8.02
N ASN A 559 25.97 0.45 9.31
CA ASN A 559 26.49 1.47 10.21
C ASN A 559 28.01 1.39 10.34
N ASP A 560 28.58 0.19 10.19
CA ASP A 560 30.03 0.09 10.18
C ASP A 560 30.61 0.54 8.84
N SER A 561 29.92 0.21 7.74
CA SER A 561 30.42 0.56 6.41
C SER A 561 30.51 2.07 6.24
N ILE A 562 29.52 2.81 6.75
CA ILE A 562 29.56 4.26 6.61
C ILE A 562 30.74 4.86 7.38
N LEU A 563 31.03 4.30 8.56
CA LEU A 563 32.19 4.74 9.31
C LEU A 563 33.49 4.44 8.56
N ARG A 564 33.56 3.28 7.90
CA ARG A 564 34.70 3.00 7.04
C ARG A 564 34.83 4.06 5.94
N LEU A 565 33.70 4.39 5.30
CA LEU A 565 33.74 5.36 4.21
C LEU A 565 34.22 6.72 4.67
N GLN A 566 33.86 7.11 5.89
CA GLN A 566 34.24 8.45 6.37
C GLN A 566 35.75 8.66 6.40
N THR A 567 36.54 7.58 6.41
CA THR A 567 37.99 7.71 6.50
C THR A 567 38.63 8.20 5.21
N TRP A 568 37.94 8.07 4.08
CA TRP A 568 38.58 8.30 2.78
C TRP A 568 39.01 9.75 2.62
N ASP A 569 40.07 9.95 1.85
CA ASP A 569 40.61 11.28 1.61
C ASP A 569 39.76 12.05 0.61
N GLU A 570 39.63 13.36 0.84
CA GLU A 570 38.82 14.21 -0.02
C GLU A 570 39.49 14.36 -1.39
N ALA A 571 38.67 14.66 -2.38
CA ALA A 571 38.98 14.89 -3.80
C ALA A 571 39.31 13.61 -4.54
N VAL A 572 39.44 12.47 -3.85
CA VAL A 572 39.38 11.16 -4.47
C VAL A 572 37.96 10.61 -4.42
N PHE A 573 37.31 10.76 -3.26
CA PHE A 573 35.88 10.58 -3.14
C PHE A 573 35.15 11.26 -4.28
N ARG A 574 35.34 12.58 -4.42
CA ARG A 574 34.65 13.34 -5.46
C ARG A 574 34.99 12.82 -6.85
N GLU A 575 36.24 12.41 -7.06
CA GLU A 575 36.64 11.91 -8.38
C GLU A 575 35.86 10.64 -8.73
N LYS A 576 35.81 9.67 -7.81
CA LYS A 576 35.08 8.44 -8.10
C LYS A 576 33.58 8.71 -8.22
N ILE A 577 33.07 9.67 -7.46
CA ILE A 577 31.66 10.05 -7.60
C ILE A 577 31.41 10.58 -9.00
N LEU A 578 32.28 11.44 -9.50
CA LEU A 578 32.13 11.97 -10.85
C LEU A 578 32.18 10.85 -11.88
N HIS A 579 33.09 9.90 -11.69
CA HIS A 579 33.16 8.76 -12.60
C HIS A 579 31.85 7.99 -12.63
N ILE A 580 31.30 7.69 -11.45
CA ILE A 580 30.04 6.95 -11.38
C ILE A 580 28.92 7.73 -12.04
N GLN A 581 28.84 9.04 -11.78
CA GLN A 581 27.80 9.86 -12.39
C GLN A 581 27.90 9.84 -13.91
N THR A 582 29.12 9.98 -14.44
CA THR A 582 29.30 9.97 -15.88
C THR A 582 28.86 8.64 -16.48
N HIS A 583 29.28 7.53 -15.86
CA HIS A 583 28.91 6.22 -16.38
C HIS A 583 27.41 6.03 -16.36
N GLU A 584 26.75 6.40 -15.25
CA GLU A 584 25.31 6.22 -15.14
C GLU A 584 24.58 7.10 -16.14
N LYS A 585 25.05 8.34 -16.34
CA LYS A 585 24.41 9.21 -17.31
C LYS A 585 24.51 8.64 -18.72
N PHE A 586 25.68 8.12 -19.09
CA PHE A 586 25.82 7.48 -20.39
C PHE A 586 24.85 6.32 -20.52
N ILE A 587 24.79 5.47 -19.48
CA ILE A 587 23.91 4.31 -19.51
C ILE A 587 22.47 4.74 -19.73
N ARG A 588 21.99 5.71 -18.95
CA ARG A 588 20.61 6.15 -19.09
C ARG A 588 20.36 6.75 -20.47
N ASP A 589 21.27 7.59 -20.94
CA ASP A 589 21.09 8.25 -22.23
C ASP A 589 20.97 7.23 -23.36
N SER A 590 21.85 6.22 -23.35
CA SER A 590 21.76 5.18 -24.37
C SER A 590 20.78 4.07 -24.01
N GLN A 591 20.20 4.09 -22.81
CA GLN A 591 19.27 3.02 -22.43
C GLN A 591 18.02 3.01 -23.28
N GLU A 592 17.43 4.18 -23.56
CA GLU A 592 16.16 4.27 -24.25
C GLU A 592 16.33 4.99 -25.58
N LYS A 593 15.31 4.88 -26.41
CA LYS A 593 15.28 5.56 -27.71
C LYS A 593 13.86 5.62 -28.26
N GLU A 601 -6.97 -3.86 -36.84
CA GLU A 601 -7.77 -2.70 -36.42
C GLU A 601 -9.26 -3.02 -36.52
N ASN A 602 -10.08 -2.17 -35.92
CA ASN A 602 -11.53 -2.38 -35.86
C ASN A 602 -11.86 -3.74 -35.24
N LYS A 603 -11.03 -4.17 -34.30
CA LYS A 603 -11.17 -5.49 -33.71
C LYS A 603 -12.43 -5.56 -32.84
N LYS A 604 -12.69 -6.76 -32.32
CA LYS A 604 -13.92 -7.03 -31.59
C LYS A 604 -13.65 -7.13 -30.10
N LEU A 605 -14.62 -6.70 -29.30
CA LEU A 605 -14.57 -6.81 -27.85
C LEU A 605 -15.85 -7.50 -27.39
N LEU A 606 -15.71 -8.52 -26.55
CA LEU A 606 -16.82 -9.37 -26.15
C LEU A 606 -16.83 -9.58 -24.65
N CYS A 607 -18.01 -9.91 -24.12
CA CYS A 607 -18.18 -10.08 -22.68
C CYS A 607 -17.32 -11.23 -22.16
N ARG A 608 -16.61 -10.99 -21.05
CA ARG A 608 -15.71 -12.01 -20.52
C ARG A 608 -16.46 -13.22 -19.95
N LYS A 609 -17.73 -13.07 -19.60
CA LYS A 609 -18.46 -14.16 -18.96
C LYS A 609 -19.42 -14.89 -19.87
N CYS A 610 -20.01 -14.22 -20.86
CA CYS A 610 -20.94 -14.86 -21.78
C CYS A 610 -20.52 -14.79 -23.24
N LYS A 611 -19.38 -14.17 -23.54
CA LYS A 611 -18.81 -14.14 -24.89
C LYS A 611 -19.74 -13.46 -25.90
N ALA A 612 -20.63 -12.59 -25.42
CA ALA A 612 -21.49 -11.82 -26.31
C ALA A 612 -20.69 -10.69 -26.96
N LEU A 613 -20.99 -10.41 -28.22
CA LEU A 613 -20.26 -9.39 -28.97
C LEU A 613 -20.61 -8.03 -28.39
N ALA A 614 -19.69 -7.46 -27.60
CA ALA A 614 -19.97 -6.19 -26.94
C ALA A 614 -19.88 -5.03 -27.92
N CYS A 615 -18.71 -4.85 -28.53
CA CYS A 615 -18.53 -3.69 -29.41
C CYS A 615 -17.28 -3.89 -30.27
N TYR A 616 -16.86 -2.83 -30.96
CA TYR A 616 -15.65 -2.80 -31.75
C TYR A 616 -14.88 -1.54 -31.41
N THR A 617 -13.55 -1.63 -31.51
CA THR A 617 -12.70 -0.48 -31.19
C THR A 617 -12.86 0.66 -32.20
N ALA A 618 -13.51 0.42 -33.34
CA ALA A 618 -13.75 1.48 -34.30
C ALA A 618 -14.86 2.43 -33.86
N ASP A 619 -15.57 2.11 -32.78
CA ASP A 619 -16.68 2.93 -32.31
C ASP A 619 -16.41 3.57 -30.96
N VAL A 620 -15.20 3.47 -30.44
CA VAL A 620 -14.85 3.98 -29.13
C VAL A 620 -14.14 5.32 -29.29
N ARG A 621 -14.67 6.36 -28.63
CA ARG A 621 -14.09 7.69 -28.67
C ARG A 621 -13.71 8.12 -27.26
N VAL A 622 -12.42 8.45 -27.08
CA VAL A 622 -11.95 8.92 -25.79
C VAL A 622 -12.32 10.38 -25.59
N ILE A 623 -12.80 10.71 -24.39
CA ILE A 623 -13.11 12.07 -24.00
C ILE A 623 -12.12 12.51 -22.93
N GLU A 624 -11.63 13.75 -23.07
CA GLU A 624 -10.66 14.34 -22.15
C GLU A 624 -9.40 13.48 -22.03
N GLU A 625 -9.13 12.67 -23.06
CA GLU A 625 -7.94 11.81 -23.13
C GLU A 625 -7.91 10.78 -22.00
N CYS A 626 -8.94 10.74 -21.16
CA CYS A 626 -8.86 9.91 -19.96
C CYS A 626 -10.13 9.11 -19.65
N HIS A 627 -11.23 9.36 -20.35
CA HIS A 627 -12.39 8.48 -20.24
C HIS A 627 -12.71 7.86 -21.60
N TYR A 628 -13.23 6.63 -21.59
CA TYR A 628 -13.55 5.91 -22.80
C TYR A 628 -15.05 5.64 -22.86
N THR A 629 -15.66 5.91 -24.00
CA THR A 629 -17.07 5.66 -24.21
C THR A 629 -17.31 5.28 -25.67
N VAL A 630 -18.55 4.88 -25.96
CA VAL A 630 -18.95 4.46 -27.29
C VAL A 630 -20.34 5.03 -27.57
N LEU A 631 -20.56 5.47 -28.81
CA LEU A 631 -21.87 5.95 -29.24
C LEU A 631 -22.43 4.99 -30.26
N GLY A 632 -23.76 5.01 -30.40
CA GLY A 632 -24.43 4.13 -31.33
C GLY A 632 -25.51 3.31 -30.67
N ASP A 633 -26.67 3.22 -31.32
CA ASP A 633 -27.79 2.49 -30.75
C ASP A 633 -27.50 1.00 -30.62
N ALA A 634 -26.57 0.48 -31.43
CA ALA A 634 -26.20 -0.92 -31.33
C ALA A 634 -25.70 -1.26 -29.94
N PHE A 635 -24.84 -0.41 -29.37
CA PHE A 635 -24.41 -0.61 -27.99
C PHE A 635 -25.56 -0.37 -27.00
N LYS A 636 -26.52 0.46 -27.39
CA LYS A 636 -27.62 0.80 -26.48
C LYS A 636 -28.58 -0.37 -26.28
N GLU A 637 -28.45 -1.44 -27.05
CA GLU A 637 -29.21 -2.67 -26.83
C GLU A 637 -28.39 -3.75 -26.13
N CYS A 638 -27.07 -3.75 -26.32
CA CYS A 638 -26.22 -4.83 -25.83
C CYS A 638 -26.10 -4.84 -24.30
N PHE A 639 -26.58 -3.82 -23.61
CA PHE A 639 -26.53 -3.76 -22.16
C PHE A 639 -27.90 -3.42 -21.61
N VAL A 640 -28.00 -3.43 -20.28
CA VAL A 640 -29.19 -2.97 -19.59
C VAL A 640 -28.77 -2.39 -18.24
N SER A 641 -29.32 -1.23 -17.89
CA SER A 641 -29.01 -0.61 -16.62
C SER A 641 -29.77 -1.31 -15.50
N ARG A 642 -29.53 -0.85 -14.27
CA ARG A 642 -30.38 -1.45 -13.26
C ARG A 642 -31.37 -0.42 -12.74
N PRO A 643 -32.62 -0.82 -12.46
CA PRO A 643 -33.65 0.16 -12.08
C PRO A 643 -33.28 0.97 -10.86
N HIS A 644 -33.00 0.28 -9.75
CA HIS A 644 -32.45 0.89 -8.55
C HIS A 644 -31.01 0.40 -8.42
N PRO A 645 -30.04 1.11 -8.98
CA PRO A 645 -28.66 0.62 -8.95
C PRO A 645 -28.15 0.50 -7.52
N LYS A 646 -27.27 -0.47 -7.32
CA LYS A 646 -26.72 -0.73 -5.99
C LYS A 646 -26.12 0.51 -5.31
N PRO A 647 -25.38 1.38 -5.99
CA PRO A 647 -24.96 2.63 -5.32
C PRO A 647 -26.12 3.47 -4.83
N LYS A 648 -27.26 3.42 -5.51
CA LYS A 648 -28.44 4.17 -5.08
C LYS A 648 -29.50 3.23 -4.49
N LYS A 655 -23.55 6.61 -6.75
CA LYS A 655 -24.92 7.06 -6.66
C LYS A 655 -25.50 7.29 -8.06
N ARG A 656 -24.96 6.57 -9.04
CA ARG A 656 -25.39 6.67 -10.42
C ARG A 656 -25.56 5.28 -11.01
N ALA A 657 -26.40 5.18 -12.02
CA ALA A 657 -26.73 3.88 -12.62
C ALA A 657 -25.47 3.20 -13.14
N LYS A 658 -25.39 1.88 -12.91
CA LYS A 658 -24.30 1.07 -13.40
C LYS A 658 -24.71 0.32 -14.66
N ILE A 659 -23.74 -0.26 -15.33
CA ILE A 659 -23.95 -1.02 -16.55
C ILE A 659 -23.89 -2.50 -16.23
N PHE A 660 -24.62 -3.29 -17.00
CA PHE A 660 -24.67 -4.74 -16.81
C PHE A 660 -24.93 -5.42 -18.14
N CYS A 661 -24.58 -6.70 -18.21
CA CYS A 661 -24.79 -7.46 -19.43
C CYS A 661 -26.29 -7.62 -19.71
N ALA A 662 -26.66 -7.56 -20.98
CA ALA A 662 -28.07 -7.53 -21.36
C ALA A 662 -28.78 -8.83 -21.01
N ARG A 663 -28.22 -9.97 -21.42
CA ARG A 663 -28.88 -11.25 -21.20
C ARG A 663 -29.02 -11.54 -19.70
N GLN A 664 -30.21 -11.99 -19.32
CA GLN A 664 -30.45 -12.37 -17.93
C GLN A 664 -29.54 -13.51 -17.50
N ASN A 665 -29.08 -14.34 -18.44
CA ASN A 665 -28.11 -15.38 -18.12
C ASN A 665 -26.82 -14.78 -17.58
N CYS A 666 -26.36 -13.68 -18.17
CA CYS A 666 -25.11 -13.03 -17.80
C CYS A 666 -25.41 -11.75 -17.04
N SER A 667 -25.17 -11.77 -15.73
CA SER A 667 -25.24 -10.57 -14.90
C SER A 667 -23.80 -10.13 -14.63
N HIS A 668 -23.24 -9.38 -15.58
CA HIS A 668 -21.84 -8.97 -15.54
C HIS A 668 -21.77 -7.46 -15.68
N ASP A 669 -21.09 -6.81 -14.75
CA ASP A 669 -21.01 -5.35 -14.71
C ASP A 669 -19.91 -4.86 -15.65
N TRP A 670 -20.31 -4.13 -16.69
CA TRP A 670 -19.35 -3.60 -17.65
C TRP A 670 -18.76 -2.28 -17.16
N GLY A 671 -19.60 -1.26 -17.00
CA GLY A 671 -19.13 0.08 -16.69
C GLY A 671 -20.10 0.84 -15.82
N ILE A 672 -20.20 2.15 -16.05
CA ILE A 672 -21.00 3.03 -15.22
C ILE A 672 -21.36 4.27 -16.02
N HIS A 673 -22.56 4.79 -15.77
CA HIS A 673 -22.98 6.06 -16.34
C HIS A 673 -22.24 7.23 -15.68
N VAL A 674 -22.05 8.30 -16.46
CA VAL A 674 -21.48 9.54 -15.96
C VAL A 674 -21.88 10.65 -16.93
N LYS A 675 -21.94 11.88 -16.42
CA LYS A 675 -22.34 13.00 -17.25
C LYS A 675 -21.17 13.94 -17.48
N TYR A 676 -20.81 14.11 -18.75
CA TYR A 676 -19.98 15.22 -19.18
C TYR A 676 -20.81 16.50 -19.12
N LYS A 677 -20.13 17.64 -19.30
CA LYS A 677 -20.68 18.97 -19.00
C LYS A 677 -22.17 19.08 -19.27
N THR A 678 -22.63 18.57 -20.42
CA THR A 678 -24.04 18.62 -20.78
C THR A 678 -24.67 17.25 -20.98
N PHE A 679 -23.89 16.21 -21.26
CA PHE A 679 -24.44 14.96 -21.81
C PHE A 679 -24.21 13.79 -20.87
N GLU A 680 -25.27 13.03 -20.61
CA GLU A 680 -25.14 11.77 -19.88
C GLU A 680 -24.74 10.65 -20.82
N ILE A 681 -23.62 9.99 -20.54
CA ILE A 681 -23.12 8.91 -21.39
C ILE A 681 -22.60 7.79 -20.51
N PRO A 682 -22.65 6.56 -21.03
CA PRO A 682 -22.03 5.44 -20.32
C PRO A 682 -20.58 5.23 -20.73
N VAL A 683 -19.78 4.83 -19.75
CA VAL A 683 -18.37 4.54 -19.98
C VAL A 683 -18.10 3.10 -19.55
N ILE A 684 -17.18 2.45 -20.26
CA ILE A 684 -16.85 1.06 -20.02
C ILE A 684 -15.40 0.95 -19.60
N LYS A 685 -15.08 -0.20 -19.00
CA LYS A 685 -13.72 -0.50 -18.55
C LYS A 685 -13.21 -1.71 -19.32
N ILE A 686 -11.96 -1.63 -19.79
CA ILE A 686 -11.34 -2.71 -20.55
C ILE A 686 -11.30 -3.96 -19.70
N GLU A 687 -11.41 -3.79 -18.37
CA GLU A 687 -11.43 -4.90 -17.43
C GLU A 687 -12.66 -5.79 -17.61
N SER A 688 -13.57 -5.46 -18.52
CA SER A 688 -14.82 -6.19 -18.67
C SER A 688 -14.84 -7.11 -19.89
N PHE A 689 -13.97 -6.90 -20.88
CA PHE A 689 -14.09 -7.61 -22.15
C PHE A 689 -12.85 -8.44 -22.45
N VAL A 690 -13.02 -9.32 -23.43
CA VAL A 690 -11.93 -10.02 -24.11
C VAL A 690 -11.84 -9.45 -25.52
N VAL A 691 -10.61 -9.20 -25.97
CA VAL A 691 -10.36 -8.67 -27.30
C VAL A 691 -10.12 -9.83 -28.25
N GLU A 692 -10.68 -9.72 -29.46
CA GLU A 692 -10.57 -10.75 -30.48
C GLU A 692 -10.30 -10.08 -31.82
N ASP A 693 -9.38 -10.67 -32.58
CA ASP A 693 -9.03 -10.14 -33.89
C ASP A 693 -10.20 -10.27 -34.84
N ILE A 694 -10.34 -9.26 -35.71
CA ILE A 694 -11.41 -9.31 -36.71
C ILE A 694 -11.01 -10.22 -37.87
N ALA A 695 -9.71 -10.43 -38.08
CA ALA A 695 -9.23 -11.29 -39.15
C ALA A 695 -9.08 -12.74 -38.68
N THR A 696 -8.32 -12.95 -37.62
CA THR A 696 -8.09 -14.30 -37.07
C THR A 696 -8.90 -14.48 -35.81
N GLY A 697 -8.93 -15.72 -35.33
CA GLY A 697 -9.64 -16.10 -34.13
C GLY A 697 -8.84 -15.98 -32.84
N VAL A 698 -7.72 -15.27 -32.86
CA VAL A 698 -6.88 -15.17 -31.67
C VAL A 698 -7.51 -14.23 -30.65
N GLN A 699 -7.12 -14.43 -29.38
CA GLN A 699 -7.57 -13.58 -28.30
C GLN A 699 -6.41 -13.29 -27.36
N THR A 700 -6.52 -12.15 -26.66
CA THR A 700 -5.68 -11.85 -25.52
C THR A 700 -6.56 -11.22 -24.46
N LEU A 701 -5.97 -10.97 -23.29
CA LEU A 701 -6.65 -10.26 -22.22
C LEU A 701 -5.85 -9.02 -21.87
N TYR A 702 -6.53 -7.89 -21.76
CA TYR A 702 -5.91 -6.62 -21.41
C TYR A 702 -6.47 -6.17 -20.08
N SER A 703 -5.57 -5.92 -19.12
CA SER A 703 -5.96 -5.51 -17.80
C SER A 703 -5.88 -4.00 -17.61
N LYS A 704 -5.42 -3.27 -18.62
CA LYS A 704 -5.07 -1.88 -18.41
C LYS A 704 -5.00 -1.25 -19.79
N TRP A 705 -5.63 -0.10 -20.00
CA TRP A 705 -5.74 0.45 -21.35
C TRP A 705 -4.38 0.78 -21.97
N LYS A 706 -3.33 0.97 -21.18
CA LYS A 706 -2.04 1.32 -21.76
C LYS A 706 -1.54 0.23 -22.69
N ASP A 707 -1.79 -1.04 -22.34
CA ASP A 707 -1.33 -2.13 -23.17
C ASP A 707 -2.09 -2.18 -24.49
N PHE A 708 -3.39 -1.89 -24.47
CA PHE A 708 -4.19 -1.93 -25.69
C PHE A 708 -3.70 -0.86 -26.66
N HIS A 709 -3.56 -1.24 -27.92
CA HIS A 709 -3.07 -0.35 -28.96
C HIS A 709 -4.07 -0.31 -30.11
N PHE A 710 -4.49 0.89 -30.48
CA PHE A 710 -5.57 1.08 -31.45
C PHE A 710 -5.50 2.52 -31.97
N GLU A 711 -6.55 2.94 -32.68
CA GLU A 711 -6.66 4.31 -33.16
C GLU A 711 -7.45 5.11 -32.14
N LYS A 712 -6.72 5.72 -31.20
CA LYS A 712 -7.35 6.55 -30.18
C LYS A 712 -7.91 7.81 -30.83
N ILE A 713 -9.22 7.98 -30.76
CA ILE A 713 -9.88 9.09 -31.45
C ILE A 713 -10.64 9.94 -30.45
N PRO A 714 -10.66 11.26 -30.61
CA PRO A 714 -11.34 12.13 -29.64
C PRO A 714 -12.86 12.03 -29.72
N PHE A 715 -13.54 12.84 -28.93
CA PHE A 715 -15.00 12.85 -28.89
C PHE A 715 -15.60 13.20 -30.24
N GLN B 8 2.41 -17.77 64.89
CA GLN B 8 1.49 -18.87 65.15
C GLN B 8 0.30 -18.82 64.20
N TRP B 9 -0.29 -17.63 64.08
CA TRP B 9 -1.43 -17.43 63.19
C TRP B 9 -1.10 -17.66 61.72
N ALA B 10 0.18 -17.66 61.37
CA ALA B 10 0.58 -17.82 59.98
C ALA B 10 0.20 -19.19 59.45
N ILE B 11 -0.26 -19.21 58.20
CA ILE B 11 -0.53 -20.44 57.50
C ILE B 11 0.62 -20.71 56.54
N HIS B 12 0.63 -21.91 55.96
CA HIS B 12 1.70 -22.36 55.06
C HIS B 12 1.08 -22.52 53.68
N PRO B 13 0.80 -21.42 52.99
CA PRO B 13 -0.03 -21.49 51.78
C PRO B 13 0.72 -22.07 50.59
N THR B 14 -0.04 -22.32 49.53
CA THR B 14 0.50 -22.85 48.28
C THR B 14 -0.38 -22.35 47.14
N PHE B 15 0.21 -22.28 45.95
CA PHE B 15 -0.54 -21.82 44.79
C PHE B 15 -1.56 -22.87 44.37
N ASN B 16 -2.55 -22.42 43.59
CA ASN B 16 -3.50 -23.31 42.94
C ASN B 16 -3.13 -23.44 41.47
N LEU B 17 -3.38 -24.63 40.91
CA LEU B 17 -3.07 -24.91 39.52
C LEU B 17 -4.28 -24.78 38.61
N LYS B 18 -5.39 -24.24 39.11
CA LYS B 18 -6.58 -24.05 38.29
C LYS B 18 -6.70 -22.63 37.73
N SER B 19 -6.05 -21.66 38.37
CA SER B 19 -6.11 -20.27 37.95
C SER B 19 -4.79 -19.78 37.37
N LEU B 20 -3.96 -20.69 36.88
CA LEU B 20 -2.68 -20.31 36.30
C LEU B 20 -2.87 -19.67 34.93
N SER B 21 -2.06 -18.66 34.64
CA SER B 21 -2.11 -17.96 33.36
C SER B 21 -1.20 -18.65 32.36
N CYS B 22 -1.66 -18.73 31.11
CA CYS B 22 -0.91 -19.46 30.09
C CYS B 22 0.50 -18.91 29.92
N SER B 23 0.70 -17.61 30.13
CA SER B 23 2.04 -17.03 30.02
C SER B 23 2.89 -17.34 31.24
N LEU B 24 2.28 -17.52 32.40
CA LEU B 24 3.01 -17.70 33.65
C LEU B 24 3.13 -19.18 33.97
N GLU B 25 4.28 -19.58 34.48
CA GLU B 25 4.59 -20.98 34.77
C GLU B 25 4.83 -21.18 36.26
N VAL B 26 4.59 -22.41 36.71
CA VAL B 26 4.73 -22.78 38.11
C VAL B 26 5.64 -24.00 38.19
N SER B 27 6.44 -24.07 39.25
CA SER B 27 7.32 -25.20 39.45
C SER B 27 6.56 -26.39 40.03
N LYS B 28 7.20 -27.55 40.01
CA LYS B 28 6.58 -28.76 40.52
C LYS B 28 6.29 -28.64 42.02
N ASP B 29 7.20 -28.02 42.76
CA ASP B 29 6.99 -27.83 44.19
C ASP B 29 5.81 -26.90 44.47
N SER B 30 5.38 -26.11 43.49
CA SER B 30 4.29 -25.15 43.64
C SER B 30 4.59 -24.07 44.67
N ARG B 31 5.87 -23.83 44.95
CA ARG B 31 6.29 -22.72 45.80
C ARG B 31 6.90 -21.60 44.99
N THR B 32 6.98 -21.75 43.67
CA THR B 32 7.61 -20.81 42.76
C THR B 32 6.66 -20.47 41.63
N VAL B 33 6.56 -19.20 41.28
CA VAL B 33 5.91 -18.80 40.04
C VAL B 33 6.91 -17.97 39.25
N THR B 34 6.77 -17.97 37.92
CA THR B 34 7.71 -17.27 37.07
C THR B 34 7.03 -16.99 35.74
N VAL B 35 7.72 -16.21 34.90
CA VAL B 35 7.21 -15.81 33.59
C VAL B 35 7.93 -16.64 32.54
N SER B 36 7.16 -17.42 31.78
CA SER B 36 7.73 -18.26 30.75
C SER B 36 8.14 -17.44 29.53
N HIS B 37 9.11 -17.98 28.78
CA HIS B 37 9.52 -17.32 27.54
C HIS B 37 8.43 -17.41 26.48
N ARG B 38 7.72 -18.54 26.44
CA ARG B 38 6.72 -18.84 25.43
C ARG B 38 5.43 -19.25 26.11
N PRO B 39 4.29 -19.10 25.45
CA PRO B 39 3.01 -19.45 26.08
C PRO B 39 2.93 -20.93 26.42
N GLN B 40 2.28 -21.21 27.54
CA GLN B 40 2.05 -22.59 27.96
C GLN B 40 0.61 -22.96 27.63
N PRO B 41 0.37 -23.86 26.68
CA PRO B 41 -1.01 -24.20 26.32
C PRO B 41 -1.70 -24.93 27.46
N TYR B 42 -2.91 -24.48 27.78
CA TYR B 42 -3.66 -24.98 28.92
C TYR B 42 -5.12 -25.13 28.53
N ARG B 43 -5.88 -25.73 29.45
CA ARG B 43 -7.31 -25.93 29.22
C ARG B 43 -8.03 -24.60 29.10
N TRP B 44 -8.93 -24.50 28.13
CA TRP B 44 -9.79 -23.33 28.01
C TRP B 44 -10.95 -23.47 28.98
N SER B 45 -11.12 -22.47 29.84
CA SER B 45 -12.17 -22.51 30.86
C SER B 45 -12.60 -21.10 31.18
N CYS B 46 -13.80 -20.99 31.76
CA CYS B 46 -14.26 -19.70 32.27
C CYS B 46 -13.44 -19.22 33.45
N GLU B 47 -12.69 -20.12 34.09
CA GLU B 47 -11.85 -19.73 35.22
C GLU B 47 -10.59 -18.99 34.78
N ARG B 48 -10.07 -19.32 33.60
CA ARG B 48 -8.78 -18.81 33.16
C ARG B 48 -8.77 -17.28 33.16
N PHE B 49 -7.72 -16.70 33.73
CA PHE B 49 -7.61 -15.25 33.80
C PHE B 49 -7.48 -14.63 32.41
N SER B 50 -6.73 -15.27 31.51
CA SER B 50 -6.26 -14.66 30.27
C SER B 50 -5.42 -13.43 30.54
N THR B 51 -4.75 -13.40 31.69
CA THR B 51 -3.90 -12.31 32.11
C THR B 51 -3.05 -12.79 33.29
N SER B 52 -1.93 -12.10 33.50
CA SER B 52 -0.82 -12.65 34.28
C SER B 52 -1.00 -12.42 35.79
N GLN B 53 -2.04 -13.03 36.36
CA GLN B 53 -2.13 -13.12 37.81
C GLN B 53 -2.70 -14.47 38.22
N VAL B 54 -2.46 -14.84 39.48
CA VAL B 54 -2.81 -16.14 40.02
C VAL B 54 -3.35 -15.94 41.43
N LEU B 55 -3.95 -16.99 41.97
CA LEU B 55 -4.52 -16.99 43.31
C LEU B 55 -3.93 -18.12 44.13
N CYS B 56 -3.82 -17.90 45.44
CA CYS B 56 -3.38 -18.97 46.33
C CYS B 56 -4.46 -20.04 46.44
N SER B 57 -4.01 -21.29 46.59
CA SER B 57 -4.96 -22.41 46.65
C SER B 57 -5.82 -22.34 47.89
N GLN B 58 -5.22 -22.04 49.04
CA GLN B 58 -5.95 -22.08 50.30
C GLN B 58 -7.01 -20.98 50.36
N ALA B 59 -8.20 -21.35 50.79
CA ALA B 59 -9.28 -20.40 51.03
C ALA B 59 -9.20 -19.89 52.47
N LEU B 60 -9.66 -18.66 52.67
CA LEU B 60 -9.56 -18.00 53.96
C LEU B 60 -10.91 -17.40 54.34
N SER B 61 -11.57 -18.01 55.30
CA SER B 61 -12.87 -17.52 55.78
C SER B 61 -12.74 -16.86 57.15
N LYS B 64 -7.14 -14.34 60.95
CA LYS B 64 -6.11 -14.85 61.85
C LYS B 64 -5.06 -15.65 61.08
N HIS B 65 -4.71 -15.17 59.89
CA HIS B 65 -3.80 -15.88 59.00
C HIS B 65 -2.76 -14.92 58.45
N TYR B 66 -1.51 -15.39 58.38
CA TYR B 66 -0.38 -14.56 57.98
C TYR B 66 0.45 -15.31 56.94
N TRP B 67 0.87 -14.60 55.90
CA TRP B 67 1.67 -15.19 54.84
C TRP B 67 2.48 -14.10 54.15
N GLU B 68 3.73 -14.39 53.82
CA GLU B 68 4.62 -13.37 53.29
C GLU B 68 5.38 -13.87 52.07
N VAL B 69 5.65 -12.93 51.16
CA VAL B 69 6.22 -13.19 49.84
C VAL B 69 7.42 -12.26 49.69
N ASP B 70 8.36 -12.64 48.83
CA ASP B 70 9.48 -11.74 48.56
C ASP B 70 9.27 -11.02 47.23
N THR B 71 9.74 -9.78 47.16
CA THR B 71 9.70 -9.00 45.93
C THR B 71 11.06 -8.94 45.25
N ARG B 72 12.09 -9.56 45.82
CA ARG B 72 13.35 -9.73 45.11
C ARG B 72 13.12 -10.53 43.84
N ASN B 73 13.74 -10.09 42.75
CA ASN B 73 13.53 -10.69 41.43
C ASN B 73 12.06 -10.65 41.04
N SER B 75 10.16 -7.69 39.47
CA SER B 75 10.30 -6.51 38.61
C SER B 75 9.14 -5.54 38.81
N HIS B 76 7.95 -5.98 38.42
CA HIS B 76 6.71 -5.23 38.65
C HIS B 76 5.66 -6.21 39.15
N TRP B 77 5.09 -5.92 40.32
CA TRP B 77 4.30 -6.91 41.03
C TRP B 77 3.16 -6.22 41.76
N ALA B 78 2.11 -7.01 42.05
CA ALA B 78 1.01 -6.58 42.90
C ALA B 78 0.59 -7.78 43.75
N VAL B 79 0.38 -7.53 45.04
CA VAL B 79 -0.02 -8.56 45.98
C VAL B 79 -1.20 -8.04 46.80
N GLY B 80 -2.23 -8.86 46.96
CA GLY B 80 -3.37 -8.42 47.72
C GLY B 80 -4.33 -9.55 48.02
N VAL B 81 -5.58 -9.18 48.26
CA VAL B 81 -6.63 -10.11 48.63
C VAL B 81 -7.78 -9.97 47.64
N ALA B 82 -8.42 -11.09 47.31
CA ALA B 82 -9.51 -11.07 46.35
C ALA B 82 -10.47 -12.22 46.63
N SER B 83 -11.75 -11.98 46.33
CA SER B 83 -12.78 -13.00 46.49
C SER B 83 -12.88 -13.86 45.24
N TRP B 84 -13.58 -14.99 45.38
CA TRP B 84 -13.81 -15.86 44.23
C TRP B 84 -14.80 -15.22 43.24
N GLU B 85 -15.75 -14.45 43.73
CA GLU B 85 -16.77 -13.85 42.87
C GLU B 85 -16.22 -12.72 41.99
N MET B 86 -14.93 -12.46 41.99
CA MET B 86 -14.35 -11.45 41.13
C MET B 86 -14.45 -11.88 39.66
N SER B 87 -14.53 -10.89 38.77
CA SER B 87 -14.55 -11.18 37.35
C SER B 87 -13.18 -11.68 36.90
N ARG B 88 -13.19 -12.75 36.10
CA ARG B 88 -11.93 -13.34 35.66
C ARG B 88 -11.15 -12.39 34.75
N ASP B 89 -11.84 -11.72 33.82
CA ASP B 89 -11.18 -10.81 32.89
C ASP B 89 -10.91 -9.44 33.50
N GLN B 90 -11.44 -9.15 34.69
CA GLN B 90 -11.22 -7.86 35.31
C GLN B 90 -9.78 -7.73 35.80
N VAL B 91 -9.32 -6.49 35.90
CA VAL B 91 -7.96 -6.24 36.35
C VAL B 91 -7.88 -6.31 37.87
N LEU B 92 -6.80 -6.92 38.37
CA LEU B 92 -6.62 -7.11 39.79
C LEU B 92 -6.48 -5.78 40.51
N GLY B 93 -7.10 -5.66 41.69
CA GLY B 93 -6.94 -4.51 42.54
C GLY B 93 -7.83 -3.33 42.22
N ARG B 94 -8.62 -3.38 41.14
CA ARG B 94 -9.48 -2.27 40.78
C ARG B 94 -10.96 -2.59 40.92
N THR B 95 -11.31 -3.87 41.09
CA THR B 95 -12.70 -4.26 41.23
C THR B 95 -13.11 -4.25 42.70
N MET B 96 -14.35 -4.64 42.97
CA MET B 96 -14.88 -4.58 44.33
C MET B 96 -14.21 -5.59 45.24
N ASP B 97 -14.05 -6.83 44.77
CA ASP B 97 -13.62 -7.93 45.63
C ASP B 97 -12.14 -7.87 45.99
N SER B 98 -11.35 -7.00 45.37
CA SER B 98 -9.90 -7.03 45.51
C SER B 98 -9.39 -5.78 46.19
N CYS B 99 -8.35 -5.95 47.02
CA CYS B 99 -7.62 -4.86 47.62
C CYS B 99 -6.15 -5.26 47.67
N CYS B 100 -5.28 -4.46 47.06
CA CYS B 100 -3.91 -4.90 46.84
C CYS B 100 -2.95 -3.73 46.94
N VAL B 101 -1.65 -4.07 46.95
CA VAL B 101 -0.55 -3.13 46.91
C VAL B 101 0.34 -3.51 45.73
N GLU B 102 0.69 -2.52 44.91
CA GLU B 102 1.40 -2.74 43.67
C GLU B 102 2.59 -1.79 43.57
N TRP B 103 3.67 -2.28 42.97
CA TRP B 103 4.86 -1.47 42.70
C TRP B 103 4.77 -1.02 41.25
N LYS B 104 4.21 0.17 41.05
CA LYS B 104 3.83 0.62 39.72
C LYS B 104 5.05 1.02 38.90
N GLY B 105 4.83 1.23 37.60
CA GLY B 105 5.90 1.52 36.65
C GLY B 105 6.61 2.83 36.89
N THR B 106 6.05 3.71 37.73
CA THR B 106 6.71 4.96 38.09
C THR B 106 7.67 4.79 39.26
N SER B 107 8.13 3.56 39.51
CA SER B 107 9.05 3.26 40.60
C SER B 107 8.46 3.68 41.95
N GLN B 108 7.18 3.41 42.14
CA GLN B 108 6.50 3.77 43.38
C GLN B 108 5.63 2.62 43.84
N LEU B 109 5.44 2.54 45.16
CA LEU B 109 4.55 1.57 45.78
C LEU B 109 3.24 2.25 46.14
N SER B 110 2.13 1.53 45.94
CA SER B 110 0.83 2.12 46.20
C SER B 110 -0.14 1.03 46.65
N ALA B 111 -1.19 1.46 47.34
CA ALA B 111 -2.30 0.60 47.71
C ALA B 111 -3.54 1.07 46.98
N TRP B 112 -4.24 0.14 46.34
CA TRP B 112 -5.38 0.47 45.50
C TRP B 112 -6.69 0.06 46.17
N HIS B 113 -7.63 1.00 46.21
CA HIS B 113 -8.99 0.78 46.70
C HIS B 113 -9.93 1.02 45.52
N MET B 114 -11.24 0.84 45.76
CA MET B 114 -12.25 0.64 44.72
C MET B 114 -11.95 1.37 43.41
N VAL B 115 -11.63 2.65 43.48
CA VAL B 115 -11.20 3.39 42.30
C VAL B 115 -9.94 4.18 42.64
N LYS B 116 -9.62 4.27 43.93
CA LYS B 116 -8.58 5.18 44.41
C LYS B 116 -7.23 4.48 44.49
N GLU B 117 -6.19 5.30 44.58
CA GLU B 117 -4.80 4.81 44.66
C GLU B 117 -4.04 5.70 45.62
N THR B 118 -3.62 5.15 46.76
CA THR B 118 -2.82 5.86 47.74
C THR B 118 -1.37 5.42 47.57
N VAL B 119 -0.53 6.32 47.05
CA VAL B 119 0.87 6.02 46.76
C VAL B 119 1.74 6.51 47.91
N LEU B 120 2.78 5.75 48.22
CA LEU B 120 3.73 6.15 49.26
C LEU B 120 5.14 5.74 48.86
N ARG B 124 10.73 2.91 47.71
CA ARG B 124 11.56 1.86 48.30
C ARG B 124 10.76 0.58 48.52
N PRO B 125 10.86 -0.35 47.57
CA PRO B 125 10.15 -1.62 47.70
C PRO B 125 10.86 -2.55 48.68
N GLY B 126 10.22 -3.68 48.94
CA GLY B 126 10.81 -4.64 49.86
C GLY B 126 10.01 -5.92 49.91
N VAL B 127 10.54 -6.88 50.67
CA VAL B 127 9.85 -8.15 50.89
C VAL B 127 8.64 -7.92 51.78
N VAL B 128 7.49 -8.44 51.34
CA VAL B 128 6.22 -8.02 51.93
C VAL B 128 5.55 -9.19 52.62
N GLY B 129 4.60 -8.85 53.47
CA GLY B 129 3.82 -9.84 54.20
C GLY B 129 2.42 -9.33 54.44
N ILE B 130 1.47 -10.26 54.56
CA ILE B 130 0.07 -9.95 54.75
C ILE B 130 -0.43 -10.68 55.98
N TRP B 131 -1.04 -9.94 56.90
CA TRP B 131 -1.65 -10.52 58.09
C TRP B 131 -3.10 -10.09 58.13
N LEU B 132 -4.01 -11.06 58.19
CA LEU B 132 -5.44 -10.80 58.13
C LEU B 132 -6.11 -11.38 59.36
N ASN B 133 -7.15 -10.70 59.81
CA ASN B 133 -8.03 -11.25 60.85
C ASN B 133 -9.48 -10.91 60.53
N LEU B 134 -10.18 -11.89 59.96
CA LEU B 134 -11.56 -11.68 59.53
C LEU B 134 -12.49 -11.46 60.72
N GLU B 135 -12.21 -12.10 61.87
CA GLU B 135 -13.03 -11.86 63.05
C GLU B 135 -12.95 -10.41 63.50
N GLU B 136 -11.75 -9.83 63.47
CA GLU B 136 -11.59 -8.39 63.63
C GLU B 136 -11.70 -7.66 62.29
N GLY B 137 -11.67 -8.38 61.18
CA GLY B 137 -11.83 -7.78 59.87
C GLY B 137 -10.78 -6.75 59.51
N LYS B 138 -9.52 -7.02 59.87
CA LYS B 138 -8.44 -6.09 59.61
C LYS B 138 -7.42 -6.72 58.68
N LEU B 139 -6.90 -5.91 57.76
CA LEU B 139 -5.89 -6.29 56.79
C LEU B 139 -4.64 -5.46 57.03
N ALA B 140 -3.48 -6.12 57.15
CA ALA B 140 -2.24 -5.42 57.42
C ALA B 140 -1.16 -5.89 56.45
N PHE B 141 -0.44 -4.93 55.89
CA PHE B 141 0.70 -5.19 55.01
C PHE B 141 1.98 -4.78 55.70
N TYR B 142 3.02 -5.58 55.52
CA TYR B 142 4.29 -5.42 56.22
C TYR B 142 5.45 -5.51 55.24
N SER B 143 6.55 -4.87 55.61
CA SER B 143 7.82 -4.98 54.91
C SER B 143 8.87 -5.48 55.89
N VAL B 144 9.61 -6.50 55.49
CA VAL B 144 10.65 -7.08 56.35
C VAL B 144 11.98 -6.43 56.01
N ASP B 145 12.69 -5.95 57.03
CA ASP B 145 13.97 -5.29 56.84
C ASP B 145 15.05 -5.88 57.74
N GLU B 148 11.46 -5.26 61.42
CA GLU B 148 10.76 -5.15 60.14
C GLU B 148 10.16 -3.76 59.97
N LYS B 149 9.19 -3.65 59.07
CA LYS B 149 8.54 -2.39 58.77
C LYS B 149 7.07 -2.63 58.50
N LEU B 150 6.30 -1.54 58.52
CA LEU B 150 4.85 -1.57 58.34
C LEU B 150 4.46 -0.87 57.04
N LEU B 151 3.43 -1.40 56.39
CA LEU B 151 2.80 -0.77 55.23
C LEU B 151 1.38 -0.34 55.60
N TYR B 152 0.65 0.13 54.59
CA TYR B 152 -0.69 0.65 54.81
C TYR B 152 -1.61 -0.45 55.35
N GLU B 153 -2.38 -0.11 56.38
CA GLU B 153 -3.30 -1.03 57.04
C GLU B 153 -4.73 -0.56 56.84
N CYS B 154 -5.65 -1.50 56.66
CA CYS B 154 -7.04 -1.17 56.37
C CYS B 154 -7.96 -2.07 57.19
N THR B 155 -9.24 -1.69 57.22
CA THR B 155 -10.27 -2.43 57.95
C THR B 155 -11.28 -2.96 56.92
N ILE B 156 -11.03 -4.16 56.42
CA ILE B 156 -11.88 -4.78 55.41
C ILE B 156 -12.20 -6.20 55.85
N SER B 157 -13.49 -6.53 55.87
CA SER B 157 -13.96 -7.89 56.15
C SER B 157 -14.94 -8.29 55.06
N ALA B 158 -14.74 -9.46 54.47
CA ALA B 158 -15.54 -9.93 53.35
C ALA B 158 -16.42 -11.10 53.79
N SER B 159 -17.66 -11.10 53.31
CA SER B 159 -18.57 -12.20 53.61
C SER B 159 -18.09 -13.51 52.99
N SER B 160 -17.78 -13.48 51.69
CA SER B 160 -17.25 -14.62 50.97
C SER B 160 -15.79 -14.85 51.37
N PRO B 161 -15.35 -16.10 51.53
CA PRO B 161 -13.95 -16.33 51.90
C PRO B 161 -13.01 -15.95 50.78
N LEU B 162 -11.84 -15.47 51.16
CA LEU B 162 -10.93 -14.78 50.24
C LEU B 162 -9.71 -15.65 49.94
N TYR B 163 -8.93 -15.18 48.95
CA TYR B 163 -7.68 -15.80 48.56
C TYR B 163 -6.65 -14.72 48.32
N PRO B 164 -5.39 -14.98 48.64
CA PRO B 164 -4.32 -14.08 48.18
C PRO B 164 -4.26 -14.05 46.66
N ALA B 165 -4.16 -12.86 46.10
CA ALA B 165 -4.12 -12.64 44.66
C ALA B 165 -2.81 -11.95 44.30
N PHE B 166 -2.08 -12.53 43.36
CA PHE B 166 -0.74 -12.08 43.01
C PHE B 166 -0.68 -11.84 41.51
N TRP B 167 -0.35 -10.62 41.10
CA TRP B 167 -0.15 -10.29 39.70
C TRP B 167 1.32 -10.03 39.45
N LEU B 168 1.87 -10.65 38.41
CA LEU B 168 3.28 -10.50 38.05
C LEU B 168 3.37 -9.80 36.71
N TYR B 169 4.48 -9.10 36.48
CA TYR B 169 4.70 -8.43 35.20
C TYR B 169 4.83 -9.50 34.12
N GLY B 170 4.09 -9.37 33.03
CA GLY B 170 3.98 -10.44 32.07
C GLY B 170 4.89 -10.37 30.86
N LEU B 171 5.85 -9.45 30.81
CA LEU B 171 6.69 -9.29 29.63
C LEU B 171 8.18 -9.30 29.92
N HIS B 172 8.59 -9.43 31.18
CA HIS B 172 10.00 -9.41 31.54
C HIS B 172 10.43 -10.82 31.90
N PRO B 173 10.91 -11.61 30.93
CA PRO B 173 11.26 -13.00 31.22
C PRO B 173 12.38 -13.10 32.23
N GLY B 174 12.36 -14.17 33.02
CA GLY B 174 13.28 -14.34 34.11
C GLY B 174 12.88 -13.65 35.40
N ASN B 175 11.64 -13.17 35.49
CA ASN B 175 11.12 -12.55 36.70
C ASN B 175 10.25 -13.57 37.42
N TYR B 176 10.65 -13.94 38.63
CA TYR B 176 9.95 -14.97 39.38
C TYR B 176 9.57 -14.44 40.75
N LEU B 177 8.53 -15.05 41.33
CA LEU B 177 8.02 -14.70 42.64
C LEU B 177 7.99 -15.96 43.50
N ILE B 178 8.49 -15.86 44.73
CA ILE B 178 8.40 -16.94 45.70
C ILE B 178 7.77 -16.40 46.98
N ILE B 179 6.76 -17.12 47.45
CA ILE B 179 6.26 -16.93 48.79
C ILE B 179 7.26 -17.53 49.76
N LYS B 180 7.71 -16.75 50.72
CA LYS B 180 8.73 -17.21 51.66
C LYS B 180 8.05 -17.72 52.91
N GLN B 181 8.54 -18.85 53.42
CA GLN B 181 7.88 -19.58 54.49
C GLN B 181 8.73 -19.45 55.76
N VAL B 182 8.48 -18.37 56.51
CA VAL B 182 9.17 -18.21 57.78
C VAL B 182 8.52 -19.10 58.84
N LYS B 183 9.24 -19.29 59.94
CA LYS B 183 8.78 -20.13 61.04
C LYS B 183 8.90 -19.36 62.35
N VAL B 184 8.09 -19.77 63.32
CA VAL B 184 8.09 -19.15 64.64
C VAL B 184 9.16 -19.79 65.51
N SER C 36 -22.59 70.35 -21.68
CA SER C 36 -21.98 71.35 -22.54
C SER C 36 -20.51 71.67 -22.20
N PRO C 37 -20.19 71.94 -20.92
CA PRO C 37 -18.80 72.27 -20.59
C PRO C 37 -17.83 71.11 -20.74
N PHE C 38 -18.33 69.88 -20.88
CA PHE C 38 -17.44 68.73 -21.01
C PHE C 38 -16.77 68.74 -22.39
N LYS C 39 -15.44 68.74 -22.40
CA LYS C 39 -14.68 68.72 -23.63
C LYS C 39 -14.23 67.30 -23.92
N PRO C 40 -14.65 66.71 -25.04
CA PRO C 40 -14.24 65.33 -25.35
C PRO C 40 -12.73 65.19 -25.43
N ARG C 41 -12.22 64.17 -24.75
CA ARG C 41 -10.79 63.85 -24.82
C ARG C 41 -10.53 62.86 -25.95
N ASN C 42 -9.25 62.72 -26.31
CA ASN C 42 -8.85 61.96 -27.49
C ASN C 42 -9.22 60.49 -27.34
N TYR C 43 -8.91 59.90 -26.18
CA TYR C 43 -9.10 58.47 -26.01
C TYR C 43 -10.57 58.08 -26.09
N GLN C 44 -11.47 59.00 -25.74
CA GLN C 44 -12.89 58.75 -25.89
C GLN C 44 -13.26 58.58 -27.36
N LEU C 45 -12.74 59.46 -28.22
CA LEU C 45 -12.97 59.30 -29.65
C LEU C 45 -12.38 58.01 -30.16
N GLU C 46 -11.17 57.66 -29.70
CA GLU C 46 -10.55 56.40 -30.12
C GLU C 46 -11.42 55.21 -29.75
N LEU C 47 -11.92 55.17 -28.52
CA LEU C 47 -12.80 54.08 -28.11
C LEU C 47 -14.10 54.10 -28.90
N ALA C 48 -14.62 55.28 -29.20
CA ALA C 48 -15.90 55.38 -29.89
C ALA C 48 -15.82 54.86 -31.32
N LEU C 49 -14.68 55.07 -31.99
CA LEU C 49 -14.53 54.80 -33.43
C LEU C 49 -15.20 53.51 -33.91
N PRO C 50 -14.84 52.32 -33.39
CA PRO C 50 -15.44 51.09 -33.95
C PRO C 50 -16.95 51.04 -33.79
N ALA C 51 -17.46 51.50 -32.65
CA ALA C 51 -18.91 51.56 -32.47
C ALA C 51 -19.55 52.56 -33.44
N MET C 52 -18.90 53.73 -33.64
CA MET C 52 -19.37 54.68 -34.62
C MET C 52 -19.50 54.05 -36.00
N LYS C 53 -18.56 53.17 -36.36
CA LYS C 53 -18.64 52.49 -37.65
C LYS C 53 -19.91 51.64 -37.76
N GLY C 54 -20.25 50.92 -36.70
CA GLY C 54 -21.51 50.19 -36.65
C GLY C 54 -21.39 48.69 -36.46
N LYS C 55 -20.33 48.25 -35.80
CA LYS C 55 -20.18 46.86 -35.42
C LYS C 55 -20.48 46.69 -33.94
N ASN C 56 -21.01 45.52 -33.59
CA ASN C 56 -21.28 45.20 -32.19
C ASN C 56 -19.97 45.04 -31.45
N THR C 57 -19.74 45.85 -30.43
CA THR C 57 -18.40 45.98 -29.87
C THR C 57 -18.43 45.92 -28.35
N ILE C 58 -17.26 45.59 -27.79
CA ILE C 58 -17.00 45.63 -26.36
C ILE C 58 -15.92 46.66 -26.11
N ILE C 59 -16.10 47.48 -25.07
CA ILE C 59 -15.15 48.49 -24.68
C ILE C 59 -14.55 48.08 -23.34
N CYS C 60 -13.22 48.00 -23.28
CA CYS C 60 -12.50 47.63 -22.07
C CYS C 60 -11.54 48.75 -21.72
N ALA C 61 -11.84 49.47 -20.63
CA ALA C 61 -11.06 50.61 -20.21
C ALA C 61 -10.91 50.60 -18.70
N PRO C 62 -9.84 51.18 -18.17
CA PRO C 62 -9.68 51.23 -16.71
C PRO C 62 -10.76 52.08 -16.06
N THR C 63 -10.99 51.81 -14.78
CA THR C 63 -12.04 52.50 -14.04
C THR C 63 -11.76 54.00 -13.97
N GLY C 64 -12.81 54.79 -14.14
CA GLY C 64 -12.73 56.24 -14.00
C GLY C 64 -12.40 57.01 -15.26
N CYS C 65 -12.16 56.34 -16.38
CA CYS C 65 -11.80 57.05 -17.60
C CYS C 65 -12.97 57.79 -18.21
N GLY C 66 -14.20 57.56 -17.74
CA GLY C 66 -15.35 58.24 -18.29
C GLY C 66 -16.02 57.50 -19.43
N LYS C 67 -16.22 56.19 -19.27
CA LYS C 67 -16.92 55.42 -20.29
C LYS C 67 -18.36 55.90 -20.49
N THR C 68 -18.96 56.51 -19.46
CA THR C 68 -20.30 57.05 -19.60
C THR C 68 -20.35 58.13 -20.69
N PHE C 69 -19.35 59.01 -20.72
CA PHE C 69 -19.31 60.01 -21.77
C PHE C 69 -19.12 59.37 -23.14
N VAL C 70 -18.35 58.28 -23.19
CA VAL C 70 -18.18 57.54 -24.44
C VAL C 70 -19.54 57.02 -24.93
N SER C 71 -20.31 56.46 -24.01
CA SER C 71 -21.66 56.02 -24.35
C SER C 71 -22.51 57.18 -24.83
N LEU C 72 -22.41 58.34 -24.16
CA LEU C 72 -23.11 59.54 -24.61
C LEU C 72 -22.79 59.84 -26.07
N LEU C 73 -21.51 59.89 -26.40
CA LEU C 73 -21.10 60.27 -27.75
C LEU C 73 -21.56 59.25 -28.77
N ILE C 74 -21.41 57.95 -28.45
CA ILE C 74 -21.84 56.92 -29.39
C ILE C 74 -23.34 57.00 -29.63
N CYS C 75 -24.12 57.17 -28.56
CA CYS C 75 -25.56 57.27 -28.71
C CYS C 75 -25.95 58.49 -29.54
N GLU C 76 -25.32 59.64 -29.28
CA GLU C 76 -25.65 60.84 -30.03
C GLU C 76 -25.34 60.67 -31.51
N HIS C 77 -24.15 60.17 -31.83
CA HIS C 77 -23.77 60.00 -33.23
C HIS C 77 -24.68 58.99 -33.92
N HIS C 78 -25.00 57.89 -33.25
CA HIS C 78 -25.86 56.88 -33.85
C HIS C 78 -27.26 57.41 -34.11
N LEU C 79 -27.81 58.16 -33.14
CA LEU C 79 -29.18 58.64 -33.30
C LEU C 79 -29.27 59.73 -34.36
N LYS C 80 -28.30 60.65 -34.39
CA LYS C 80 -28.33 61.73 -35.37
C LYS C 80 -28.13 61.24 -36.80
N LYS C 81 -27.63 60.02 -36.98
CA LYS C 81 -27.32 59.53 -38.32
C LYS C 81 -28.56 59.30 -39.17
N PHE C 82 -29.68 58.96 -38.53
CA PHE C 82 -30.87 58.55 -39.27
C PHE C 82 -31.42 59.69 -40.13
N PRO C 83 -32.00 59.37 -41.27
CA PRO C 83 -32.59 60.41 -42.13
C PRO C 83 -33.95 60.86 -41.61
N GLN C 84 -34.46 61.93 -42.21
CA GLN C 84 -35.75 62.48 -41.82
C GLN C 84 -36.87 61.47 -42.09
N GLY C 85 -37.87 61.49 -41.21
CA GLY C 85 -38.98 60.56 -41.29
C GLY C 85 -38.73 59.21 -40.64
N GLN C 86 -37.50 58.90 -40.26
CA GLN C 86 -37.16 57.65 -39.60
C GLN C 86 -36.42 57.95 -38.30
N LYS C 87 -36.75 57.20 -37.27
CA LYS C 87 -36.14 57.38 -35.95
C LYS C 87 -35.88 56.02 -35.32
N GLY C 88 -34.94 56.01 -34.37
CA GLY C 88 -34.57 54.79 -33.68
C GLY C 88 -34.58 55.00 -32.18
N LYS C 89 -34.55 53.87 -31.47
CA LYS C 89 -34.64 53.87 -30.02
C LYS C 89 -33.32 53.44 -29.40
N VAL C 90 -33.13 53.80 -28.13
CA VAL C 90 -31.93 53.49 -27.38
C VAL C 90 -32.33 52.95 -26.03
N VAL C 91 -31.66 51.87 -25.60
CA VAL C 91 -31.96 51.19 -24.35
C VAL C 91 -30.70 51.14 -23.51
N PHE C 92 -30.85 51.40 -22.21
CA PHE C 92 -29.70 51.39 -21.32
C PHE C 92 -30.06 50.73 -20.00
N PHE C 93 -29.31 49.70 -19.63
CA PHE C 93 -29.56 48.92 -18.42
C PHE C 93 -28.61 49.31 -17.29
N ALA C 94 -28.89 48.73 -16.12
CA ALA C 94 -28.07 48.88 -14.92
C ALA C 94 -28.58 47.87 -13.90
N ASN C 95 -27.68 47.39 -13.03
CA ASN C 95 -28.05 46.34 -12.11
C ASN C 95 -28.66 46.89 -10.82
N GLN C 96 -27.98 47.82 -10.18
CA GLN C 96 -28.39 48.33 -8.88
C GLN C 96 -29.13 49.66 -9.02
N ILE C 97 -30.03 49.90 -8.08
CA ILE C 97 -30.93 51.06 -8.19
C ILE C 97 -30.16 52.40 -8.16
N PRO C 98 -29.23 52.65 -7.26
CA PRO C 98 -28.53 53.95 -7.28
C PRO C 98 -27.81 54.21 -8.60
N VAL C 99 -27.21 53.17 -9.19
CA VAL C 99 -26.59 53.33 -10.49
C VAL C 99 -27.63 53.72 -11.53
N TYR C 100 -28.78 53.03 -11.51
CA TYR C 100 -29.89 53.40 -12.37
C TYR C 100 -30.25 54.88 -12.23
N GLU C 101 -30.37 55.36 -11.01
CA GLU C 101 -30.78 56.73 -10.78
C GLU C 101 -29.75 57.71 -11.34
N GLN C 102 -28.46 57.47 -11.05
CA GLN C 102 -27.45 58.42 -11.51
C GLN C 102 -27.31 58.40 -13.03
N GLN C 103 -27.41 57.22 -13.66
CA GLN C 103 -27.35 57.19 -15.12
C GLN C 103 -28.54 57.92 -15.72
N LYS C 104 -29.75 57.72 -15.16
CA LYS C 104 -30.91 58.45 -15.65
C LYS C 104 -30.71 59.96 -15.55
N SER C 105 -30.18 60.42 -14.41
CA SER C 105 -29.95 61.84 -14.23
C SER C 105 -28.95 62.37 -15.24
N VAL C 106 -27.87 61.62 -15.48
CA VAL C 106 -26.85 62.07 -16.42
C VAL C 106 -27.42 62.18 -17.82
N PHE C 107 -28.16 61.15 -18.27
CA PHE C 107 -28.75 61.20 -19.59
C PHE C 107 -29.74 62.35 -19.72
N SER C 108 -30.58 62.54 -18.69
CA SER C 108 -31.57 63.61 -18.73
C SER C 108 -30.91 64.97 -18.84
N LYS C 109 -29.85 65.21 -18.06
CA LYS C 109 -29.19 66.50 -18.13
C LYS C 109 -28.49 66.71 -19.47
N TYR C 110 -27.88 65.66 -20.03
CA TYR C 110 -27.17 65.86 -21.28
C TYR C 110 -28.12 66.09 -22.46
N PHE C 111 -29.14 65.24 -22.61
CA PHE C 111 -29.93 65.26 -23.83
C PHE C 111 -31.15 66.18 -23.76
N GLU C 112 -31.23 67.06 -22.77
CA GLU C 112 -32.36 67.99 -22.73
C GLU C 112 -32.31 69.00 -23.87
N ARG C 113 -31.09 69.42 -24.26
CA ARG C 113 -30.97 70.54 -25.19
C ARG C 113 -31.32 70.13 -26.62
N HIS C 114 -31.02 68.89 -27.01
CA HIS C 114 -31.36 68.46 -28.36
C HIS C 114 -32.86 68.21 -28.50
N GLY C 115 -33.57 68.11 -27.38
CA GLY C 115 -35.00 67.90 -27.40
C GLY C 115 -35.45 66.46 -27.45
N TYR C 116 -34.51 65.51 -27.46
CA TYR C 116 -34.87 64.09 -27.41
C TYR C 116 -35.55 63.80 -26.07
N ARG C 117 -36.58 62.96 -26.10
CA ARG C 117 -37.30 62.63 -24.86
C ARG C 117 -36.76 61.34 -24.27
N VAL C 118 -36.26 61.41 -23.05
CA VAL C 118 -35.76 60.25 -22.33
C VAL C 118 -36.78 59.86 -21.27
N THR C 119 -36.65 58.63 -20.78
CA THR C 119 -37.50 58.16 -19.68
C THR C 119 -36.87 56.93 -19.07
N GLY C 120 -37.43 56.52 -17.93
CA GLY C 120 -36.92 55.36 -17.22
C GLY C 120 -38.05 54.53 -16.64
N ILE C 121 -37.74 53.26 -16.41
CA ILE C 121 -38.63 52.33 -15.73
C ILE C 121 -37.81 51.60 -14.68
N SER C 122 -38.47 51.18 -13.60
CA SER C 122 -37.79 50.52 -12.51
C SER C 122 -38.84 49.87 -11.62
N GLY C 123 -38.40 49.32 -10.48
CA GLY C 123 -39.35 48.83 -9.51
C GLY C 123 -40.01 49.96 -8.73
N ALA C 124 -39.46 51.17 -8.85
CA ALA C 124 -39.98 52.30 -8.09
C ALA C 124 -41.36 52.72 -8.60
N THR C 125 -41.51 52.86 -9.91
CA THR C 125 -42.74 53.37 -10.48
C THR C 125 -43.92 52.49 -10.11
N ALA C 126 -44.94 53.09 -9.49
CA ALA C 126 -46.13 52.39 -9.06
C ALA C 126 -47.30 52.75 -9.96
N GLU C 127 -48.19 51.79 -10.19
CA GLU C 127 -49.31 51.94 -11.11
C GLU C 127 -48.82 52.41 -12.49
N ASN C 128 -47.69 51.84 -12.92
CA ASN C 128 -47.03 52.29 -14.13
C ASN C 128 -47.94 52.19 -15.34
N VAL C 129 -47.90 53.23 -16.18
CA VAL C 129 -48.55 53.18 -17.49
C VAL C 129 -48.00 51.99 -18.25
N PRO C 130 -48.83 51.22 -18.98
CA PRO C 130 -48.30 50.02 -19.65
C PRO C 130 -47.15 50.35 -20.59
N VAL C 131 -46.08 49.55 -20.48
CA VAL C 131 -44.83 49.82 -21.17
C VAL C 131 -44.89 49.67 -22.68
N GLU C 132 -45.86 48.89 -23.18
CA GLU C 132 -45.98 48.56 -24.60
C GLU C 132 -45.86 49.79 -25.48
N GLN C 133 -46.18 50.96 -24.95
CA GLN C 133 -46.09 52.19 -25.71
C GLN C 133 -45.23 53.25 -25.05
N ILE C 134 -44.89 53.12 -23.76
CA ILE C 134 -43.93 54.04 -23.20
C ILE C 134 -42.58 53.75 -23.82
N VAL C 135 -42.41 52.57 -24.41
CA VAL C 135 -41.27 52.35 -25.29
C VAL C 135 -41.40 53.17 -26.57
N GLU C 136 -42.61 53.24 -27.14
CA GLU C 136 -42.77 53.91 -28.43
C GLU C 136 -42.72 55.42 -28.30
N ASN C 137 -43.15 55.95 -27.16
CA ASN C 137 -43.31 57.41 -27.04
C ASN C 137 -41.96 58.11 -26.95
N ASN C 138 -40.98 57.48 -26.32
CA ASN C 138 -39.73 58.13 -25.97
C ASN C 138 -38.60 57.63 -26.87
N ASP C 139 -37.48 58.36 -26.83
CA ASP C 139 -36.31 57.94 -27.61
C ASP C 139 -35.38 57.08 -26.79
N ILE C 140 -34.92 57.59 -25.64
CA ILE C 140 -33.98 56.88 -24.77
C ILE C 140 -34.76 56.32 -23.60
N ILE C 141 -34.55 55.03 -23.32
CA ILE C 141 -35.26 54.34 -22.25
C ILE C 141 -34.23 53.69 -21.34
N ILE C 142 -34.35 53.94 -20.04
CA ILE C 142 -33.47 53.38 -19.02
C ILE C 142 -34.25 52.30 -18.28
N LEU C 143 -33.61 51.15 -18.05
CA LEU C 143 -34.30 50.04 -17.41
C LEU C 143 -33.37 49.30 -16.47
N THR C 144 -33.95 48.31 -15.81
CA THR C 144 -33.27 47.25 -15.10
C THR C 144 -33.66 45.94 -15.77
N PRO C 145 -32.70 45.09 -16.15
CA PRO C 145 -32.99 44.02 -17.13
C PRO C 145 -34.14 43.11 -16.73
N GLN C 146 -34.41 42.95 -15.43
CA GLN C 146 -35.52 42.09 -15.03
C GLN C 146 -36.84 42.57 -15.61
N ILE C 147 -37.03 43.88 -15.75
CA ILE C 147 -38.26 44.40 -16.35
C ILE C 147 -38.41 43.91 -17.78
N LEU C 148 -37.33 44.04 -18.57
CA LEU C 148 -37.37 43.63 -19.96
C LEU C 148 -37.59 42.13 -20.08
N VAL C 149 -36.94 41.34 -19.22
CA VAL C 149 -37.12 39.90 -19.24
C VAL C 149 -38.56 39.54 -18.91
N ASN C 150 -39.14 40.20 -17.89
CA ASN C 150 -40.52 39.97 -17.53
C ASN C 150 -41.45 40.24 -18.71
N ASN C 151 -41.27 41.39 -19.36
CA ASN C 151 -42.15 41.76 -20.46
C ASN C 151 -41.99 40.80 -21.63
N LEU C 152 -40.74 40.40 -21.93
CA LEU C 152 -40.52 39.47 -23.03
C LEU C 152 -41.17 38.12 -22.75
N LYS C 153 -41.03 37.61 -21.53
CA LYS C 153 -41.64 36.32 -21.19
C LYS C 153 -43.17 36.41 -21.25
N LYS C 154 -43.73 37.51 -20.75
CA LYS C 154 -45.19 37.67 -20.83
C LYS C 154 -45.62 37.89 -22.27
N GLY C 155 -44.82 38.62 -23.06
CA GLY C 155 -45.09 38.83 -24.45
C GLY C 155 -45.70 40.15 -24.84
N THR C 156 -45.82 41.09 -23.90
CA THR C 156 -46.38 42.40 -24.23
C THR C 156 -45.53 43.11 -25.28
N ILE C 157 -44.20 43.10 -25.10
CA ILE C 157 -43.30 43.60 -26.13
C ILE C 157 -43.10 42.48 -27.14
N PRO C 158 -43.48 42.67 -28.41
CA PRO C 158 -43.42 41.56 -29.37
C PRO C 158 -42.02 41.04 -29.61
N SER C 159 -41.09 41.90 -30.01
CA SER C 159 -39.77 41.44 -30.40
C SER C 159 -38.77 42.56 -30.16
N LEU C 160 -37.49 42.18 -30.09
CA LEU C 160 -36.40 43.12 -29.84
C LEU C 160 -36.15 44.06 -31.02
N SER C 161 -36.74 43.79 -32.19
CA SER C 161 -36.49 44.59 -33.38
C SER C 161 -37.02 46.02 -33.25
N ILE C 162 -37.85 46.31 -32.25
CA ILE C 162 -38.31 47.68 -32.03
C ILE C 162 -37.13 48.61 -31.74
N PHE C 163 -36.03 48.06 -31.25
CA PHE C 163 -34.86 48.84 -30.90
C PHE C 163 -33.82 48.76 -32.00
N THR C 164 -32.87 49.70 -31.94
CA THR C 164 -31.74 49.72 -32.86
C THR C 164 -30.38 49.75 -32.18
N LEU C 165 -30.31 50.14 -30.91
CA LEU C 165 -29.04 50.14 -30.19
C LEU C 165 -29.26 49.68 -28.76
N MET C 166 -28.50 48.68 -28.33
CA MET C 166 -28.56 48.18 -26.96
C MET C 166 -27.22 48.41 -26.29
N ILE C 167 -27.22 49.15 -25.18
CA ILE C 167 -26.02 49.46 -24.43
C ILE C 167 -26.05 48.66 -23.13
N PHE C 168 -24.98 47.93 -22.86
CA PHE C 168 -24.88 47.10 -21.68
C PHE C 168 -23.77 47.63 -20.79
N ASP C 169 -24.15 48.29 -19.69
CA ASP C 169 -23.20 48.74 -18.71
C ASP C 169 -22.79 47.58 -17.82
N GLU C 170 -21.55 47.62 -17.34
CA GLU C 170 -20.97 46.56 -16.51
C GLU C 170 -21.17 45.20 -17.18
N CYS C 171 -20.75 45.11 -18.44
CA CYS C 171 -21.12 44.00 -19.31
C CYS C 171 -20.48 42.68 -18.91
N HIS C 172 -19.56 42.67 -17.95
CA HIS C 172 -18.88 41.44 -17.57
C HIS C 172 -19.80 40.41 -16.93
N ASN C 173 -21.03 40.79 -16.59
CA ASN C 173 -21.95 39.89 -15.90
C ASN C 173 -22.71 38.97 -16.85
N THR C 174 -22.49 39.08 -18.16
CA THR C 174 -23.16 38.22 -19.12
C THR C 174 -22.63 36.79 -18.99
N SER C 175 -23.36 35.98 -18.23
CA SER C 175 -22.91 34.65 -17.87
C SER C 175 -24.12 33.78 -17.58
N LYS C 176 -23.87 32.63 -16.94
CA LYS C 176 -24.69 31.42 -16.98
C LYS C 176 -26.19 31.77 -17.00
N GLN C 177 -26.72 32.44 -15.99
CA GLN C 177 -28.15 32.71 -15.92
C GLN C 177 -28.48 34.16 -15.57
N HIS C 178 -27.50 35.06 -15.68
CA HIS C 178 -27.75 36.45 -15.38
C HIS C 178 -28.70 37.03 -16.44
N PRO C 179 -29.60 37.94 -16.05
CA PRO C 179 -30.63 38.40 -17.00
C PRO C 179 -30.06 38.97 -18.29
N TYR C 180 -28.90 39.63 -18.24
CA TYR C 180 -28.24 40.07 -19.46
C TYR C 180 -28.11 38.92 -20.45
N ASN C 181 -27.64 37.77 -19.96
CA ASN C 181 -27.46 36.61 -20.82
C ASN C 181 -28.77 36.06 -21.34
N MET C 182 -29.86 36.18 -20.59
CA MET C 182 -31.16 35.74 -21.12
C MET C 182 -31.63 36.67 -22.23
N ILE C 183 -31.40 37.96 -22.09
CA ILE C 183 -31.70 38.90 -23.17
C ILE C 183 -30.90 38.52 -24.41
N MET C 184 -29.60 38.27 -24.23
CA MET C 184 -28.78 37.81 -25.34
C MET C 184 -29.24 36.47 -25.89
N PHE C 185 -29.80 35.61 -25.03
CA PHE C 185 -30.30 34.33 -25.53
C PHE C 185 -31.46 34.55 -26.47
N ASN C 186 -32.38 35.45 -26.12
CA ASN C 186 -33.46 35.82 -27.05
C ASN C 186 -32.88 36.39 -28.34
N TYR C 187 -31.91 37.30 -28.21
CA TYR C 187 -31.29 37.92 -29.37
C TYR C 187 -30.69 36.89 -30.31
N LEU C 188 -29.89 35.98 -29.78
CA LEU C 188 -29.18 35.01 -30.62
C LEU C 188 -30.14 33.97 -31.17
N ASP C 189 -31.10 33.51 -30.37
CA ASP C 189 -32.10 32.58 -30.88
C ASP C 189 -32.90 33.19 -32.02
N GLN C 190 -33.12 34.51 -31.98
CA GLN C 190 -33.78 35.15 -33.12
C GLN C 190 -32.85 35.22 -34.32
N LYS C 191 -31.58 35.60 -34.10
CA LYS C 191 -30.69 35.81 -35.24
C LYS C 191 -30.38 34.51 -35.97
N LEU C 192 -30.02 33.46 -35.23
CA LEU C 192 -29.57 32.23 -35.88
C LEU C 192 -30.69 31.54 -36.64
N GLY C 193 -31.94 31.81 -36.26
CA GLY C 193 -33.07 31.25 -36.97
C GLY C 193 -33.83 32.29 -37.78
N GLY C 194 -33.68 32.25 -39.09
CA GLY C 194 -34.36 33.19 -39.97
C GLY C 194 -33.91 34.62 -39.78
N GLY C 197 -36.27 39.37 -39.40
CA GLY C 197 -36.37 40.79 -39.08
C GLY C 197 -35.05 41.43 -38.73
N PRO C 198 -34.98 42.76 -38.84
CA PRO C 198 -33.74 43.46 -38.49
C PRO C 198 -33.43 43.35 -37.00
N LEU C 199 -32.15 43.46 -36.69
CA LEU C 199 -31.68 43.30 -35.32
C LEU C 199 -30.79 44.47 -34.93
N PRO C 200 -30.78 44.82 -33.64
CA PRO C 200 -30.09 46.04 -33.21
C PRO C 200 -28.60 45.85 -32.93
N GLN C 201 -27.87 46.94 -33.11
CA GLN C 201 -26.46 46.97 -32.74
C GLN C 201 -26.30 46.81 -31.24
N VAL C 202 -25.19 46.19 -30.82
CA VAL C 202 -24.95 45.88 -29.42
C VAL C 202 -23.61 46.47 -29.02
N ILE C 203 -23.63 47.28 -27.96
CA ILE C 203 -22.43 47.88 -27.39
C ILE C 203 -22.35 47.46 -25.93
N GLY C 204 -21.16 47.07 -25.49
CA GLY C 204 -20.94 46.72 -24.10
C GLY C 204 -19.79 47.52 -23.53
N LEU C 205 -19.91 47.85 -22.25
CA LEU C 205 -18.85 48.54 -21.52
C LEU C 205 -18.38 47.68 -20.37
N THR C 206 -17.09 47.76 -20.05
CA THR C 206 -16.57 47.05 -18.90
C THR C 206 -15.30 47.71 -18.42
N ALA C 207 -14.95 47.40 -17.17
CA ALA C 207 -13.65 47.74 -16.61
C ALA C 207 -12.78 46.52 -16.38
N SER C 208 -13.37 45.32 -16.35
CA SER C 208 -12.62 44.08 -16.22
C SER C 208 -13.50 42.97 -16.78
N VAL C 209 -13.06 42.37 -17.90
CA VAL C 209 -13.87 41.37 -18.56
C VAL C 209 -13.99 40.11 -17.72
N GLY C 210 -13.10 39.92 -16.77
CA GLY C 210 -13.16 38.74 -15.92
C GLY C 210 -12.33 37.62 -16.49
N VAL C 211 -11.68 36.86 -15.61
CA VAL C 211 -10.81 35.77 -16.04
C VAL C 211 -11.45 34.41 -15.81
N GLY C 212 -12.56 34.34 -15.09
CA GLY C 212 -13.15 33.05 -14.80
C GLY C 212 -12.27 32.26 -13.85
N ASP C 213 -11.93 31.03 -14.25
CA ASP C 213 -11.10 30.15 -13.44
C ASP C 213 -9.90 29.63 -14.20
N ALA C 214 -9.22 30.49 -14.95
CA ALA C 214 -8.07 30.06 -15.74
C ALA C 214 -6.89 29.70 -14.85
N LYS C 215 -6.10 28.72 -15.28
CA LYS C 215 -4.83 28.37 -14.65
C LYS C 215 -3.66 28.71 -15.55
N ASN C 216 -3.91 29.20 -16.76
CA ASN C 216 -2.87 29.58 -17.70
C ASN C 216 -3.48 30.55 -18.71
N THR C 217 -2.62 31.19 -19.49
CA THR C 217 -3.08 32.19 -20.45
C THR C 217 -4.09 31.60 -21.44
N ASP C 218 -3.93 30.32 -21.80
CA ASP C 218 -4.82 29.71 -22.78
C ASP C 218 -6.27 29.70 -22.28
N GLU C 219 -6.49 29.31 -21.02
CA GLU C 219 -7.85 29.28 -20.52
C GLU C 219 -8.42 30.67 -20.34
N ALA C 220 -7.59 31.65 -20.01
CA ALA C 220 -8.08 33.03 -19.96
C ALA C 220 -8.53 33.48 -21.34
N LEU C 221 -7.77 33.14 -22.37
CA LEU C 221 -8.14 33.48 -23.74
C LEU C 221 -9.44 32.80 -24.13
N ASP C 222 -9.59 31.52 -23.74
CA ASP C 222 -10.84 30.80 -24.00
C ASP C 222 -12.01 31.47 -23.30
N TYR C 223 -11.83 31.88 -22.04
CA TYR C 223 -12.91 32.53 -21.31
C TYR C 223 -13.32 33.84 -21.97
N ILE C 224 -12.33 34.64 -22.39
CA ILE C 224 -12.65 35.92 -23.01
C ILE C 224 -13.32 35.71 -24.36
N CYS C 225 -12.88 34.71 -25.13
CA CYS C 225 -13.54 34.40 -26.39
C CYS C 225 -14.98 33.97 -26.16
N LYS C 226 -15.22 33.12 -25.16
CA LYS C 226 -16.58 32.68 -24.87
C LYS C 226 -17.46 33.84 -24.44
N LEU C 227 -16.91 34.75 -23.63
CA LEU C 227 -17.65 35.94 -23.23
C LEU C 227 -18.04 36.78 -24.44
N CYS C 228 -17.07 37.05 -25.33
CA CYS C 228 -17.37 37.83 -26.51
C CYS C 228 -18.41 37.15 -27.38
N ALA C 229 -18.34 35.82 -27.47
CA ALA C 229 -19.34 35.07 -28.22
C ALA C 229 -20.73 35.20 -27.59
N SER C 230 -20.78 35.21 -26.26
CA SER C 230 -22.06 35.19 -25.57
C SER C 230 -22.90 36.41 -25.89
N LEU C 231 -22.27 37.53 -26.26
CA LEU C 231 -23.00 38.76 -26.55
C LEU C 231 -22.80 39.23 -27.98
N ASP C 232 -22.21 38.41 -28.85
CA ASP C 232 -22.13 38.67 -30.29
C ASP C 232 -21.43 40.01 -30.56
N ALA C 233 -20.14 40.03 -30.21
CA ALA C 233 -19.29 41.18 -30.46
C ALA C 233 -18.12 40.74 -31.34
N SER C 234 -17.75 41.61 -32.28
CA SER C 234 -16.64 41.31 -33.19
C SER C 234 -15.37 42.05 -32.82
N VAL C 235 -15.47 43.17 -32.12
CA VAL C 235 -14.33 44.03 -31.84
C VAL C 235 -14.25 44.30 -30.34
N ILE C 236 -13.03 44.21 -29.81
CA ILE C 236 -12.71 44.63 -28.44
C ILE C 236 -11.83 45.86 -28.53
N ALA C 237 -12.26 46.95 -27.90
CA ALA C 237 -11.58 48.22 -28.00
C ALA C 237 -10.91 48.57 -26.68
N THR C 238 -9.61 48.82 -26.73
CA THR C 238 -8.82 49.26 -25.60
C THR C 238 -7.90 50.38 -26.06
N VAL C 239 -7.72 51.38 -25.22
CA VAL C 239 -6.93 52.56 -25.57
C VAL C 239 -5.45 52.20 -25.52
N LYS C 240 -4.76 52.46 -26.63
CA LYS C 240 -3.31 52.32 -26.70
C LYS C 240 -2.57 53.54 -27.25
N HIS C 241 -3.11 54.24 -28.24
CA HIS C 241 -2.38 55.33 -28.89
C HIS C 241 -2.18 56.50 -27.93
N ASN C 242 -3.22 56.87 -27.20
CA ASN C 242 -3.16 58.01 -26.27
C ASN C 242 -2.93 57.57 -24.83
N LEU C 243 -2.20 56.47 -24.63
CA LEU C 243 -1.94 55.94 -23.30
C LEU C 243 -1.37 56.99 -22.35
N GLU C 244 -0.29 57.66 -22.78
CA GLU C 244 0.35 58.65 -21.92
C GLU C 244 -0.66 59.67 -21.42
N GLU C 245 -1.55 60.14 -22.29
CA GLU C 245 -2.64 61.00 -21.85
C GLU C 245 -3.44 60.33 -20.73
N LEU C 246 -3.68 59.02 -20.85
CA LEU C 246 -4.42 58.31 -19.84
C LEU C 246 -3.73 58.37 -18.48
N GLU C 247 -2.39 58.25 -18.45
CA GLU C 247 -1.73 58.19 -17.14
C GLU C 247 -1.91 59.48 -16.33
N GLN C 248 -1.76 60.67 -16.94
CA GLN C 248 -2.03 61.85 -16.12
C GLN C 248 -3.49 62.22 -16.05
N VAL C 249 -4.35 61.67 -16.91
CA VAL C 249 -5.78 61.91 -16.74
C VAL C 249 -6.32 61.07 -15.58
N VAL C 250 -5.93 59.80 -15.51
CA VAL C 250 -6.49 58.85 -14.54
C VAL C 250 -5.39 58.44 -13.58
N TYR C 251 -5.66 58.57 -12.29
CA TYR C 251 -4.71 58.18 -11.25
C TYR C 251 -5.03 56.77 -10.77
N LYS C 252 -4.05 55.88 -10.84
CA LYS C 252 -4.24 54.52 -10.37
C LYS C 252 -4.18 54.48 -8.84
N PRO C 253 -5.19 53.96 -8.17
CA PRO C 253 -5.14 53.85 -6.71
C PRO C 253 -4.10 52.83 -6.26
N GLN C 254 -3.62 53.01 -5.04
CA GLN C 254 -2.60 52.16 -4.45
C GLN C 254 -3.24 51.19 -3.45
N LYS C 255 -2.59 50.04 -3.26
CA LYS C 255 -3.14 48.94 -2.48
C LYS C 255 -2.26 48.65 -1.27
N PHE C 256 -2.91 48.25 -0.16
CA PHE C 256 -2.19 47.89 1.05
C PHE C 256 -2.95 46.82 1.82
N PHE C 257 -2.19 46.08 2.63
CA PHE C 257 -2.70 44.97 3.42
C PHE C 257 -2.45 45.23 4.89
N ARG C 258 -3.36 44.78 5.75
CA ARG C 258 -3.22 44.89 7.20
C ARG C 258 -3.69 43.61 7.85
N LYS C 259 -2.73 42.79 8.28
CA LYS C 259 -2.99 41.58 9.05
C LYS C 259 -3.06 41.94 10.54
N VAL C 260 -4.11 41.47 11.21
CA VAL C 260 -4.29 41.72 12.64
C VAL C 260 -4.37 40.37 13.35
N GLU C 261 -3.53 40.19 14.37
CA GLU C 261 -3.58 38.99 15.17
C GLU C 261 -4.74 39.06 16.17
N SER C 262 -5.14 37.90 16.65
CA SER C 262 -6.21 37.79 17.64
C SER C 262 -5.61 37.63 19.02
N ARG C 263 -6.47 37.79 20.03
CA ARG C 263 -6.02 37.65 21.42
C ARG C 263 -5.82 36.18 21.77
N ILE C 264 -4.78 35.92 22.57
CA ILE C 264 -4.54 34.54 23.01
C ILE C 264 -5.58 34.12 24.03
N SER C 265 -5.97 35.02 24.93
CA SER C 265 -6.92 34.71 26.00
C SER C 265 -8.15 35.58 25.86
N ASP C 266 -9.30 34.95 25.68
CA ASP C 266 -10.58 35.64 25.59
C ASP C 266 -11.51 35.08 26.66
N LYS C 267 -11.86 35.91 27.64
CA LYS C 267 -12.72 35.46 28.72
C LYS C 267 -14.10 35.07 28.19
N PHE C 268 -14.69 35.94 27.36
CA PHE C 268 -16.01 35.66 26.81
C PHE C 268 -16.00 34.40 25.97
N LYS C 269 -14.99 34.24 25.12
CA LYS C 269 -14.87 33.04 24.31
C LYS C 269 -14.79 31.79 25.20
N TYR C 270 -13.97 31.86 26.25
CA TYR C 270 -13.80 30.71 27.13
C TYR C 270 -15.09 30.34 27.83
N ILE C 271 -15.80 31.34 28.37
CA ILE C 271 -17.00 31.04 29.14
C ILE C 271 -18.11 30.54 28.22
N ILE C 272 -18.26 31.15 27.04
CA ILE C 272 -19.27 30.67 26.11
C ILE C 272 -18.92 29.26 25.63
N ALA C 273 -17.63 28.96 25.45
CA ALA C 273 -17.22 27.61 25.08
C ALA C 273 -17.53 26.62 26.19
N GLN C 274 -17.37 27.03 27.45
CA GLN C 274 -17.75 26.17 28.56
C GLN C 274 -19.25 25.89 28.54
N LEU C 275 -20.06 26.91 28.26
CA LEU C 275 -21.49 26.70 28.08
C LEU C 275 -21.77 25.75 26.92
N MET C 276 -21.00 25.87 25.83
CA MET C 276 -21.11 24.94 24.72
C MET C 276 -20.88 23.51 25.17
N ARG C 277 -19.81 23.29 25.93
CA ARG C 277 -19.49 21.94 26.39
C ARG C 277 -20.61 21.40 27.28
N ASP C 278 -21.12 22.23 28.18
CA ASP C 278 -22.20 21.80 29.07
C ASP C 278 -23.45 21.44 28.27
N THR C 279 -23.89 22.34 27.38
CA THR C 279 -25.09 22.10 26.59
C THR C 279 -24.92 20.88 25.68
N GLU C 280 -23.72 20.70 25.12
CA GLU C 280 -23.45 19.52 24.30
C GLU C 280 -23.57 18.26 25.13
N SER C 281 -23.05 18.27 26.37
CA SER C 281 -23.19 17.09 27.23
C SER C 281 -24.66 16.81 27.53
N LEU C 282 -25.42 17.86 27.85
CA LEU C 282 -26.86 17.70 28.07
C LEU C 282 -27.53 17.06 26.87
N ALA C 283 -27.29 17.61 25.68
CA ALA C 283 -27.90 17.06 24.47
C ALA C 283 -27.47 15.61 24.24
N LYS C 284 -26.19 15.32 24.48
CA LYS C 284 -25.67 13.98 24.30
C LYS C 284 -26.38 12.98 25.19
N ARG C 285 -26.68 13.37 26.43
CA ARG C 285 -27.16 12.39 27.39
C ARG C 285 -28.52 11.81 26.99
N ILE C 286 -29.44 12.65 26.51
CA ILE C 286 -30.76 12.14 26.14
C ILE C 286 -30.67 11.22 24.95
N CYS C 287 -30.00 11.65 23.88
CA CYS C 287 -29.97 10.87 22.65
C CYS C 287 -29.06 9.65 22.81
N LYS C 288 -29.50 8.53 22.22
CA LYS C 288 -28.68 7.33 22.22
C LYS C 288 -27.37 7.55 21.47
N ASP C 289 -27.43 8.18 20.30
CA ASP C 289 -26.25 8.45 19.49
C ASP C 289 -26.52 9.75 18.75
N LEU C 290 -25.50 10.60 18.64
CA LEU C 290 -25.46 11.80 17.86
C LEU C 290 -24.09 12.17 17.14
N GLU C 291 -23.12 11.32 17.52
CA GLU C 291 -21.78 11.45 16.95
C GLU C 291 -21.93 10.89 15.55
N ASN C 292 -22.57 9.73 15.40
CA ASN C 292 -22.56 9.00 14.14
C ASN C 292 -23.54 9.54 13.11
N LEU C 293 -24.46 10.42 13.50
CA LEU C 293 -25.49 10.86 12.57
C LEU C 293 -24.93 11.69 11.43
N SER C 294 -23.92 12.51 11.69
CA SER C 294 -23.35 13.41 10.69
C SER C 294 -21.89 13.03 10.43
N GLN C 295 -21.53 12.93 9.16
CA GLN C 295 -20.16 12.57 8.79
C GLN C 295 -19.14 13.63 9.21
N ILE C 296 -19.59 14.85 9.50
CA ILE C 296 -18.68 15.91 9.90
C ILE C 296 -17.88 15.50 11.13
N GLN C 297 -16.61 15.90 11.16
CA GLN C 297 -15.69 15.50 12.21
C GLN C 297 -14.88 16.71 12.67
N ASN C 298 -14.45 16.65 13.94
CA ASN C 298 -13.59 17.67 14.53
C ASN C 298 -14.20 19.07 14.41
N ARG C 299 -15.45 19.18 14.86
CA ARG C 299 -16.18 20.43 14.73
C ARG C 299 -15.63 21.48 15.69
N GLU C 300 -15.13 22.59 15.13
CA GLU C 300 -14.74 23.72 15.95
C GLU C 300 -15.98 24.46 16.43
N PHE C 301 -15.76 25.48 17.28
CA PHE C 301 -16.88 26.14 17.93
C PHE C 301 -17.41 27.31 17.11
N GLY C 302 -16.53 28.16 16.59
CA GLY C 302 -16.95 29.36 15.90
C GLY C 302 -16.99 29.26 14.39
N THR C 303 -16.99 28.05 13.85
CA THR C 303 -16.94 27.83 12.42
C THR C 303 -18.32 27.59 11.83
N GLN C 304 -18.46 27.91 10.54
CA GLN C 304 -19.69 27.61 9.82
C GLN C 304 -19.91 26.11 9.68
N LYS C 305 -18.82 25.33 9.74
CA LYS C 305 -18.95 23.87 9.70
C LYS C 305 -19.76 23.38 10.89
N TYR C 306 -19.54 23.98 12.06
CA TYR C 306 -20.34 23.65 13.24
C TYR C 306 -21.82 23.98 13.00
N GLU C 307 -22.08 25.13 12.38
CA GLU C 307 -23.47 25.50 12.08
C GLU C 307 -24.11 24.49 11.14
N GLN C 308 -23.36 24.06 10.12
CA GLN C 308 -23.88 23.03 9.22
C GLN C 308 -24.14 21.73 9.97
N TRP C 309 -23.26 21.38 10.92
CA TRP C 309 -23.48 20.19 11.72
C TRP C 309 -24.77 20.30 12.52
N ILE C 310 -25.00 21.45 13.14
CA ILE C 310 -26.22 21.65 13.93
C ILE C 310 -27.44 21.53 13.05
N VAL C 311 -27.40 22.14 11.86
CA VAL C 311 -28.53 22.06 10.94
C VAL C 311 -28.78 20.62 10.52
N THR C 312 -27.70 19.88 10.23
CA THR C 312 -27.85 18.48 9.85
C THR C 312 -28.45 17.66 10.98
N VAL C 313 -27.99 17.88 12.21
CA VAL C 313 -28.53 17.15 13.34
C VAL C 313 -30.01 17.45 13.52
N GLN C 314 -30.39 18.72 13.39
CA GLN C 314 -31.80 19.08 13.42
C GLN C 314 -32.58 18.32 12.35
N LYS C 315 -32.20 18.50 11.09
CA LYS C 315 -32.97 17.92 9.98
C LYS C 315 -32.94 16.40 10.01
N ALA C 316 -32.02 15.79 10.76
CA ALA C 316 -32.03 14.35 10.93
C ALA C 316 -32.82 13.88 12.14
N CYS C 317 -32.95 14.72 13.17
CA CYS C 317 -33.60 14.34 14.42
C CYS C 317 -35.09 14.65 14.41
N MET C 318 -35.48 15.88 14.03
CA MET C 318 -36.93 16.13 13.98
C MET C 318 -37.63 15.26 12.94
N VAL C 319 -36.90 14.68 12.00
CA VAL C 319 -37.51 13.72 11.08
C VAL C 319 -37.52 12.30 11.64
N PHE C 320 -36.69 12.03 12.64
CA PHE C 320 -36.65 10.70 13.25
C PHE C 320 -38.00 10.37 13.89
N GLN C 321 -38.47 9.14 13.66
CA GLN C 321 -39.78 8.72 14.12
C GLN C 321 -39.64 7.61 15.16
N MET C 322 -40.66 7.52 16.03
CA MET C 322 -40.75 6.53 17.09
C MET C 322 -42.11 5.85 17.01
N PRO C 323 -42.22 4.61 17.52
CA PRO C 323 -43.50 3.90 17.48
C PRO C 323 -44.58 4.59 18.32
N LYS C 325 -45.77 7.36 22.06
CA LYS C 325 -45.88 8.37 21.02
C LYS C 325 -45.61 9.76 21.58
N ASP C 326 -46.09 10.01 22.80
CA ASP C 326 -45.81 11.29 23.45
C ASP C 326 -44.33 11.45 23.78
N GLU C 327 -43.68 10.35 24.16
CA GLU C 327 -42.24 10.37 24.38
C GLU C 327 -41.49 10.82 23.13
N GLU C 328 -41.99 10.45 21.95
CA GLU C 328 -41.42 10.92 20.69
C GLU C 328 -41.45 12.44 20.63
N SER C 329 -42.61 13.03 20.90
CA SER C 329 -42.74 14.48 20.87
C SER C 329 -41.84 15.13 21.92
N ARG C 330 -41.75 14.52 23.10
CA ARG C 330 -40.91 15.08 24.15
C ARG C 330 -39.44 15.10 23.75
N ILE C 331 -38.94 14.00 23.18
CA ILE C 331 -37.56 13.96 22.72
C ILE C 331 -37.34 14.98 21.60
N CYS C 332 -38.29 15.06 20.66
CA CYS C 332 -38.17 16.04 19.59
C CYS C 332 -38.07 17.45 20.15
N LYS C 333 -38.94 17.79 21.11
CA LYS C 333 -38.91 19.11 21.71
C LYS C 333 -37.58 19.39 22.39
N ALA C 334 -37.08 18.42 23.17
CA ALA C 334 -35.84 18.61 23.90
C ALA C 334 -34.68 18.85 22.96
N LEU C 335 -34.54 17.99 21.95
CA LEU C 335 -33.44 18.14 21.00
C LEU C 335 -33.58 19.45 20.22
N PHE C 336 -34.82 19.82 19.86
CA PHE C 336 -35.04 21.08 19.18
C PHE C 336 -34.54 22.26 20.01
N LEU C 337 -34.92 22.31 21.29
CA LEU C 337 -34.50 23.43 22.13
C LEU C 337 -32.99 23.46 22.31
N TYR C 338 -32.39 22.30 22.58
CA TYR C 338 -30.95 22.23 22.75
C TYR C 338 -30.23 22.74 21.49
N THR C 339 -30.62 22.22 20.33
CA THR C 339 -29.96 22.62 19.08
C THR C 339 -30.18 24.09 18.78
N SER C 340 -31.38 24.60 19.06
CA SER C 340 -31.66 26.01 18.82
C SER C 340 -30.75 26.90 19.64
N HIS C 341 -30.59 26.57 20.93
CA HIS C 341 -29.69 27.37 21.76
C HIS C 341 -28.24 27.22 21.32
N LEU C 342 -27.85 26.02 20.88
CA LEU C 342 -26.50 25.83 20.35
C LEU C 342 -26.26 26.76 19.17
N ARG C 343 -27.18 26.77 18.20
CA ARG C 343 -27.03 27.62 17.03
C ARG C 343 -26.99 29.10 17.41
N LYS C 344 -27.87 29.51 18.33
CA LYS C 344 -27.91 30.91 18.71
C LYS C 344 -26.61 31.34 19.36
N TYR C 345 -26.07 30.50 20.24
CA TYR C 345 -24.79 30.80 20.87
C TYR C 345 -23.64 30.83 19.84
N ASN C 346 -23.67 29.92 18.86
CA ASN C 346 -22.64 29.94 17.84
C ASN C 346 -22.70 31.23 17.02
N ASP C 347 -23.90 31.66 16.68
CA ASP C 347 -24.06 32.95 16.01
C ASP C 347 -23.53 34.08 16.87
N ALA C 348 -23.81 34.02 18.18
CA ALA C 348 -23.27 35.03 19.08
C ALA C 348 -21.75 35.02 19.05
N LEU C 349 -21.13 33.84 19.04
CA LEU C 349 -19.68 33.74 18.99
C LEU C 349 -19.11 34.38 17.74
N ILE C 350 -19.71 34.08 16.59
CA ILE C 350 -19.16 34.62 15.34
C ILE C 350 -19.34 36.13 15.28
N ILE C 351 -20.50 36.63 15.74
CA ILE C 351 -20.71 38.07 15.79
C ILE C 351 -19.72 38.72 16.73
N SER C 352 -19.45 38.07 17.87
CA SER C 352 -18.49 38.61 18.83
C SER C 352 -17.10 38.71 18.22
N GLU C 353 -16.66 37.67 17.52
CA GLU C 353 -15.34 37.73 16.91
C GLU C 353 -15.29 38.69 15.73
N HIS C 354 -16.43 38.98 15.09
CA HIS C 354 -16.49 40.00 14.05
C HIS C 354 -16.82 41.38 14.59
N ALA C 355 -17.96 41.51 15.28
CA ALA C 355 -18.44 42.80 15.74
C ALA C 355 -17.91 43.05 17.16
N ARG C 356 -18.43 44.08 17.82
CA ARG C 356 -17.88 44.49 19.10
C ARG C 356 -18.39 43.61 20.23
N MET C 357 -17.81 43.81 21.41
CA MET C 357 -18.10 42.98 22.57
C MET C 357 -19.59 43.00 22.90
N LYS C 358 -20.17 44.20 23.00
CA LYS C 358 -21.53 44.38 23.51
C LYS C 358 -22.58 43.73 22.61
N ASP C 359 -22.32 43.67 21.30
CA ASP C 359 -23.35 43.26 20.35
C ASP C 359 -23.78 41.80 20.58
N ALA C 360 -22.82 40.91 20.85
CA ALA C 360 -23.15 39.51 21.04
C ALA C 360 -24.06 39.31 22.25
N LEU C 361 -23.73 39.98 23.37
CA LEU C 361 -24.58 39.91 24.54
C LEU C 361 -25.94 40.53 24.27
N ASP C 362 -25.98 41.62 23.50
CA ASP C 362 -27.26 42.21 23.14
C ASP C 362 -28.13 41.20 22.41
N TYR C 363 -27.57 40.55 21.40
CA TYR C 363 -28.33 39.57 20.61
C TYR C 363 -28.80 38.41 21.49
N LEU C 364 -27.91 37.89 22.33
CA LEU C 364 -28.25 36.76 23.18
C LEU C 364 -29.34 37.12 24.17
N LYS C 365 -29.21 38.28 24.82
CA LYS C 365 -30.21 38.72 25.79
C LYS C 365 -31.55 38.95 25.12
N ASP C 366 -31.55 39.53 23.92
CA ASP C 366 -32.80 39.72 23.20
C ASP C 366 -33.46 38.39 22.89
N PHE C 367 -32.68 37.40 22.46
CA PHE C 367 -33.26 36.09 22.18
C PHE C 367 -33.85 35.46 23.44
N PHE C 368 -33.09 35.52 24.55
CA PHE C 368 -33.57 34.91 25.79
C PHE C 368 -34.81 35.59 26.32
N SER C 369 -34.83 36.92 26.32
CA SER C 369 -35.99 37.66 26.82
C SER C 369 -37.20 37.49 25.92
N ASN C 370 -36.99 37.41 24.60
CA ASN C 370 -38.11 37.28 23.67
C ASN C 370 -38.50 35.84 23.42
N VAL C 371 -37.55 34.91 23.54
CA VAL C 371 -37.80 33.48 23.32
C VAL C 371 -38.41 33.23 21.94
N GLU C 378 -39.56 23.86 33.45
CA GLU C 378 -39.21 22.90 32.41
C GLU C 378 -37.76 23.11 31.98
N ILE C 379 -37.39 22.53 30.84
CA ILE C 379 -36.01 22.57 30.37
C ILE C 379 -35.57 24.00 30.10
N GLU C 380 -36.41 24.76 29.40
CA GLU C 380 -36.05 26.14 29.08
C GLU C 380 -35.81 26.97 30.34
N GLN C 381 -36.52 26.67 31.43
CA GLN C 381 -36.20 27.31 32.70
C GLN C 381 -34.79 26.98 33.14
N ASP C 382 -34.39 25.71 32.99
CA ASP C 382 -33.03 25.32 33.35
C ASP C 382 -32.00 26.11 32.54
N LEU C 383 -32.20 26.18 31.22
CA LEU C 383 -31.23 26.90 30.39
C LEU C 383 -31.23 28.40 30.70
N THR C 384 -32.39 28.97 31.01
CA THR C 384 -32.44 30.36 31.41
C THR C 384 -31.64 30.59 32.68
N GLN C 385 -31.76 29.67 33.65
CA GLN C 385 -30.93 29.74 34.84
C GLN C 385 -29.45 29.66 34.48
N ARG C 386 -29.09 28.77 33.56
CA ARG C 386 -27.70 28.62 33.16
C ARG C 386 -27.15 29.94 32.61
N PHE C 387 -27.93 30.62 31.76
CA PHE C 387 -27.43 31.85 31.16
C PHE C 387 -27.39 32.99 32.18
N GLU C 388 -28.45 33.14 32.98
CA GLU C 388 -28.49 34.19 33.99
C GLU C 388 -27.41 33.99 35.05
N GLU C 389 -26.93 32.75 35.22
CA GLU C 389 -25.78 32.52 36.10
C GLU C 389 -24.58 33.34 35.66
N LYS C 390 -24.29 33.32 34.36
CA LYS C 390 -23.06 33.90 33.82
C LYS C 390 -23.22 35.33 33.34
N LEU C 391 -24.46 35.79 33.18
CA LEU C 391 -24.74 37.13 32.65
C LEU C 391 -23.84 38.21 33.23
N GLN C 392 -23.71 38.26 34.55
CA GLN C 392 -22.98 39.37 35.18
C GLN C 392 -21.49 39.30 34.87
N GLU C 393 -20.91 38.09 34.85
CA GLU C 393 -19.52 37.94 34.43
C GLU C 393 -19.34 38.40 32.99
N LEU C 394 -20.30 38.05 32.13
CA LEU C 394 -20.24 38.48 30.74
C LEU C 394 -20.25 40.01 30.63
N GLU C 395 -21.14 40.66 31.38
CA GLU C 395 -21.18 42.12 31.36
C GLU C 395 -19.87 42.72 31.86
N SER C 396 -19.33 42.16 32.95
CA SER C 396 -18.09 42.67 33.51
C SER C 396 -16.96 42.60 32.50
N VAL C 397 -16.79 41.45 31.85
CA VAL C 397 -15.72 41.35 30.86
C VAL C 397 -16.03 42.23 29.64
N SER C 398 -17.30 42.45 29.34
CA SER C 398 -17.66 43.31 28.21
C SER C 398 -17.23 44.76 28.46
N ARG C 399 -17.43 45.24 29.69
CA ARG C 399 -17.11 46.63 30.01
C ARG C 399 -15.65 46.85 30.37
N ASP C 400 -14.82 45.81 30.25
CA ASP C 400 -13.37 45.99 30.38
C ASP C 400 -12.79 46.32 29.02
N PRO C 401 -12.44 47.59 28.76
CA PRO C 401 -11.98 47.96 27.41
C PRO C 401 -10.67 47.32 27.00
N SER C 402 -9.89 46.78 27.94
CA SER C 402 -8.62 46.17 27.59
C SER C 402 -8.80 44.96 26.69
N ASN C 403 -9.95 44.29 26.79
CA ASN C 403 -10.23 43.10 25.99
C ASN C 403 -11.04 43.42 24.73
N GLU C 404 -10.86 44.62 24.18
CA GLU C 404 -11.61 45.04 23.01
C GLU C 404 -11.16 44.24 21.78
N ASN C 405 -12.06 44.17 20.80
CA ASN C 405 -11.76 43.44 19.57
C ASN C 405 -10.64 44.12 18.81
N PRO C 406 -9.53 43.43 18.53
CA PRO C 406 -8.37 44.12 17.93
C PRO C 406 -8.66 44.71 16.56
N LYS C 407 -9.54 44.09 15.78
CA LYS C 407 -9.86 44.63 14.46
C LYS C 407 -10.43 46.04 14.56
N LEU C 408 -11.36 46.25 15.50
CA LEU C 408 -11.91 47.57 15.71
C LEU C 408 -10.83 48.54 16.17
N GLU C 409 -9.89 48.08 16.99
CA GLU C 409 -8.79 48.92 17.43
C GLU C 409 -7.97 49.41 16.24
N ASP C 410 -7.57 48.48 15.35
CA ASP C 410 -6.76 48.88 14.22
C ASP C 410 -7.55 49.75 13.24
N LEU C 411 -8.84 49.50 13.09
CA LEU C 411 -9.67 50.34 12.24
C LEU C 411 -9.78 51.76 12.80
N CYS C 412 -9.93 51.88 14.12
CA CYS C 412 -9.89 53.19 14.73
C CYS C 412 -8.55 53.86 14.46
N PHE C 413 -7.46 53.10 14.57
CA PHE C 413 -6.14 53.66 14.32
C PHE C 413 -6.01 54.18 12.89
N ILE C 414 -6.48 53.39 11.91
CA ILE C 414 -6.35 53.80 10.51
C ILE C 414 -7.15 55.06 10.25
N LEU C 415 -8.40 55.10 10.72
CA LEU C 415 -9.23 56.29 10.51
C LEU C 415 -8.62 57.50 11.19
N GLN C 416 -8.17 57.33 12.43
CA GLN C 416 -7.54 58.42 13.18
C GLN C 416 -6.34 58.97 12.45
N GLU C 417 -5.42 58.10 12.04
CA GLU C 417 -4.17 58.59 11.50
C GLU C 417 -4.41 59.26 10.15
N GLU C 418 -5.28 58.68 9.33
CA GLU C 418 -5.62 59.31 8.06
C GLU C 418 -6.26 60.68 8.26
N TYR C 419 -7.25 60.75 9.14
CA TYR C 419 -7.95 62.03 9.30
C TYR C 419 -7.07 63.05 10.00
N HIS C 420 -6.05 62.60 10.73
CA HIS C 420 -5.02 63.50 11.23
C HIS C 420 -4.18 64.02 10.08
N LEU C 421 -3.76 63.13 9.17
CA LEU C 421 -2.94 63.54 8.04
C LEU C 421 -3.70 64.49 7.13
N ASN C 422 -4.90 64.09 6.71
CA ASN C 422 -5.76 64.95 5.89
C ASN C 422 -7.04 65.22 6.67
N PRO C 423 -7.27 66.45 7.13
CA PRO C 423 -8.51 66.73 7.89
C PRO C 423 -9.77 66.45 7.11
N GLU C 424 -9.78 66.70 5.80
CA GLU C 424 -10.95 66.51 4.96
C GLU C 424 -10.68 65.42 3.94
N THR C 425 -11.57 64.43 3.89
CA THR C 425 -11.49 63.33 2.94
C THR C 425 -12.79 62.55 3.03
N ILE C 426 -13.09 61.83 1.95
CA ILE C 426 -14.30 61.02 1.86
C ILE C 426 -13.86 59.57 1.71
N THR C 427 -14.28 58.72 2.65
CA THR C 427 -13.87 57.34 2.67
C THR C 427 -15.08 56.41 2.64
N ILE C 428 -14.86 55.22 2.09
CA ILE C 428 -15.89 54.21 1.96
C ILE C 428 -15.41 52.93 2.64
N LEU C 429 -16.32 52.30 3.40
CA LEU C 429 -16.01 51.08 4.13
C LEU C 429 -16.96 49.97 3.70
N PHE C 430 -16.37 48.82 3.36
CA PHE C 430 -17.08 47.71 2.75
C PHE C 430 -17.16 46.55 3.74
N VAL C 431 -18.36 46.00 3.89
CA VAL C 431 -18.66 44.93 4.84
C VAL C 431 -19.40 43.83 4.09
N LYS C 432 -19.68 42.74 4.81
CA LYS C 432 -20.38 41.61 4.19
C LYS C 432 -21.88 41.66 4.46
N THR C 433 -22.28 42.02 5.68
CA THR C 433 -23.66 41.82 6.12
C THR C 433 -24.23 43.11 6.71
N ARG C 434 -25.53 43.31 6.46
CA ARG C 434 -26.22 44.52 6.90
C ARG C 434 -26.22 44.65 8.42
N ALA C 435 -26.33 43.52 9.13
CA ALA C 435 -26.24 43.56 10.59
C ALA C 435 -24.93 44.22 11.02
N LEU C 436 -23.83 43.88 10.36
CA LEU C 436 -22.58 44.56 10.62
C LEU C 436 -22.64 46.03 10.22
N VAL C 437 -23.45 46.40 9.22
CA VAL C 437 -23.62 47.81 8.90
C VAL C 437 -24.19 48.55 10.10
N ASP C 438 -25.26 48.01 10.68
CA ASP C 438 -25.86 48.65 11.86
C ASP C 438 -24.88 48.69 13.03
N ALA C 439 -24.17 47.57 13.27
CA ALA C 439 -23.24 47.50 14.38
C ALA C 439 -22.13 48.54 14.23
N LEU C 440 -21.54 48.63 13.03
CA LEU C 440 -20.50 49.62 12.80
C LEU C 440 -21.04 51.04 12.87
N LYS C 441 -22.27 51.26 12.42
CA LYS C 441 -22.87 52.60 12.56
C LYS C 441 -22.91 53.01 14.02
N ASN C 442 -23.45 52.13 14.88
CA ASN C 442 -23.53 52.45 16.31
C ASN C 442 -22.15 52.63 16.93
N TRP C 443 -21.22 51.72 16.61
CA TRP C 443 -19.90 51.77 17.23
C TRP C 443 -19.14 53.02 16.81
N ILE C 444 -19.29 53.44 15.55
CA ILE C 444 -18.65 54.65 15.08
C ILE C 444 -19.27 55.87 15.74
N GLU C 445 -20.60 55.91 15.85
CA GLU C 445 -21.24 57.05 16.47
C GLU C 445 -20.97 57.13 17.97
N GLY C 446 -20.62 56.03 18.60
CA GLY C 446 -20.40 55.99 20.04
C GLY C 446 -18.97 56.05 20.50
N ASN C 447 -18.02 56.45 19.65
CA ASN C 447 -16.62 56.53 20.06
C ASN C 447 -16.22 57.98 20.21
N PRO C 448 -15.92 58.44 21.43
CA PRO C 448 -15.45 59.83 21.59
C PRO C 448 -14.15 60.12 20.85
N LYS C 449 -13.30 59.10 20.65
CA LYS C 449 -12.05 59.32 19.94
C LYS C 449 -12.29 59.75 18.50
N LEU C 450 -13.28 59.15 17.85
CA LEU C 450 -13.59 59.47 16.46
C LEU C 450 -14.75 60.48 16.41
N SER C 451 -14.45 61.69 16.89
CA SER C 451 -15.40 62.78 16.75
C SER C 451 -15.41 63.34 15.34
N PHE C 452 -14.35 63.10 14.57
CA PHE C 452 -14.28 63.58 13.20
C PHE C 452 -15.40 62.99 12.35
N LEU C 453 -15.66 61.69 12.49
CA LEU C 453 -16.46 60.97 11.53
C LEU C 453 -17.91 61.42 11.53
N LYS C 454 -18.47 61.59 10.34
CA LYS C 454 -19.90 61.85 10.15
C LYS C 454 -20.46 60.73 9.27
N PRO C 455 -21.26 59.82 9.82
CA PRO C 455 -21.57 58.59 9.10
C PRO C 455 -22.69 58.73 8.08
N GLY C 456 -22.61 57.91 7.03
CA GLY C 456 -23.70 57.76 6.09
C GLY C 456 -23.88 56.32 5.66
N ILE C 457 -25.06 55.77 5.90
CA ILE C 457 -25.38 54.38 5.60
C ILE C 457 -25.81 54.27 4.15
N LEU C 458 -25.53 53.14 3.53
CA LEU C 458 -26.02 52.89 2.17
C LEU C 458 -26.20 51.39 1.97
N THR C 459 -27.39 50.99 1.52
CA THR C 459 -27.68 49.59 1.29
C THR C 459 -28.79 49.48 0.25
N GLY C 460 -28.95 48.28 -0.30
CA GLY C 460 -29.98 48.05 -1.28
C GLY C 460 -31.37 48.10 -0.69
N ARG C 461 -32.34 48.40 -1.56
CA ARG C 461 -33.72 48.49 -1.12
C ARG C 461 -34.22 47.14 -0.60
N GLY C 462 -34.84 47.17 0.58
CA GLY C 462 -35.35 45.95 1.19
C GLY C 462 -34.25 45.04 1.69
N GLY C 469 -35.04 48.57 5.64
CA GLY C 469 -34.56 48.73 4.28
C GLY C 469 -34.69 50.15 3.76
N MET C 470 -33.59 50.68 3.23
CA MET C 470 -33.60 52.02 2.66
C MET C 470 -34.43 52.07 1.38
N THR C 471 -34.97 53.24 1.07
CA THR C 471 -35.78 53.43 -0.11
C THR C 471 -34.99 54.20 -1.18
N LEU C 472 -35.60 54.33 -2.36
CA LEU C 472 -34.93 54.99 -3.48
C LEU C 472 -34.62 56.46 -3.21
N PRO C 473 -35.58 57.31 -2.83
CA PRO C 473 -35.23 58.72 -2.58
C PRO C 473 -34.23 58.89 -1.46
N ALA C 474 -34.26 58.02 -0.45
CA ALA C 474 -33.24 58.09 0.60
C ALA C 474 -31.86 57.83 0.04
N GLN C 475 -31.73 56.83 -0.83
CA GLN C 475 -30.44 56.57 -1.47
C GLN C 475 -30.00 57.76 -2.30
N LYS C 476 -30.92 58.34 -3.06
CA LYS C 476 -30.59 59.50 -3.88
C LYS C 476 -30.10 60.66 -3.02
N CYS C 477 -30.77 60.91 -1.89
CA CYS C 477 -30.37 62.01 -1.02
C CYS C 477 -29.00 61.75 -0.40
N ILE C 478 -28.77 60.54 0.08
CA ILE C 478 -27.46 60.22 0.66
C ILE C 478 -26.35 60.39 -0.36
N LEU C 479 -26.59 59.93 -1.59
CA LEU C 479 -25.59 60.09 -2.64
C LEU C 479 -25.34 61.58 -2.93
N ASP C 480 -26.41 62.35 -3.15
CA ASP C 480 -26.24 63.75 -3.52
C ASP C 480 -25.60 64.56 -2.40
N ALA C 481 -25.79 64.13 -1.15
CA ALA C 481 -25.19 64.86 -0.02
C ALA C 481 -23.68 64.86 -0.10
N PHE C 482 -23.07 63.81 -0.67
CA PHE C 482 -21.63 63.70 -0.72
C PHE C 482 -20.98 64.71 -1.65
N LYS C 483 -21.75 65.41 -2.48
CA LYS C 483 -21.20 66.40 -3.39
C LYS C 483 -20.62 67.60 -2.63
N GLY C 486 -22.78 69.82 1.58
CA GLY C 486 -22.68 68.49 2.15
C GLY C 486 -21.94 68.46 3.48
N ASP C 487 -22.24 67.46 4.30
CA ASP C 487 -21.61 67.35 5.61
C ASP C 487 -21.22 65.93 5.98
N HIS C 488 -21.40 64.95 5.10
CA HIS C 488 -21.03 63.56 5.39
C HIS C 488 -19.60 63.30 4.95
N ASN C 489 -18.90 62.45 5.70
CA ASN C 489 -17.50 62.18 5.45
C ASN C 489 -17.15 60.71 5.30
N ILE C 490 -17.95 59.79 5.83
CA ILE C 490 -17.69 58.36 5.72
C ILE C 490 -18.96 57.68 5.26
N LEU C 491 -18.82 56.67 4.40
CA LEU C 491 -19.95 55.92 3.88
C LEU C 491 -19.76 54.44 4.18
N ILE C 492 -20.72 53.86 4.89
CA ILE C 492 -20.73 52.43 5.17
C ILE C 492 -21.63 51.76 4.13
N ALA C 493 -21.06 50.87 3.33
CA ALA C 493 -21.78 50.32 2.19
C ALA C 493 -21.71 48.80 2.16
N THR C 494 -22.77 48.21 1.61
CA THR C 494 -22.81 46.79 1.31
C THR C 494 -22.34 46.59 -0.14
N SER C 495 -22.62 45.41 -0.70
CA SER C 495 -22.12 45.05 -2.02
C SER C 495 -22.65 45.97 -3.12
N VAL C 496 -23.70 46.75 -2.85
CA VAL C 496 -24.28 47.59 -3.89
C VAL C 496 -23.35 48.73 -4.30
N ALA C 497 -22.28 48.98 -3.55
CA ALA C 497 -21.39 50.08 -3.87
C ALA C 497 -20.36 49.71 -4.91
N ASP C 498 -20.50 48.55 -5.54
CA ASP C 498 -19.61 48.15 -6.62
C ASP C 498 -20.24 48.55 -7.95
N GLU C 499 -19.52 48.29 -9.04
CA GLU C 499 -19.94 48.57 -10.41
C GLU C 499 -20.23 50.05 -10.63
N GLY C 500 -19.63 50.94 -9.84
CA GLY C 500 -19.66 52.36 -10.13
C GLY C 500 -20.65 53.17 -9.32
N ILE C 501 -20.16 53.86 -8.29
CA ILE C 501 -20.94 54.89 -7.61
C ILE C 501 -20.55 56.28 -8.07
N ASP C 502 -19.31 56.46 -8.52
CA ASP C 502 -18.85 57.70 -9.17
C ASP C 502 -18.92 58.90 -8.22
N ILE C 503 -18.42 58.71 -7.01
CA ILE C 503 -18.24 59.84 -6.10
C ILE C 503 -16.99 60.61 -6.53
N ALA C 504 -17.17 61.89 -6.86
CA ALA C 504 -16.09 62.67 -7.45
C ALA C 504 -14.91 62.80 -6.49
N GLN C 505 -15.15 62.63 -5.20
CA GLN C 505 -14.11 62.75 -4.18
C GLN C 505 -14.16 61.53 -3.28
N CYS C 506 -13.19 60.64 -3.44
CA CYS C 506 -12.98 59.51 -2.54
C CYS C 506 -11.51 59.19 -2.53
N ASN C 507 -10.91 59.17 -1.35
CA ASN C 507 -9.47 58.97 -1.21
C ASN C 507 -9.12 57.79 -0.33
N LEU C 508 -10.11 57.05 0.16
CA LEU C 508 -9.84 55.94 1.07
C LEU C 508 -10.92 54.88 0.93
N VAL C 509 -10.49 53.66 0.63
CA VAL C 509 -11.39 52.51 0.58
C VAL C 509 -10.87 51.48 1.56
N ILE C 510 -11.77 50.99 2.42
CA ILE C 510 -11.40 50.01 3.44
C ILE C 510 -12.25 48.77 3.25
N LEU C 511 -11.60 47.60 3.23
CA LEU C 511 -12.26 46.31 3.08
C LEU C 511 -12.20 45.59 4.42
N TYR C 512 -13.36 45.33 5.01
CA TYR C 512 -13.46 44.66 6.31
C TYR C 512 -13.77 43.19 6.06
N GLU C 513 -12.73 42.40 5.79
CA GLU C 513 -12.86 40.97 5.52
C GLU C 513 -13.71 40.72 4.28
N TYR C 514 -13.48 41.51 3.24
CA TYR C 514 -14.25 41.47 2.01
C TYR C 514 -13.34 41.07 0.86
N VAL C 515 -13.52 39.84 0.36
CA VAL C 515 -12.70 39.33 -0.74
C VAL C 515 -13.59 38.49 -1.65
N GLY C 516 -13.08 38.21 -2.84
CA GLY C 516 -13.82 37.42 -3.82
C GLY C 516 -13.04 37.22 -5.11
N ASN C 517 -13.76 37.07 -6.22
CA ASN C 517 -13.12 36.92 -7.51
C ASN C 517 -12.50 38.25 -7.95
N VAL C 518 -11.72 38.19 -9.04
CA VAL C 518 -10.93 39.34 -9.47
C VAL C 518 -11.81 40.53 -9.84
N ILE C 519 -13.00 40.27 -10.38
CA ILE C 519 -13.89 41.36 -10.78
C ILE C 519 -14.20 42.25 -9.60
N LYS C 520 -14.57 41.64 -8.46
CA LYS C 520 -14.87 42.42 -7.28
C LYS C 520 -13.65 43.19 -6.79
N MET C 521 -12.47 42.57 -6.86
CA MET C 521 -11.26 43.25 -6.45
C MET C 521 -11.05 44.53 -7.27
N ILE C 522 -11.15 44.42 -8.59
CA ILE C 522 -10.89 45.57 -9.44
C ILE C 522 -11.96 46.64 -9.24
N GLN C 523 -13.23 46.23 -9.18
CA GLN C 523 -14.30 47.21 -9.05
C GLN C 523 -14.28 47.89 -7.68
N THR C 524 -13.79 47.20 -6.65
CA THR C 524 -13.64 47.82 -5.35
C THR C 524 -12.48 48.80 -5.35
N ARG C 525 -11.34 48.41 -5.92
CA ARG C 525 -10.19 49.30 -5.93
C ARG C 525 -10.47 50.56 -6.73
N GLY C 526 -11.23 50.44 -7.81
CA GLY C 526 -11.44 51.57 -8.71
C GLY C 526 -12.24 52.72 -8.13
N ARG C 527 -12.93 52.50 -7.00
CA ARG C 527 -13.84 53.53 -6.47
C ARG C 527 -13.11 54.83 -6.15
N GLY C 528 -11.81 54.76 -5.88
CA GLY C 528 -11.06 55.95 -5.49
C GLY C 528 -10.77 56.88 -6.65
N ARG C 529 -11.80 57.54 -7.17
CA ARG C 529 -11.62 58.43 -8.31
C ARG C 529 -10.61 59.53 -8.01
N ALA C 530 -10.61 60.04 -6.78
CA ALA C 530 -9.70 61.11 -6.42
C ALA C 530 -8.26 60.62 -6.44
N ARG C 531 -7.35 61.49 -6.84
CA ARG C 531 -5.94 61.14 -6.88
C ARG C 531 -5.34 61.12 -5.48
N GLY C 532 -4.29 60.32 -5.32
CA GLY C 532 -3.72 60.08 -4.00
C GLY C 532 -4.51 59.12 -3.16
N SER C 533 -5.48 58.41 -3.75
CA SER C 533 -6.34 57.52 -2.99
C SER C 533 -5.58 56.24 -2.60
N LYS C 534 -6.17 55.50 -1.67
CA LYS C 534 -5.58 54.26 -1.19
C LYS C 534 -6.68 53.28 -0.86
N CYS C 535 -6.32 52.00 -0.87
CA CYS C 535 -7.21 50.92 -0.49
C CYS C 535 -6.49 50.04 0.54
N PHE C 536 -7.23 49.61 1.55
CA PHE C 536 -6.66 48.84 2.66
C PHE C 536 -7.52 47.63 2.92
N LEU C 537 -6.92 46.44 2.80
CA LEU C 537 -7.60 45.20 3.16
C LEU C 537 -7.24 44.84 4.59
N LEU C 538 -8.21 44.86 5.49
CA LEU C 538 -7.99 44.54 6.89
C LEU C 538 -8.51 43.14 7.18
N THR C 539 -7.66 42.28 7.72
CA THR C 539 -8.12 40.91 8.01
C THR C 539 -7.25 40.28 9.08
N SER C 540 -7.77 39.18 9.62
CA SER C 540 -7.09 38.41 10.67
C SER C 540 -6.76 37.00 10.20
N ASN C 541 -6.73 36.78 8.90
CA ASN C 541 -6.40 35.47 8.32
C ASN C 541 -5.43 35.67 7.18
N ALA C 542 -4.38 34.83 7.14
CA ALA C 542 -3.36 34.96 6.10
C ALA C 542 -3.86 34.47 4.75
N GLY C 543 -4.72 33.45 4.75
CA GLY C 543 -5.25 32.96 3.49
C GLY C 543 -5.98 34.03 2.70
N VAL C 544 -6.63 34.97 3.39
CA VAL C 544 -7.28 36.09 2.71
C VAL C 544 -6.23 36.91 1.96
N ILE C 545 -5.10 37.20 2.62
CA ILE C 545 -4.03 37.95 1.97
C ILE C 545 -3.52 37.20 0.75
N GLU C 546 -3.36 35.87 0.89
CA GLU C 546 -2.88 35.07 -0.24
C GLU C 546 -3.86 35.14 -1.40
N LYS C 547 -5.17 35.05 -1.11
CA LYS C 547 -6.17 35.16 -2.16
C LYS C 547 -6.10 36.52 -2.84
N GLU C 548 -5.89 37.58 -2.06
CA GLU C 548 -5.77 38.90 -2.67
C GLU C 548 -4.57 38.97 -3.62
N GLN C 549 -3.44 38.42 -3.20
CA GLN C 549 -2.24 38.45 -4.05
C GLN C 549 -2.47 37.68 -5.35
N ILE C 550 -3.03 36.48 -5.23
CA ILE C 550 -3.26 35.67 -6.43
C ILE C 550 -4.29 36.34 -7.33
N ASN C 551 -5.26 37.06 -6.76
CA ASN C 551 -6.21 37.79 -7.58
C ASN C 551 -5.53 38.93 -8.33
N MET C 552 -4.59 39.63 -7.68
CA MET C 552 -3.81 40.65 -8.38
C MET C 552 -3.09 40.05 -9.57
N TYR C 553 -2.45 38.90 -9.37
CA TYR C 553 -1.82 38.25 -10.52
C TYR C 553 -2.84 37.94 -11.60
N LYS C 554 -3.98 37.39 -11.19
CA LYS C 554 -4.97 36.97 -12.17
C LYS C 554 -5.39 38.15 -13.03
N GLU C 555 -5.54 39.32 -12.39
CA GLU C 555 -5.80 40.55 -13.14
C GLU C 555 -4.69 40.80 -14.16
N LYS C 556 -3.43 40.67 -13.73
CA LYS C 556 -2.33 40.90 -14.68
C LYS C 556 -2.39 39.93 -15.86
N MET C 557 -2.64 38.65 -15.58
CA MET C 557 -2.64 37.64 -16.63
C MET C 557 -3.79 37.87 -17.61
N MET C 558 -4.96 38.26 -17.08
CA MET C 558 -6.08 38.63 -17.96
C MET C 558 -5.71 39.82 -18.83
N ASN C 559 -5.08 40.84 -18.24
CA ASN C 559 -4.74 42.03 -19.00
C ASN C 559 -3.72 41.72 -20.09
N ASP C 560 -2.87 40.72 -19.89
CA ASP C 560 -1.98 40.30 -20.96
C ASP C 560 -2.71 39.47 -22.02
N SER C 561 -3.64 38.61 -21.57
CA SER C 561 -4.36 37.76 -22.50
C SER C 561 -5.19 38.57 -23.48
N ILE C 562 -5.82 39.65 -23.00
CA ILE C 562 -6.64 40.46 -23.91
C ILE C 562 -5.76 41.12 -24.96
N LEU C 563 -4.56 41.57 -24.58
CA LEU C 563 -3.63 42.12 -25.55
C LEU C 563 -3.20 41.08 -26.57
N ARG C 564 -2.98 39.84 -26.11
CA ARG C 564 -2.71 38.76 -27.07
C ARG C 564 -3.87 38.61 -28.05
N LEU C 565 -5.10 38.62 -27.54
CA LEU C 565 -6.26 38.41 -28.40
C LEU C 565 -6.39 39.51 -29.44
N GLN C 566 -6.03 40.74 -29.07
CA GLN C 566 -6.19 41.86 -30.01
C GLN C 566 -5.40 41.66 -31.30
N THR C 567 -4.38 40.80 -31.29
CA THR C 567 -3.54 40.61 -32.46
C THR C 567 -4.22 39.83 -33.57
N TRP C 568 -5.27 39.06 -33.25
CA TRP C 568 -5.84 38.12 -34.21
C TRP C 568 -6.42 38.83 -35.42
N ASP C 569 -6.40 38.14 -36.56
CA ASP C 569 -6.91 38.69 -37.80
C ASP C 569 -8.43 38.64 -37.84
N GLU C 570 -9.02 39.67 -38.43
CA GLU C 570 -10.47 39.77 -38.52
C GLU C 570 -11.03 38.72 -39.47
N ALA C 571 -12.30 38.37 -39.26
CA ALA C 571 -13.11 37.41 -39.99
C ALA C 571 -12.73 35.96 -39.70
N VAL C 572 -11.64 35.72 -38.97
CA VAL C 572 -11.40 34.45 -38.31
C VAL C 572 -11.92 34.46 -36.89
N PHE C 573 -11.63 35.56 -36.18
CA PHE C 573 -12.31 35.87 -34.93
C PHE C 573 -13.81 35.64 -35.05
N ARG C 574 -14.45 36.32 -36.00
CA ARG C 574 -15.90 36.21 -36.16
C ARG C 574 -16.32 34.78 -36.47
N GLU C 575 -15.52 34.07 -37.26
CA GLU C 575 -15.85 32.69 -37.61
C GLU C 575 -15.88 31.80 -36.37
N LYS C 576 -14.83 31.87 -35.54
CA LYS C 576 -14.82 31.04 -34.34
C LYS C 576 -15.90 31.47 -33.36
N ILE C 577 -16.21 32.78 -33.32
CA ILE C 577 -17.32 33.23 -32.48
C ILE C 577 -18.62 32.60 -32.94
N LEU C 578 -18.86 32.59 -34.25
CA LEU C 578 -20.07 31.97 -34.78
C LEU C 578 -20.13 30.49 -34.43
N HIS C 579 -18.99 29.81 -34.54
CA HIS C 579 -18.95 28.39 -34.17
C HIS C 579 -19.32 28.18 -32.71
N ILE C 580 -18.76 29.00 -31.82
CA ILE C 580 -19.06 28.87 -30.40
C ILE C 580 -20.54 29.14 -30.14
N GLN C 581 -21.09 30.18 -30.77
CA GLN C 581 -22.50 30.51 -30.58
C GLN C 581 -23.39 29.35 -31.04
N THR C 582 -23.08 28.78 -32.20
CA THR C 582 -23.88 27.67 -32.71
C THR C 582 -23.83 26.48 -31.75
N HIS C 583 -22.63 26.13 -31.28
CA HIS C 583 -22.51 24.99 -30.37
C HIS C 583 -23.29 25.24 -29.08
N GLU C 584 -23.14 26.44 -28.51
CA GLU C 584 -23.83 26.74 -27.26
C GLU C 584 -25.34 26.75 -27.45
N LYS C 585 -25.82 27.27 -28.58
CA LYS C 585 -27.25 27.27 -28.84
C LYS C 585 -27.79 25.85 -28.95
N PHE C 586 -27.07 24.98 -29.65
CA PHE C 586 -27.48 23.58 -29.72
C PHE C 586 -27.53 22.96 -28.32
N ILE C 587 -26.49 23.21 -27.52
CA ILE C 587 -26.44 22.65 -26.18
C ILE C 587 -27.64 23.10 -25.36
N ARG C 588 -27.92 24.40 -25.35
CA ARG C 588 -29.05 24.90 -24.57
C ARG C 588 -30.36 24.34 -25.07
N ASP C 589 -30.55 24.30 -26.39
CA ASP C 589 -31.80 23.82 -26.95
C ASP C 589 -32.06 22.38 -26.56
N SER C 590 -31.04 21.53 -26.64
CA SER C 590 -31.20 20.14 -26.25
C SER C 590 -30.98 19.92 -24.75
N GLN C 591 -30.57 20.95 -24.01
CA GLN C 591 -30.33 20.77 -22.57
C GLN C 591 -31.60 20.43 -21.81
N GLU C 592 -32.69 21.11 -22.09
CA GLU C 592 -33.92 20.96 -21.34
C GLU C 592 -35.03 20.40 -22.22
N LYS C 593 -36.10 19.95 -21.57
CA LYS C 593 -37.28 19.45 -22.27
C LYS C 593 -38.48 19.42 -21.34
N GLU C 601 -51.23 11.94 -1.88
CA GLU C 601 -52.03 13.16 -1.82
C GLU C 601 -52.81 13.23 -0.51
N ASN C 602 -53.34 14.41 -0.21
CA ASN C 602 -54.04 14.66 1.06
C ASN C 602 -53.15 14.32 2.26
N LYS C 603 -51.85 14.55 2.10
CA LYS C 603 -50.88 14.17 3.12
C LYS C 603 -51.03 15.05 4.36
N LYS C 604 -50.25 14.74 5.38
CA LYS C 604 -50.37 15.38 6.68
C LYS C 604 -49.23 16.35 6.91
N LEU C 605 -49.50 17.44 7.61
CA LEU C 605 -48.51 18.41 8.01
C LEU C 605 -48.61 18.61 9.52
N LEU C 606 -47.47 18.54 10.21
CA LEU C 606 -47.44 18.55 11.66
C LEU C 606 -46.39 19.53 12.17
N CYS C 607 -46.58 19.98 13.41
CA CYS C 607 -45.69 20.96 14.01
C CYS C 607 -44.27 20.41 14.13
N ARG C 608 -43.28 21.21 13.73
CA ARG C 608 -41.90 20.75 13.75
C ARG C 608 -41.36 20.57 15.17
N LYS C 609 -41.96 21.20 16.16
CA LYS C 609 -41.42 21.16 17.52
C LYS C 609 -42.18 20.24 18.46
N CYS C 610 -43.50 20.08 18.27
CA CYS C 610 -44.29 19.22 19.13
C CYS C 610 -45.00 18.10 18.39
N LYS C 611 -44.84 18.00 17.07
CA LYS C 611 -45.38 16.89 16.28
C LYS C 611 -46.91 16.82 16.34
N ALA C 612 -47.56 17.93 16.67
CA ALA C 612 -49.03 17.96 16.65
C ALA C 612 -49.54 18.02 15.23
N LEU C 613 -50.66 17.35 14.97
CA LEU C 613 -51.22 17.28 13.63
C LEU C 613 -51.76 18.66 13.27
N ALA C 614 -51.02 19.39 12.43
CA ALA C 614 -51.41 20.74 12.08
C ALA C 614 -52.57 20.74 11.09
N CYS C 615 -52.37 20.13 9.92
CA CYS C 615 -53.40 20.19 8.88
C CYS C 615 -53.11 19.14 7.82
N TYR C 616 -53.85 19.22 6.71
CA TYR C 616 -53.64 18.37 5.54
C TYR C 616 -53.62 19.24 4.30
N THR C 617 -52.85 18.81 3.30
CA THR C 617 -52.75 19.57 2.06
C THR C 617 -54.06 19.60 1.28
N ALA C 618 -55.03 18.76 1.62
CA ALA C 618 -56.33 18.79 0.95
C ALA C 618 -57.18 19.97 1.39
N ASP C 619 -56.76 20.73 2.39
CA ASP C 619 -57.53 21.86 2.90
C ASP C 619 -56.85 23.19 2.67
N VAL C 620 -55.75 23.22 1.91
CA VAL C 620 -54.99 24.44 1.68
C VAL C 620 -55.36 25.01 0.32
N ARG C 621 -55.77 26.27 0.30
CA ARG C 621 -56.15 26.96 -0.93
C ARG C 621 -55.25 28.18 -1.12
N VAL C 622 -54.56 28.23 -2.26
CA VAL C 622 -53.70 29.36 -2.57
C VAL C 622 -54.55 30.52 -3.07
N ILE C 623 -54.23 31.72 -2.58
CA ILE C 623 -54.86 32.95 -3.02
C ILE C 623 -53.84 33.78 -3.78
N GLU C 624 -54.27 34.36 -4.91
CA GLU C 624 -53.43 35.18 -5.78
C GLU C 624 -52.18 34.42 -6.22
N GLU C 625 -52.25 33.10 -6.22
CA GLU C 625 -51.17 32.22 -6.67
C GLU C 625 -49.90 32.38 -5.82
N CYS C 626 -49.96 33.21 -4.78
CA CYS C 626 -48.74 33.55 -4.06
C CYS C 626 -48.87 33.56 -2.54
N HIS C 627 -50.08 33.46 -2.00
CA HIS C 627 -50.24 33.24 -0.56
C HIS C 627 -50.97 31.94 -0.30
N TYR C 628 -50.64 31.28 0.81
CA TYR C 628 -51.23 30.00 1.18
C TYR C 628 -52.00 30.14 2.48
N THR C 629 -53.22 29.61 2.50
CA THR C 629 -54.04 29.62 3.70
C THR C 629 -54.91 28.38 3.72
N VAL C 630 -55.61 28.20 4.84
CA VAL C 630 -56.48 27.04 5.06
C VAL C 630 -57.75 27.53 5.74
N LEU C 631 -58.88 26.95 5.34
CA LEU C 631 -60.17 27.25 5.97
C LEU C 631 -60.64 26.01 6.71
N GLY C 632 -61.53 26.24 7.68
CA GLY C 632 -62.05 25.15 8.48
C GLY C 632 -61.84 25.36 9.97
N ASP C 633 -62.88 25.10 10.75
CA ASP C 633 -62.81 25.32 12.18
C ASP C 633 -61.80 24.39 12.84
N ALA C 634 -61.49 23.25 12.22
CA ALA C 634 -60.51 22.34 12.77
C ALA C 634 -59.16 23.02 12.93
N PHE C 635 -58.74 23.79 11.92
CA PHE C 635 -57.51 24.57 12.06
C PHE C 635 -57.69 25.71 13.03
N LYS C 636 -58.91 26.19 13.22
CA LYS C 636 -59.16 27.32 14.11
C LYS C 636 -58.99 26.95 15.58
N GLU C 637 -58.87 25.67 15.90
CA GLU C 637 -58.53 25.22 17.25
C GLU C 637 -57.07 24.85 17.41
N CYS C 638 -56.41 24.41 16.34
CA CYS C 638 -55.05 23.89 16.43
C CYS C 638 -54.01 24.97 16.74
N PHE C 639 -54.39 26.24 16.70
CA PHE C 639 -53.47 27.33 16.98
C PHE C 639 -54.10 28.27 18.00
N VAL C 640 -53.32 29.26 18.42
CA VAL C 640 -53.81 30.35 19.25
C VAL C 640 -53.00 31.60 18.93
N SER C 641 -53.70 32.73 18.78
CA SER C 641 -53.03 33.98 18.51
C SER C 641 -52.42 34.54 19.79
N ARG C 642 -51.73 35.66 19.65
CA ARG C 642 -51.29 36.23 20.92
C ARG C 642 -52.06 37.51 21.22
N PRO C 643 -52.41 37.75 22.49
CA PRO C 643 -53.29 38.88 22.82
C PRO C 643 -52.71 40.22 22.38
N HIS C 644 -51.49 40.52 22.85
CA HIS C 644 -50.73 41.66 22.36
C HIS C 644 -49.55 41.11 21.56
N PRO C 645 -49.70 40.92 20.25
CA PRO C 645 -48.61 40.32 19.47
C PRO C 645 -47.35 41.17 19.51
N LYS C 646 -46.21 40.49 19.43
CA LYS C 646 -44.92 41.17 19.49
C LYS C 646 -44.78 42.31 18.50
N PRO C 647 -45.22 42.20 17.24
CA PRO C 647 -45.20 43.39 16.37
C PRO C 647 -45.99 44.56 16.91
N LYS C 648 -47.06 44.30 17.66
CA LYS C 648 -47.86 45.37 18.25
C LYS C 648 -47.64 45.45 19.76
N LYS C 655 -47.29 44.56 12.60
CA LYS C 655 -48.28 45.22 13.44
C LYS C 655 -49.61 44.49 13.40
N ARG C 656 -49.55 43.18 13.15
CA ARG C 656 -50.74 42.33 13.07
C ARG C 656 -50.48 41.05 13.85
N ALA C 657 -51.57 40.43 14.31
CA ALA C 657 -51.47 39.25 15.16
C ALA C 657 -50.71 38.14 14.44
N LYS C 658 -49.85 37.45 15.20
CA LYS C 658 -49.10 36.31 14.70
C LYS C 658 -49.76 35.01 15.13
N ILE C 659 -49.32 33.92 14.53
CA ILE C 659 -49.83 32.59 14.83
C ILE C 659 -48.83 31.86 15.72
N PHE C 660 -49.34 30.96 16.54
CA PHE C 660 -48.50 30.20 17.46
C PHE C 660 -49.15 28.85 17.72
N CYS C 661 -48.34 27.90 18.17
CA CYS C 661 -48.85 26.57 18.46
C CYS C 661 -49.80 26.61 19.64
N ALA C 662 -50.86 25.79 19.57
CA ALA C 662 -51.94 25.87 20.56
C ALA C 662 -51.47 25.46 21.95
N ARG C 663 -50.81 24.31 22.06
CA ARG C 663 -50.41 23.80 23.36
C ARG C 663 -49.41 24.74 24.03
N GLN C 664 -49.63 25.02 25.31
CA GLN C 664 -48.69 25.85 26.06
C GLN C 664 -47.31 25.23 26.12
N ASN C 665 -47.22 23.90 26.00
CA ASN C 665 -45.92 23.24 25.93
C ASN C 665 -45.13 23.72 24.73
N CYS C 666 -45.79 23.89 23.58
CA CYS C 666 -45.16 24.27 22.33
C CYS C 666 -45.51 25.73 22.02
N SER C 667 -44.53 26.61 22.17
CA SER C 667 -44.65 28.01 21.76
C SER C 667 -43.88 28.15 20.45
N HIS C 668 -44.52 27.80 19.34
CA HIS C 668 -43.89 27.77 18.03
C HIS C 668 -44.71 28.61 17.07
N ASP C 669 -44.05 29.55 16.40
CA ASP C 669 -44.73 30.49 15.51
C ASP C 669 -44.94 29.85 14.14
N TRP C 670 -46.20 29.65 13.76
CA TRP C 670 -46.50 29.07 12.46
C TRP C 670 -46.53 30.13 11.36
N GLY C 671 -47.43 31.09 11.47
CA GLY C 671 -47.66 32.07 10.42
C GLY C 671 -48.06 33.41 10.95
N ILE C 672 -48.92 34.10 10.21
CA ILE C 672 -49.33 35.47 10.55
C ILE C 672 -50.68 35.75 9.91
N HIS C 673 -51.48 36.55 10.60
CA HIS C 673 -52.74 37.04 10.05
C HIS C 673 -52.49 38.09 8.98
N VAL C 674 -53.41 38.16 8.02
CA VAL C 674 -53.39 39.18 6.97
C VAL C 674 -54.80 39.28 6.40
N LYS C 675 -55.14 40.44 5.87
CA LYS C 675 -56.48 40.65 5.33
C LYS C 675 -56.42 40.80 3.81
N TYR C 676 -57.10 39.91 3.12
CA TYR C 676 -57.45 40.11 1.72
C TYR C 676 -58.56 41.17 1.65
N LYS C 677 -58.85 41.60 0.42
CA LYS C 677 -59.66 42.79 0.16
C LYS C 677 -60.76 43.02 1.18
N THR C 678 -61.49 41.95 1.54
CA THR C 678 -62.57 42.05 2.51
C THR C 678 -62.37 41.17 3.74
N PHE C 679 -61.55 40.12 3.66
CA PHE C 679 -61.59 39.05 4.66
C PHE C 679 -60.26 38.94 5.40
N GLU C 680 -60.33 38.89 6.73
CA GLU C 680 -59.14 38.60 7.53
C GLU C 680 -58.94 37.09 7.64
N ILE C 681 -57.77 36.62 7.21
CA ILE C 681 -57.46 35.19 7.24
C ILE C 681 -56.02 35.00 7.70
N PRO C 682 -55.76 33.84 8.31
CA PRO C 682 -54.38 33.51 8.66
C PRO C 682 -53.68 32.73 7.55
N VAL C 683 -52.39 33.01 7.40
CA VAL C 683 -51.55 32.32 6.42
C VAL C 683 -50.39 31.66 7.15
N ILE C 684 -49.97 30.51 6.62
CA ILE C 684 -48.92 29.71 7.23
C ILE C 684 -47.75 29.62 6.27
N LYS C 685 -46.60 29.25 6.84
CA LYS C 685 -45.37 29.07 6.07
C LYS C 685 -44.94 27.61 6.17
N ILE C 686 -44.54 27.03 5.04
CA ILE C 686 -44.12 25.64 4.99
C ILE C 686 -42.90 25.45 5.89
N GLU C 687 -42.22 26.56 6.22
CA GLU C 687 -41.08 26.55 7.11
C GLU C 687 -41.45 26.13 8.54
N SER C 688 -42.73 25.89 8.82
CA SER C 688 -43.18 25.60 10.17
C SER C 688 -43.49 24.13 10.41
N PHE C 689 -43.72 23.33 9.37
CA PHE C 689 -44.22 21.98 9.54
C PHE C 689 -43.26 20.93 8.97
N VAL C 690 -43.52 19.69 9.36
CA VAL C 690 -42.97 18.49 8.76
C VAL C 690 -44.09 17.80 8.00
N VAL C 691 -43.78 17.35 6.80
CA VAL C 691 -44.75 16.65 5.95
C VAL C 691 -44.62 15.15 6.19
N GLU C 692 -45.75 14.47 6.26
CA GLU C 692 -45.83 13.05 6.51
C GLU C 692 -46.84 12.42 5.56
N ASP C 693 -46.48 11.27 5.00
CA ASP C 693 -47.37 10.57 4.09
C ASP C 693 -48.60 10.06 4.82
N ILE C 694 -49.75 10.10 4.14
CA ILE C 694 -50.98 9.57 4.74
C ILE C 694 -51.01 8.06 4.66
N ALA C 695 -50.26 7.47 3.71
CA ALA C 695 -50.22 6.02 3.56
C ALA C 695 -49.10 5.41 4.40
N THR C 696 -47.87 5.86 4.21
CA THR C 696 -46.71 5.36 4.93
C THR C 696 -46.29 6.36 6.00
N GLY C 697 -45.37 5.92 6.86
CA GLY C 697 -44.83 6.73 7.93
C GLY C 697 -43.63 7.57 7.57
N VAL C 698 -43.34 7.74 6.28
CA VAL C 698 -42.15 8.48 5.88
C VAL C 698 -42.35 9.98 6.09
N GLN C 699 -41.23 10.69 6.22
CA GLN C 699 -41.24 12.13 6.36
C GLN C 699 -40.13 12.74 5.53
N THR C 700 -40.32 13.99 5.13
CA THR C 700 -39.26 14.83 4.59
C THR C 700 -39.43 16.22 5.19
N LEU C 701 -38.49 17.10 4.88
CA LEU C 701 -38.57 18.50 5.27
C LEU C 701 -38.52 19.35 4.01
N TYR C 702 -39.43 20.32 3.93
CA TYR C 702 -39.48 21.23 2.80
C TYR C 702 -39.20 22.64 3.31
N SER C 703 -38.20 23.27 2.72
CA SER C 703 -37.79 24.61 3.12
C SER C 703 -38.39 25.69 2.24
N LYS C 704 -39.14 25.31 1.20
CA LYS C 704 -39.51 26.27 0.18
C LYS C 704 -40.66 25.64 -0.58
N TRP C 705 -41.75 26.38 -0.81
CA TRP C 705 -42.94 25.75 -1.40
C TRP C 705 -42.72 25.19 -2.78
N LYS C 706 -41.70 25.65 -3.51
CA LYS C 706 -41.50 25.14 -4.87
C LYS C 706 -41.22 23.65 -4.86
N ASP C 707 -40.50 23.17 -3.85
CA ASP C 707 -40.20 21.75 -3.78
C ASP C 707 -41.46 20.92 -3.51
N PHE C 708 -42.35 21.42 -2.65
CA PHE C 708 -43.57 20.69 -2.32
C PHE C 708 -44.44 20.55 -3.56
N HIS C 709 -44.96 19.34 -3.77
CA HIS C 709 -45.79 19.04 -4.94
C HIS C 709 -47.11 18.45 -4.47
N PHE C 710 -48.21 19.05 -4.93
CA PHE C 710 -49.54 18.71 -4.45
C PHE C 710 -50.56 19.23 -5.46
N GLU C 711 -51.83 19.22 -5.07
CA GLU C 711 -52.90 19.77 -5.90
C GLU C 711 -53.12 21.22 -5.49
N LYS C 712 -52.42 22.13 -6.15
CA LYS C 712 -52.57 23.55 -5.89
C LYS C 712 -53.95 24.02 -6.35
N ILE C 713 -54.78 24.47 -5.41
CA ILE C 713 -56.16 24.83 -5.70
C ILE C 713 -56.40 26.29 -5.36
N PRO C 714 -57.20 27.01 -6.15
CA PRO C 714 -57.43 28.44 -5.87
C PRO C 714 -58.31 28.67 -4.65
N PHE C 715 -58.61 29.93 -4.39
CA PHE C 715 -59.45 30.31 -3.25
C PHE C 715 -60.84 29.68 -3.33
N GLN D 8 25.46 75.63 24.75
CA GLN D 8 25.65 75.33 26.16
C GLN D 8 24.34 74.94 26.82
N TRP D 9 23.30 75.73 26.56
CA TRP D 9 21.97 75.48 27.10
C TRP D 9 21.37 74.17 26.59
N ALA D 10 21.89 73.62 25.51
CA ALA D 10 21.34 72.41 24.92
C ALA D 10 21.48 71.23 25.88
N ILE D 11 20.44 70.40 25.93
CA ILE D 11 20.47 69.16 26.66
C ILE D 11 20.69 68.02 25.68
N HIS D 12 20.95 66.82 26.20
CA HIS D 12 21.24 65.65 25.39
C HIS D 12 20.09 64.65 25.61
N PRO D 13 18.93 64.92 25.02
CA PRO D 13 17.72 64.17 25.41
C PRO D 13 17.72 62.76 24.84
N THR D 14 16.73 61.99 25.30
CA THR D 14 16.55 60.62 24.85
C THR D 14 15.06 60.30 24.96
N PHE D 15 14.61 59.34 24.16
CA PHE D 15 13.21 58.94 24.18
C PHE D 15 12.88 58.18 25.46
N ASN D 16 11.60 58.14 25.78
CA ASN D 16 11.08 57.30 26.85
C ASN D 16 10.45 56.05 26.26
N LEU D 17 10.56 54.95 27.00
CA LEU D 17 10.01 53.67 26.55
C LEU D 17 8.67 53.36 27.19
N LYS D 18 8.05 54.32 27.86
CA LYS D 18 6.74 54.10 28.47
C LYS D 18 5.59 54.62 27.61
N SER D 19 5.88 55.57 26.71
CA SER D 19 4.85 56.16 25.86
C SER D 19 5.01 55.76 24.40
N LEU D 20 5.67 54.62 24.14
CA LEU D 20 5.86 54.15 22.78
C LEU D 20 4.55 53.60 22.22
N SER D 21 4.33 53.84 20.92
CA SER D 21 3.15 53.36 20.24
C SER D 21 3.40 51.97 19.67
N CYS D 22 2.39 51.11 19.74
CA CYS D 22 2.56 49.73 19.31
C CYS D 22 3.00 49.62 17.86
N SER D 23 2.59 50.57 17.02
CA SER D 23 3.00 50.56 15.62
C SER D 23 4.43 51.06 15.44
N LEU D 24 4.89 51.94 16.32
CA LEU D 24 6.19 52.57 16.17
C LEU D 24 7.23 51.85 17.03
N GLU D 25 8.43 51.70 16.48
CA GLU D 25 9.50 50.94 17.11
C GLU D 25 10.67 51.87 17.43
N VAL D 26 11.45 51.46 18.43
CA VAL D 26 12.61 52.21 18.90
C VAL D 26 13.82 51.29 18.92
N SER D 27 14.98 51.85 18.61
CA SER D 27 16.21 51.08 18.62
C SER D 27 16.73 50.92 20.04
N LYS D 28 17.70 50.00 20.19
CA LYS D 28 18.27 49.76 21.51
C LYS D 28 18.98 50.99 22.05
N ASP D 29 19.66 51.73 21.18
CA ASP D 29 20.32 52.95 21.60
C ASP D 29 19.35 54.02 22.07
N SER D 30 18.07 53.90 21.69
CA SER D 30 17.02 54.87 22.02
C SER D 30 17.30 56.25 21.44
N ARG D 31 18.10 56.32 20.38
CA ARG D 31 18.31 57.56 19.65
C ARG D 31 17.57 57.55 18.31
N THR D 32 16.88 56.45 17.99
CA THR D 32 16.20 56.25 16.73
C THR D 32 14.76 55.84 16.98
N VAL D 33 13.82 56.43 16.24
CA VAL D 33 12.46 55.92 16.20
C VAL D 33 12.12 55.64 14.74
N THR D 34 11.22 54.69 14.52
CA THR D 34 10.87 54.31 13.15
C THR D 34 9.50 53.66 13.17
N VAL D 35 8.97 53.39 11.98
CA VAL D 35 7.65 52.79 11.82
C VAL D 35 7.83 51.32 11.46
N SER D 36 7.32 50.44 12.31
CA SER D 36 7.43 49.00 12.08
C SER D 36 6.48 48.56 10.98
N HIS D 37 6.85 47.44 10.34
CA HIS D 37 5.98 46.85 9.32
C HIS D 37 4.73 46.25 9.94
N ARG D 38 4.86 45.68 11.12
CA ARG D 38 3.80 44.97 11.82
C ARG D 38 3.68 45.49 13.24
N PRO D 39 2.51 45.36 13.87
CA PRO D 39 2.34 45.90 15.23
C PRO D 39 3.26 45.22 16.22
N GLN D 40 3.75 46.01 17.19
CA GLN D 40 4.57 45.49 18.27
C GLN D 40 3.72 45.34 19.51
N PRO D 41 3.44 44.11 19.95
CA PRO D 41 2.59 43.94 21.14
C PRO D 41 3.26 44.48 22.39
N TYR D 42 2.53 45.27 23.14
CA TYR D 42 3.06 45.96 24.32
C TYR D 42 2.03 45.91 25.43
N ARG D 43 2.46 46.37 26.61
CA ARG D 43 1.59 46.39 27.78
C ARG D 43 0.41 47.33 27.54
N TRP D 44 -0.77 46.88 27.94
CA TRP D 44 -1.96 47.73 27.90
C TRP D 44 -1.96 48.63 29.14
N SER D 45 -2.03 49.94 28.92
CA SER D 45 -1.98 50.89 30.01
C SER D 45 -2.75 52.14 29.63
N CYS D 46 -3.15 52.91 30.65
CA CYS D 46 -3.77 54.20 30.40
C CYS D 46 -2.79 55.19 29.79
N GLU D 47 -1.49 54.92 29.89
CA GLU D 47 -0.50 55.81 29.30
C GLU D 47 -0.41 55.66 27.79
N ARG D 48 -0.68 54.46 27.27
CA ARG D 48 -0.46 54.18 25.86
C ARG D 48 -1.24 55.15 24.98
N PHE D 49 -0.57 55.71 23.97
CA PHE D 49 -1.20 56.66 23.07
C PHE D 49 -2.31 56.01 22.26
N SER D 50 -2.11 54.76 21.81
CA SER D 50 -2.92 54.14 20.77
C SER D 50 -2.89 54.94 19.48
N THR D 51 -1.79 55.65 19.26
CA THR D 51 -1.59 56.46 18.06
C THR D 51 -0.11 56.83 17.99
N SER D 52 0.33 57.16 16.77
CA SER D 52 1.75 57.14 16.43
C SER D 52 2.47 58.44 16.82
N GLN D 53 2.54 58.70 18.13
CA GLN D 53 3.44 59.73 18.63
C GLN D 53 4.05 59.29 19.95
N VAL D 54 5.18 59.93 20.29
CA VAL D 54 5.98 59.57 21.45
C VAL D 54 6.44 60.86 22.12
N LEU D 55 6.97 60.72 23.34
CA LEU D 55 7.46 61.83 24.13
C LEU D 55 8.91 61.58 24.52
N CYS D 56 9.68 62.65 24.64
CA CYS D 56 11.04 62.54 25.15
C CYS D 56 11.04 62.18 26.63
N SER D 57 12.03 61.39 27.04
CA SER D 57 12.09 60.93 28.42
C SER D 57 12.33 62.08 29.38
N GLN D 58 13.25 62.98 29.04
CA GLN D 58 13.63 64.05 29.96
C GLN D 58 12.48 65.03 30.17
N ALA D 59 12.25 65.39 31.43
CA ALA D 59 11.28 66.42 31.77
C ALA D 59 11.96 67.77 31.78
N LEU D 60 11.18 68.82 31.51
CA LEU D 60 11.71 70.17 31.37
C LEU D 60 10.85 71.12 32.17
N SER D 61 11.38 71.60 33.29
CA SER D 61 10.67 72.55 34.14
C SER D 61 11.26 73.95 34.01
N LYS D 64 15.64 77.09 29.19
CA LYS D 64 17.06 77.19 28.91
C LYS D 64 17.60 75.89 28.36
N HIS D 65 16.82 75.22 27.51
CA HIS D 65 17.16 73.92 26.98
C HIS D 65 16.93 73.89 25.48
N TYR D 66 17.86 73.25 24.75
CA TYR D 66 17.84 73.23 23.30
C TYR D 66 18.07 71.81 22.81
N TRP D 67 17.29 71.40 21.81
CA TRP D 67 17.41 70.06 21.25
C TRP D 67 16.87 70.08 19.83
N GLU D 68 17.56 69.36 18.94
CA GLU D 68 17.22 69.42 17.52
C GLU D 68 17.16 68.03 16.89
N VAL D 69 16.26 67.90 15.92
CA VAL D 69 15.91 66.64 15.28
C VAL D 69 16.04 66.85 13.77
N ASP D 70 16.25 65.75 13.03
CA ASP D 70 16.28 65.88 11.58
C ASP D 70 14.95 65.41 10.98
N THR D 71 14.54 66.04 9.89
CA THR D 71 13.36 65.65 9.16
C THR D 71 13.68 64.87 7.88
N ARG D 72 14.96 64.67 7.59
CA ARG D 72 15.34 63.76 6.52
C ARG D 72 14.83 62.36 6.83
N ASN D 73 14.28 61.71 5.82
CA ASN D 73 13.64 60.40 5.98
C ASN D 73 12.51 60.48 7.01
N SER D 75 8.89 61.64 6.38
CA SER D 75 7.82 61.73 5.37
C SER D 75 6.78 62.76 5.78
N HIS D 76 6.06 62.45 6.86
CA HIS D 76 5.09 63.38 7.45
C HIS D 76 5.30 63.37 8.95
N TRP D 77 5.55 64.54 9.53
CA TRP D 77 6.03 64.61 10.90
C TRP D 77 5.47 65.85 11.58
N ALA D 78 5.45 65.79 12.91
CA ALA D 78 5.11 66.93 13.75
C ALA D 78 6.01 66.90 14.98
N VAL D 79 6.57 68.05 15.33
CA VAL D 79 7.45 68.17 16.49
C VAL D 79 7.00 69.36 17.31
N GLY D 80 6.93 69.20 18.63
CA GLY D 80 6.51 70.29 19.46
C GLY D 80 6.71 70.01 20.93
N VAL D 81 5.94 70.71 21.75
CA VAL D 81 6.03 70.62 23.20
C VAL D 81 4.67 70.25 23.76
N ALA D 82 4.67 69.42 24.81
CA ALA D 82 3.41 68.99 25.40
C ALA D 82 3.62 68.68 26.88
N SER D 83 2.56 68.89 27.66
CA SER D 83 2.58 68.60 29.08
C SER D 83 2.17 67.15 29.34
N TRP D 84 2.43 66.69 30.56
CA TRP D 84 2.02 65.34 30.94
C TRP D 84 0.50 65.24 31.09
N GLU D 85 -0.15 66.32 31.52
CA GLU D 85 -1.60 66.31 31.74
C GLU D 85 -2.40 66.25 30.45
N MET D 86 -1.77 66.11 29.29
CA MET D 86 -2.50 66.00 28.04
C MET D 86 -3.25 64.67 27.98
N SER D 87 -4.37 64.67 27.25
CA SER D 87 -5.13 63.44 27.06
C SER D 87 -4.34 62.49 26.17
N ARG D 88 -4.31 61.21 26.57
CA ARG D 88 -3.55 60.22 25.82
C ARG D 88 -4.14 59.99 24.44
N ASP D 89 -5.47 59.88 24.35
CA ASP D 89 -6.13 59.64 23.08
C ASP D 89 -6.30 60.91 22.23
N GLN D 90 -6.01 62.08 22.79
CA GLN D 90 -6.16 63.31 22.04
C GLN D 90 -5.07 63.43 20.98
N VAL D 91 -5.38 64.19 19.93
CA VAL D 91 -4.43 64.37 18.84
C VAL D 91 -3.39 65.43 19.21
N LEU D 92 -2.13 65.16 18.85
CA LEU D 92 -1.04 66.05 19.19
C LEU D 92 -1.19 67.39 18.50
N GLY D 93 -0.88 68.46 19.22
CA GLY D 93 -0.84 69.80 18.65
C GLY D 93 -2.17 70.52 18.60
N ARG D 94 -3.27 69.86 18.96
CA ARG D 94 -4.58 70.50 18.90
C ARG D 94 -5.20 70.74 20.27
N THR D 95 -4.64 70.13 21.32
CA THR D 95 -5.16 70.30 22.66
C THR D 95 -4.48 71.48 23.35
N MET D 96 -4.85 71.71 24.61
CA MET D 96 -4.33 72.87 25.34
C MET D 96 -2.84 72.73 25.63
N ASP D 97 -2.41 71.56 26.10
CA ASP D 97 -1.06 71.41 26.62
C ASP D 97 0.00 71.37 25.52
N SER D 98 -0.37 71.29 24.25
CA SER D 98 0.58 71.04 23.17
C SER D 98 0.66 72.23 22.23
N CYS D 99 1.88 72.48 21.75
CA CYS D 99 2.12 73.46 20.69
C CYS D 99 3.22 72.91 19.80
N CYS D 100 2.95 72.78 18.51
CA CYS D 100 3.83 72.02 17.63
C CYS D 100 3.86 72.62 16.23
N VAL D 101 4.80 72.12 15.43
CA VAL D 101 4.94 72.45 14.02
C VAL D 101 4.91 71.14 13.25
N GLU D 102 4.10 71.08 12.20
CA GLU D 102 3.85 69.87 11.44
C GLU D 102 3.99 70.13 9.95
N TRP D 103 4.51 69.14 9.24
CA TRP D 103 4.62 69.18 7.78
C TRP D 103 3.42 68.42 7.22
N LYS D 104 2.35 69.17 6.93
CA LYS D 104 1.07 68.56 6.62
C LYS D 104 1.07 67.93 5.22
N GLY D 105 0.02 67.16 4.94
CA GLY D 105 -0.10 66.42 3.70
C GLY D 105 -0.21 67.26 2.46
N THR D 106 -0.47 68.57 2.60
CA THR D 106 -0.49 69.49 1.47
C THR D 106 0.89 70.02 1.12
N SER D 107 1.94 69.31 1.52
CA SER D 107 3.33 69.71 1.27
C SER D 107 3.61 71.11 1.84
N GLN D 108 3.11 71.37 3.03
CA GLN D 108 3.32 72.66 3.67
C GLN D 108 3.68 72.46 5.13
N LEU D 109 4.43 73.42 5.67
CA LEU D 109 4.80 73.47 7.07
C LEU D 109 3.92 74.46 7.79
N SER D 110 3.51 74.10 9.01
CA SER D 110 2.60 74.96 9.77
C SER D 110 2.88 74.82 11.26
N ALA D 111 2.47 75.84 12.00
CA ALA D 111 2.50 75.82 13.46
C ALA D 111 1.07 75.86 13.97
N TRP D 112 0.74 74.95 14.88
CA TRP D 112 -0.63 74.80 15.36
C TRP D 112 -0.77 75.33 16.78
N HIS D 113 -1.77 76.18 16.99
CA HIS D 113 -2.15 76.70 18.29
C HIS D 113 -3.56 76.20 18.59
N MET D 114 -4.08 76.56 19.77
CA MET D 114 -5.23 75.89 20.41
C MET D 114 -6.24 75.33 19.43
N VAL D 115 -6.67 76.12 18.46
CA VAL D 115 -7.53 75.63 17.38
C VAL D 115 -6.99 76.11 16.04
N LYS D 116 -6.04 77.04 16.07
CA LYS D 116 -5.61 77.73 14.87
C LYS D 116 -4.40 77.04 14.24
N GLU D 117 -4.14 77.40 12.98
CA GLU D 117 -3.04 76.82 12.21
C GLU D 117 -2.45 77.93 11.34
N THR D 118 -1.22 78.32 11.64
CA THR D 118 -0.49 79.31 10.85
C THR D 118 0.48 78.58 9.93
N VAL D 119 0.19 78.58 8.63
CA VAL D 119 0.98 77.85 7.65
C VAL D 119 1.96 78.82 6.99
N LEU D 120 3.16 78.33 6.68
CA LEU D 120 4.15 79.13 5.99
C LEU D 120 4.93 78.25 5.02
N ARG D 124 8.95 74.33 1.99
CA ARG D 124 10.34 73.91 2.11
C ARG D 124 10.67 73.43 3.51
N PRO D 125 10.61 72.12 3.73
CA PRO D 125 10.93 71.56 5.04
C PRO D 125 12.43 71.53 5.27
N GLY D 126 12.81 71.15 6.49
CA GLY D 126 14.22 71.07 6.81
C GLY D 126 14.44 70.48 8.19
N VAL D 127 15.72 70.30 8.52
CA VAL D 127 16.11 69.81 9.83
C VAL D 127 15.83 70.88 10.87
N VAL D 128 15.15 70.50 11.96
CA VAL D 128 14.56 71.48 12.85
C VAL D 128 15.20 71.39 14.22
N GLY D 129 15.00 72.45 15.00
CA GLY D 129 15.52 72.52 16.36
C GLY D 129 14.58 73.34 17.21
N ILE D 130 14.58 73.05 18.50
CA ILE D 130 13.71 73.71 19.47
C ILE D 130 14.56 74.25 20.60
N TRP D 131 14.41 75.55 20.88
CA TRP D 131 15.10 76.19 22.00
C TRP D 131 14.04 76.83 22.89
N LEU D 132 14.06 76.45 24.16
CA LEU D 132 13.05 76.90 25.12
C LEU D 132 13.72 77.57 26.29
N ASN D 133 13.05 78.60 26.82
CA ASN D 133 13.46 79.20 28.09
C ASN D 133 12.23 79.51 28.94
N LEU D 134 11.97 78.62 29.90
CA LEU D 134 10.80 78.76 30.75
C LEU D 134 10.88 79.98 31.64
N GLU D 135 12.09 80.35 32.10
CA GLU D 135 12.22 81.56 32.90
C GLU D 135 11.81 82.79 32.12
N GLU D 136 12.20 82.88 30.85
CA GLU D 136 11.65 83.87 29.94
C GLU D 136 10.38 83.38 29.25
N GLY D 137 10.06 82.10 29.37
CA GLY D 137 8.83 81.55 28.81
C GLY D 137 8.71 81.70 27.31
N LYS D 138 9.80 81.52 26.58
CA LYS D 138 9.80 81.67 25.13
C LYS D 138 10.14 80.35 24.47
N LEU D 139 9.44 80.08 23.35
CA LEU D 139 9.63 78.90 22.54
C LEU D 139 10.08 79.31 21.16
N ALA D 140 11.18 78.73 20.67
CA ALA D 140 11.72 79.09 19.36
C ALA D 140 11.98 77.84 18.55
N PHE D 141 11.56 77.86 17.28
CA PHE D 141 11.81 76.79 16.34
C PHE D 141 12.78 77.27 15.27
N TYR D 142 13.69 76.39 14.87
CA TYR D 142 14.78 76.73 13.97
C TYR D 142 14.90 75.68 12.87
N SER D 143 15.45 76.12 11.74
CA SER D 143 15.81 75.24 10.64
C SER D 143 17.29 75.41 10.36
N VAL D 144 18.01 74.30 10.26
CA VAL D 144 19.45 74.32 10.01
C VAL D 144 19.68 74.19 8.51
N ASP D 145 20.49 75.09 7.96
CA ASP D 145 20.77 75.08 6.53
C ASP D 145 22.28 75.11 6.27
N GLU D 148 22.17 79.03 9.64
CA GLU D 148 20.91 78.32 9.79
C GLU D 148 19.73 79.21 9.42
N LYS D 149 18.54 78.84 9.89
CA LYS D 149 17.32 79.57 9.59
C LYS D 149 16.40 79.56 10.80
N LEU D 150 15.40 80.44 10.78
CA LEU D 150 14.47 80.61 11.88
C LEU D 150 13.06 80.21 11.46
N LEU D 151 12.32 79.62 12.39
CA LEU D 151 10.92 79.31 12.21
C LEU D 151 10.08 80.16 13.17
N TYR D 152 8.78 79.90 13.20
CA TYR D 152 7.87 80.70 14.01
C TYR D 152 8.24 80.60 15.49
N GLU D 153 8.25 81.75 16.16
CA GLU D 153 8.60 81.85 17.58
C GLU D 153 7.39 82.33 18.37
N CYS D 154 7.22 81.80 19.58
CA CYS D 154 6.06 82.13 20.40
C CYS D 154 6.49 82.35 21.83
N THR D 155 5.58 82.91 22.63
CA THR D 155 5.81 83.20 24.04
C THR D 155 4.84 82.35 24.86
N ILE D 156 5.29 81.15 25.22
CA ILE D 156 4.48 80.20 25.98
C ILE D 156 5.29 79.69 27.16
N SER D 157 4.71 79.78 28.36
CA SER D 157 5.31 79.23 29.56
C SER D 157 4.26 78.40 30.28
N ALA D 158 4.61 77.17 30.64
CA ALA D 158 3.69 76.23 31.25
C ALA D 158 4.04 76.00 32.71
N SER D 159 3.01 75.92 33.56
CA SER D 159 3.23 75.65 34.97
C SER D 159 3.79 74.25 35.18
N SER D 160 3.15 73.24 34.59
CA SER D 160 3.60 71.87 34.65
C SER D 160 4.82 71.68 33.73
N PRO D 161 5.82 70.91 34.17
CA PRO D 161 6.99 70.71 33.30
C PRO D 161 6.64 69.91 32.06
N LEU D 162 7.32 70.23 30.97
CA LEU D 162 6.93 69.79 29.64
C LEU D 162 7.89 68.75 29.10
N TYR D 163 7.49 68.14 27.98
CA TYR D 163 8.30 67.18 27.27
C TYR D 163 8.19 67.47 25.77
N PRO D 164 9.26 67.23 25.02
CA PRO D 164 9.15 67.23 23.55
C PRO D 164 8.21 66.11 23.11
N ALA D 165 7.32 66.45 22.19
CA ALA D 165 6.31 65.52 21.66
C ALA D 165 6.50 65.40 20.17
N PHE D 166 6.65 64.17 19.69
CA PHE D 166 6.98 63.90 18.28
C PHE D 166 5.94 62.93 17.72
N TRP D 167 5.25 63.35 16.65
CA TRP D 167 4.32 62.47 15.96
C TRP D 167 4.90 62.13 14.59
N LEU D 168 4.89 60.85 14.26
CA LEU D 168 5.41 60.36 12.98
C LEU D 168 4.26 59.79 12.17
N TYR D 169 4.42 59.82 10.84
CA TYR D 169 3.41 59.26 9.95
C TYR D 169 3.35 57.75 10.18
N GLY D 170 2.16 57.21 10.41
CA GLY D 170 2.04 55.84 10.86
C GLY D 170 1.78 54.78 9.80
N LEU D 171 1.84 55.12 8.51
CA LEU D 171 1.51 54.17 7.47
C LEU D 171 2.57 54.04 6.38
N HIS D 172 3.67 54.78 6.46
CA HIS D 172 4.71 54.75 5.45
C HIS D 172 5.91 54.01 6.01
N PRO D 173 5.99 52.69 5.84
CA PRO D 173 7.09 51.92 6.44
C PRO D 173 8.43 52.36 5.88
N GLY D 174 9.46 52.26 6.72
CA GLY D 174 10.77 52.74 6.37
C GLY D 174 10.99 54.21 6.64
N ASN D 175 10.08 54.87 7.33
CA ASN D 175 10.21 56.28 7.70
C ASN D 175 10.68 56.35 9.15
N TYR D 176 11.86 56.91 9.37
CA TYR D 176 12.45 56.96 10.70
C TYR D 176 12.81 58.41 11.05
N LEU D 177 12.88 58.67 12.34
CA LEU D 177 13.23 59.97 12.89
C LEU D 177 14.39 59.80 13.85
N ILE D 178 15.40 60.66 13.71
CA ILE D 178 16.51 60.70 14.66
C ILE D 178 16.67 62.13 15.17
N ILE D 179 16.75 62.24 16.49
CA ILE D 179 17.19 63.47 17.13
C ILE D 179 18.71 63.56 16.94
N LYS D 180 19.17 64.67 16.37
CA LYS D 180 20.58 64.83 16.09
C LYS D 180 21.23 65.58 17.24
N GLN D 181 22.41 65.13 17.63
CA GLN D 181 23.08 65.60 18.84
C GLN D 181 24.30 66.42 18.44
N VAL D 182 24.08 67.70 18.21
CA VAL D 182 25.19 68.59 17.91
C VAL D 182 25.93 68.95 19.20
N LYS D 183 27.15 69.48 19.03
CA LYS D 183 27.99 69.86 20.14
C LYS D 183 28.49 71.28 19.96
N VAL D 184 28.84 71.91 21.07
CA VAL D 184 29.34 73.28 21.05
C VAL D 184 30.85 73.28 20.81
N SER E 36 9.19 -36.13 21.37
CA SER E 36 8.77 -36.53 22.71
C SER E 36 8.28 -37.99 22.80
N PRO E 37 7.37 -38.43 21.92
CA PRO E 37 6.88 -39.81 22.03
C PRO E 37 7.92 -40.86 21.71
N PHE E 38 9.06 -40.49 21.13
CA PHE E 38 10.08 -41.47 20.80
C PHE E 38 10.77 -41.96 22.07
N LYS E 39 10.73 -43.27 22.30
CA LYS E 39 11.38 -43.88 23.45
C LYS E 39 12.73 -44.43 23.05
N PRO E 40 13.82 -43.95 23.63
CA PRO E 40 15.16 -44.46 23.25
C PRO E 40 15.27 -45.95 23.48
N ARG E 41 15.77 -46.66 22.48
CA ARG E 41 16.05 -48.08 22.60
C ARG E 41 17.48 -48.31 23.09
N ASN E 42 17.74 -49.54 23.53
CA ASN E 42 18.99 -49.88 24.20
C ASN E 42 20.18 -49.69 23.27
N TYR E 43 20.07 -50.19 22.03
CA TYR E 43 21.22 -50.19 21.13
C TYR E 43 21.63 -48.76 20.77
N GLN E 44 20.68 -47.82 20.80
CA GLN E 44 21.02 -46.42 20.57
C GLN E 44 21.93 -45.90 21.67
N LEU E 45 21.62 -46.23 22.93
CA LEU E 45 22.49 -45.83 24.02
C LEU E 45 23.86 -46.49 23.89
N GLU E 46 23.88 -47.78 23.51
CA GLU E 46 25.15 -48.47 23.33
C GLU E 46 26.01 -47.78 22.28
N LEU E 47 25.41 -47.45 21.13
CA LEU E 47 26.16 -46.74 20.09
C LEU E 47 26.59 -45.36 20.56
N ALA E 48 25.75 -44.68 21.34
CA ALA E 48 26.05 -43.32 21.77
C ALA E 48 27.23 -43.29 22.72
N LEU E 49 27.38 -44.31 23.58
CA LEU E 49 28.35 -44.31 24.67
C LEU E 49 29.72 -43.73 24.34
N PRO E 50 30.46 -44.27 23.35
CA PRO E 50 31.82 -43.74 23.10
C PRO E 50 31.82 -42.28 22.70
N ALA E 51 30.84 -41.86 21.88
CA ALA E 51 30.74 -40.45 21.53
C ALA E 51 30.41 -39.60 22.77
N MET E 52 29.50 -40.09 23.62
CA MET E 52 29.20 -39.41 24.87
C MET E 52 30.47 -39.17 25.69
N LYS E 53 31.37 -40.15 25.70
CA LYS E 53 32.63 -39.98 26.43
C LYS E 53 33.44 -38.81 25.89
N GLY E 54 33.53 -38.68 24.57
CA GLY E 54 34.15 -37.52 23.95
C GLY E 54 35.33 -37.82 23.06
N LYS E 55 35.33 -39.00 22.44
CA LYS E 55 36.33 -39.34 21.43
C LYS E 55 35.72 -39.23 20.04
N ASN E 56 36.55 -38.88 19.07
CA ASN E 56 36.10 -38.82 17.68
C ASN E 56 35.82 -40.22 17.19
N THR E 57 34.59 -40.48 16.77
CA THR E 57 34.14 -41.86 16.57
C THR E 57 33.41 -42.02 15.25
N ILE E 58 33.37 -43.27 14.80
CA ILE E 58 32.58 -43.70 13.65
C ILE E 58 31.54 -44.69 14.13
N ILE E 59 30.31 -44.54 13.64
CA ILE E 59 29.21 -45.43 13.98
C ILE E 59 28.86 -46.23 12.73
N CYS E 60 28.86 -47.55 12.85
CA CYS E 60 28.53 -48.44 11.75
C CYS E 60 27.35 -49.32 12.17
N ALA E 61 26.20 -49.08 11.57
CA ALA E 61 24.97 -49.79 11.92
C ALA E 61 24.19 -50.12 10.65
N PRO E 62 23.39 -51.18 10.68
CA PRO E 62 22.58 -51.51 9.50
C PRO E 62 21.56 -50.43 9.20
N THR E 63 21.13 -50.39 7.95
CA THR E 63 20.19 -49.37 7.51
C THR E 63 18.86 -49.50 8.25
N GLY E 64 18.30 -48.34 8.63
CA GLY E 64 17.00 -48.29 9.26
C GLY E 64 16.97 -48.38 10.76
N CYS E 65 18.12 -48.57 11.41
CA CYS E 65 18.13 -48.69 12.87
C CYS E 65 17.86 -47.38 13.58
N GLY E 66 17.84 -46.25 12.87
CA GLY E 66 17.59 -44.97 13.49
C GLY E 66 18.82 -44.25 13.98
N LYS E 67 19.86 -44.21 13.14
CA LYS E 67 21.07 -43.48 13.51
C LYS E 67 20.81 -41.99 13.69
N THR E 68 19.76 -41.47 13.03
CA THR E 68 19.41 -40.06 13.21
C THR E 68 19.06 -39.76 14.66
N PHE E 69 18.29 -40.64 15.30
CA PHE E 69 17.98 -40.45 16.71
C PHE E 69 19.23 -40.55 17.58
N VAL E 70 20.17 -41.41 17.18
CA VAL E 70 21.44 -41.51 17.90
C VAL E 70 22.18 -40.17 17.82
N SER E 71 22.20 -39.57 16.63
CA SER E 71 22.79 -38.24 16.49
C SER E 71 22.07 -37.22 17.35
N LEU E 72 20.74 -37.29 17.39
CA LEU E 72 19.97 -36.40 18.27
C LEU E 72 20.45 -36.51 19.71
N LEU E 73 20.55 -37.74 20.22
CA LEU E 73 20.91 -37.93 21.62
C LEU E 73 22.34 -37.47 21.89
N ILE E 74 23.27 -37.79 20.98
CA ILE E 74 24.65 -37.37 21.19
C ILE E 74 24.74 -35.85 21.19
N CYS E 75 24.07 -35.19 20.25
CA CYS E 75 24.09 -33.74 20.20
C CYS E 75 23.50 -33.12 21.46
N GLU E 76 22.37 -33.65 21.92
CA GLU E 76 21.73 -33.11 23.12
C GLU E 76 22.65 -33.25 24.33
N HIS E 77 23.20 -34.45 24.54
CA HIS E 77 24.06 -34.66 25.70
C HIS E 77 25.31 -33.79 25.62
N HIS E 78 25.91 -33.67 24.43
CA HIS E 78 27.12 -32.86 24.31
C HIS E 78 26.83 -31.39 24.56
N LEU E 79 25.71 -30.88 24.04
CA LEU E 79 25.41 -29.46 24.21
C LEU E 79 25.03 -29.13 25.64
N LYS E 80 24.24 -30.00 26.29
CA LYS E 80 23.82 -29.71 27.66
C LYS E 80 24.97 -29.79 28.66
N LYS E 81 26.10 -30.40 28.28
CA LYS E 81 27.20 -30.59 29.21
C LYS E 81 27.87 -29.28 29.61
N PHE E 82 27.87 -28.29 28.72
CA PHE E 82 28.64 -27.08 28.95
C PHE E 82 28.12 -26.31 30.17
N PRO E 83 29.01 -25.62 30.88
CA PRO E 83 28.58 -24.83 32.03
C PRO E 83 27.96 -23.50 31.60
N GLN E 84 27.38 -22.82 32.58
CA GLN E 84 26.74 -21.54 32.32
C GLN E 84 27.76 -20.51 31.86
N GLY E 85 27.32 -19.62 30.96
CA GLY E 85 28.19 -18.62 30.39
C GLY E 85 29.00 -19.08 29.19
N GLN E 86 29.03 -20.38 28.91
CA GLN E 86 29.75 -20.93 27.78
C GLN E 86 28.80 -21.78 26.94
N LYS E 87 28.92 -21.67 25.62
CA LYS E 87 28.06 -22.41 24.70
C LYS E 87 28.89 -22.89 23.52
N GLY E 88 28.37 -23.92 22.85
CA GLY E 88 29.05 -24.49 21.71
C GLY E 88 28.10 -24.66 20.55
N LYS E 89 28.69 -24.89 19.37
CA LYS E 89 27.95 -24.98 18.13
C LYS E 89 27.94 -26.41 17.61
N VAL E 90 26.98 -26.70 16.74
CA VAL E 90 26.82 -28.02 16.15
C VAL E 90 26.59 -27.84 14.65
N VAL E 91 27.27 -28.67 13.86
CA VAL E 91 27.22 -28.58 12.41
C VAL E 91 26.78 -29.94 11.86
N PHE E 92 25.89 -29.93 10.87
CA PHE E 92 25.40 -31.17 10.30
C PHE E 92 25.30 -31.04 8.78
N PHE E 93 25.97 -31.94 8.07
CA PHE E 93 26.00 -31.92 6.61
C PHE E 93 25.06 -32.95 6.00
N ALA E 94 24.96 -32.89 4.67
CA ALA E 94 24.19 -33.82 3.87
C ALA E 94 24.54 -33.55 2.41
N ASN E 95 24.46 -34.60 1.58
CA ASN E 95 24.90 -34.45 0.19
C ASN E 95 23.78 -33.94 -0.71
N GLN E 96 22.62 -34.60 -0.67
CA GLN E 96 21.53 -34.29 -1.59
C GLN E 96 20.48 -33.41 -0.90
N ILE E 97 19.81 -32.61 -1.72
CA ILE E 97 18.90 -31.59 -1.17
C ILE E 97 17.74 -32.21 -0.40
N PRO E 98 17.02 -33.21 -0.90
CA PRO E 98 15.90 -33.75 -0.09
C PRO E 98 16.34 -34.27 1.27
N VAL E 99 17.52 -34.90 1.33
CA VAL E 99 18.04 -35.35 2.61
C VAL E 99 18.28 -34.16 3.52
N TYR E 100 18.89 -33.09 2.98
CA TYR E 100 19.06 -31.85 3.71
C TYR E 100 17.73 -31.36 4.30
N GLU E 101 16.68 -31.33 3.48
CA GLU E 101 15.40 -30.82 3.93
C GLU E 101 14.82 -31.66 5.06
N GLN E 102 14.84 -32.99 4.89
CA GLN E 102 14.25 -33.83 5.93
C GLN E 102 15.04 -33.79 7.22
N GLN E 103 16.37 -33.74 7.14
CA GLN E 103 17.16 -33.62 8.37
C GLN E 103 16.89 -32.30 9.06
N LYS E 104 16.79 -31.21 8.29
CA LYS E 104 16.47 -29.92 8.90
C LYS E 104 15.12 -29.97 9.60
N SER E 105 14.13 -30.57 8.95
CA SER E 105 12.80 -30.67 9.58
C SER E 105 12.85 -31.48 10.86
N VAL E 106 13.59 -32.60 10.85
CA VAL E 106 13.66 -33.45 12.03
C VAL E 106 14.30 -32.70 13.19
N PHE E 107 15.43 -32.03 12.92
CA PHE E 107 16.10 -31.28 13.99
C PHE E 107 15.21 -30.16 14.51
N SER E 108 14.54 -29.44 13.61
CA SER E 108 13.68 -28.35 14.03
C SER E 108 12.55 -28.84 14.93
N LYS E 109 11.91 -29.95 14.55
CA LYS E 109 10.82 -30.46 15.37
C LYS E 109 11.32 -30.96 16.72
N TYR E 110 12.49 -31.61 16.75
CA TYR E 110 12.95 -32.14 18.03
C TYR E 110 13.39 -31.03 18.99
N PHE E 111 14.22 -30.10 18.52
CA PHE E 111 14.86 -29.16 19.44
C PHE E 111 14.08 -27.87 19.66
N GLU E 112 12.81 -27.82 19.26
CA GLU E 112 12.02 -26.61 19.52
C GLU E 112 11.75 -26.42 21.00
N ARG E 113 11.57 -27.53 21.74
CA ARG E 113 11.10 -27.42 23.12
C ARG E 113 12.18 -26.93 24.06
N HIS E 114 13.44 -27.33 23.81
CA HIS E 114 14.53 -26.87 24.67
C HIS E 114 14.85 -25.39 24.43
N GLY E 115 14.37 -24.85 23.32
CA GLY E 115 14.60 -23.45 23.00
C GLY E 115 15.87 -23.16 22.24
N TYR E 116 16.66 -24.17 21.91
CA TYR E 116 17.85 -23.99 21.09
C TYR E 116 17.43 -23.51 19.71
N ARG E 117 18.19 -22.58 19.13
CA ARG E 117 17.85 -22.05 17.82
C ARG E 117 18.64 -22.79 16.73
N VAL E 118 17.92 -23.42 15.81
CA VAL E 118 18.53 -24.12 14.70
C VAL E 118 18.34 -23.29 13.44
N THR E 119 19.14 -23.61 12.42
CA THR E 119 18.99 -22.96 11.12
C THR E 119 19.70 -23.79 10.07
N GLY E 120 19.48 -23.42 8.81
CA GLY E 120 20.09 -24.12 7.70
C GLY E 120 20.53 -23.17 6.62
N ILE E 121 21.48 -23.63 5.82
CA ILE E 121 21.95 -22.93 4.63
C ILE E 121 22.00 -23.95 3.50
N SER E 122 21.83 -23.47 2.27
CA SER E 122 21.80 -24.35 1.11
C SER E 122 21.93 -23.48 -0.13
N GLY E 123 21.79 -24.12 -1.30
CA GLY E 123 21.73 -23.34 -2.53
C GLY E 123 20.39 -22.68 -2.73
N ALA E 124 19.40 -23.08 -1.93
CA ALA E 124 18.05 -22.53 -2.07
C ALA E 124 18.00 -21.07 -1.64
N THR E 125 18.56 -20.75 -0.48
CA THR E 125 18.46 -19.40 0.06
C THR E 125 19.05 -18.38 -0.89
N ALA E 126 18.24 -17.39 -1.26
CA ALA E 126 18.65 -16.33 -2.18
C ALA E 126 18.84 -15.03 -1.41
N GLU E 127 19.81 -14.23 -1.85
CA GLU E 127 20.19 -12.99 -1.17
C GLU E 127 20.48 -13.27 0.31
N ASN E 128 21.16 -14.38 0.56
CA ASN E 128 21.38 -14.85 1.92
C ASN E 128 22.12 -13.80 2.75
N VAL E 129 21.67 -13.64 3.99
CA VAL E 129 22.41 -12.85 4.97
C VAL E 129 23.82 -13.41 5.10
N PRO E 130 24.87 -12.59 5.19
CA PRO E 130 26.22 -13.16 5.24
C PRO E 130 26.41 -14.15 6.38
N VAL E 131 27.00 -15.30 6.05
CA VAL E 131 27.10 -16.43 6.98
C VAL E 131 28.00 -16.19 8.17
N GLU E 132 28.95 -15.25 8.03
CA GLU E 132 29.98 -15.01 9.05
C GLU E 132 29.38 -14.89 10.44
N GLN E 133 28.12 -14.51 10.53
CA GLN E 133 27.46 -14.38 11.81
C GLN E 133 26.19 -15.20 11.93
N ILE E 134 25.63 -15.70 10.83
CA ILE E 134 24.51 -16.62 10.98
C ILE E 134 25.04 -17.91 11.57
N VAL E 135 26.36 -18.12 11.50
CA VAL E 135 26.97 -19.17 12.30
C VAL E 135 26.94 -18.80 13.78
N GLU E 136 27.21 -17.53 14.11
CA GLU E 136 27.32 -17.14 15.52
C GLU E 136 25.94 -17.05 16.19
N ASN E 137 24.91 -16.70 15.43
CA ASN E 137 23.62 -16.41 16.03
C ASN E 137 22.92 -17.66 16.53
N ASN E 138 23.11 -18.78 15.83
CA ASN E 138 22.34 -19.99 16.07
C ASN E 138 23.20 -21.05 16.76
N ASP E 139 22.54 -22.09 17.27
CA ASP E 139 23.26 -23.19 17.91
C ASP E 139 23.54 -24.30 16.91
N ILE E 140 22.51 -24.84 16.28
CA ILE E 140 22.62 -25.94 15.34
C ILE E 140 22.52 -25.38 13.93
N ILE E 141 23.47 -25.75 13.07
CA ILE E 141 23.51 -25.26 11.70
C ILE E 141 23.58 -26.45 10.76
N ILE E 142 22.69 -26.46 9.77
CA ILE E 142 22.62 -27.52 8.77
C ILE E 142 23.18 -26.95 7.46
N LEU E 143 24.02 -27.73 6.79
CA LEU E 143 24.65 -27.25 5.57
C LEU E 143 24.78 -28.36 4.54
N THR E 144 25.30 -27.97 3.39
CA THR E 144 25.82 -28.84 2.36
C THR E 144 27.30 -28.52 2.20
N PRO E 145 28.19 -29.51 2.24
CA PRO E 145 29.61 -29.20 2.47
C PRO E 145 30.22 -28.23 1.49
N GLN E 146 29.69 -28.12 0.28
CA GLN E 146 30.25 -27.17 -0.68
C GLN E 146 30.18 -25.75 -0.16
N ILE E 147 29.13 -25.41 0.60
CA ILE E 147 29.04 -24.06 1.18
C ILE E 147 30.20 -23.81 2.12
N LEU E 148 30.46 -24.76 3.02
CA LEU E 148 31.55 -24.59 3.99
C LEU E 148 32.89 -24.51 3.28
N VAL E 149 33.10 -25.35 2.26
CA VAL E 149 34.36 -25.31 1.52
C VAL E 149 34.53 -23.97 0.82
N ASN E 150 33.45 -23.46 0.21
CA ASN E 150 33.51 -22.15 -0.43
C ASN E 150 33.91 -21.08 0.56
N ASN E 151 33.25 -21.05 1.72
CA ASN E 151 33.55 -20.01 2.69
C ASN E 151 34.96 -20.13 3.22
N LEU E 152 35.42 -21.35 3.47
CA LEU E 152 36.79 -21.55 3.96
C LEU E 152 37.81 -21.09 2.94
N LYS E 153 37.60 -21.42 1.66
CA LYS E 153 38.54 -21.00 0.63
C LYS E 153 38.54 -19.48 0.47
N LYS E 154 37.36 -18.85 0.52
CA LYS E 154 37.31 -17.40 0.45
C LYS E 154 37.88 -16.77 1.72
N GLY E 155 37.64 -17.39 2.87
CA GLY E 155 38.21 -16.93 4.11
C GLY E 155 37.28 -16.15 5.02
N THR E 156 35.99 -16.04 4.68
CA THR E 156 35.07 -15.30 5.54
C THR E 156 34.97 -15.95 6.92
N ILE E 157 34.86 -17.27 6.98
CA ILE E 157 34.94 -17.99 8.24
C ILE E 157 36.42 -18.19 8.57
N PRO E 158 36.92 -17.63 9.67
CA PRO E 158 38.36 -17.69 9.93
C PRO E 158 38.90 -19.10 10.10
N SER E 159 38.34 -19.88 11.01
CA SER E 159 38.89 -21.19 11.32
C SER E 159 37.79 -22.09 11.86
N LEU E 160 38.04 -23.39 11.80
CA LEU E 160 37.09 -24.39 12.25
C LEU E 160 36.88 -24.40 13.75
N SER E 161 37.74 -23.71 14.51
CA SER E 161 37.66 -23.72 15.96
C SER E 161 36.39 -23.07 16.50
N ILE E 162 35.64 -22.34 15.66
CA ILE E 162 34.37 -21.77 16.11
C ILE E 162 33.40 -22.86 16.52
N PHE E 163 33.58 -24.06 16.01
CA PHE E 163 32.70 -25.18 16.28
C PHE E 163 33.30 -26.09 17.35
N THR E 164 32.45 -26.94 17.92
CA THR E 164 32.88 -27.93 18.89
C THR E 164 32.46 -29.35 18.55
N LEU E 165 31.47 -29.55 17.68
CA LEU E 165 31.05 -30.88 17.28
C LEU E 165 30.72 -30.89 15.79
N MET E 166 31.32 -31.79 15.04
CA MET E 166 31.04 -31.95 13.62
C MET E 166 30.46 -33.34 13.38
N ILE E 167 29.26 -33.38 12.82
CA ILE E 167 28.56 -34.62 12.53
C ILE E 167 28.57 -34.83 11.03
N PHE E 168 29.03 -36.00 10.59
CA PHE E 168 29.12 -36.33 9.18
C PHE E 168 28.17 -37.49 8.88
N ASP E 169 27.06 -37.17 8.22
CA ASP E 169 26.14 -38.18 7.76
C ASP E 169 26.65 -38.82 6.48
N GLU E 170 26.33 -40.09 6.31
CA GLU E 170 26.80 -40.89 5.16
C GLU E 170 28.31 -40.75 4.99
N CYS E 171 29.03 -41.02 6.08
CA CYS E 171 30.44 -40.67 6.20
C CYS E 171 31.34 -41.48 5.29
N HIS E 172 30.82 -42.51 4.61
CA HIS E 172 31.67 -43.36 3.78
C HIS E 172 32.24 -42.63 2.57
N ASN E 173 31.77 -41.42 2.27
CA ASN E 173 32.20 -40.69 1.09
C ASN E 173 33.50 -39.93 1.30
N THR E 174 34.08 -39.99 2.50
CA THR E 174 35.34 -39.28 2.78
C THR E 174 36.47 -39.99 2.02
N SER E 175 36.78 -39.44 0.85
CA SER E 175 37.73 -40.06 -0.07
C SER E 175 38.36 -38.99 -0.94
N LYS E 176 38.99 -39.44 -2.03
CA LYS E 176 40.07 -38.75 -2.74
C LYS E 176 39.83 -37.25 -2.78
N GLN E 177 38.75 -36.77 -3.39
CA GLN E 177 38.52 -35.33 -3.53
C GLN E 177 37.11 -34.91 -3.13
N HIS E 178 36.37 -35.76 -2.43
CA HIS E 178 35.03 -35.39 -2.02
C HIS E 178 35.11 -34.26 -0.99
N PRO E 179 34.15 -33.33 -0.99
CA PRO E 179 34.29 -32.15 -0.11
C PRO E 179 34.45 -32.49 1.36
N TYR E 180 33.84 -33.57 1.84
CA TYR E 180 34.07 -34.03 3.20
C TYR E 180 35.56 -34.17 3.47
N ASN E 181 36.28 -34.80 2.55
CA ASN E 181 37.70 -35.01 2.71
C ASN E 181 38.48 -33.71 2.66
N MET E 182 38.03 -32.71 1.91
CA MET E 182 38.71 -31.42 1.93
C MET E 182 38.52 -30.72 3.28
N ILE E 183 37.31 -30.82 3.84
CA ILE E 183 37.10 -30.30 5.19
C ILE E 183 38.03 -30.99 6.17
N MET E 184 38.11 -32.31 6.11
CA MET E 184 39.06 -33.03 6.94
C MET E 184 40.51 -32.65 6.64
N PHE E 185 40.82 -32.29 5.40
CA PHE E 185 42.18 -31.87 5.09
C PHE E 185 42.52 -30.58 5.82
N ASN E 186 41.59 -29.63 5.83
CA ASN E 186 41.78 -28.42 6.63
C ASN E 186 41.95 -28.77 8.10
N TYR E 187 41.08 -29.65 8.61
CA TYR E 187 41.13 -30.05 10.01
C TYR E 187 42.50 -30.64 10.38
N LEU E 188 42.96 -31.60 9.59
CA LEU E 188 44.21 -32.29 9.91
C LEU E 188 45.42 -31.39 9.71
N ASP E 189 45.41 -30.58 8.65
CA ASP E 189 46.50 -29.64 8.43
C ASP E 189 46.60 -28.64 9.59
N GLN E 190 45.46 -28.29 10.19
CA GLN E 190 45.51 -27.43 11.37
C GLN E 190 46.05 -28.20 12.58
N LYS E 191 45.58 -29.44 12.78
CA LYS E 191 45.96 -30.16 14.00
C LYS E 191 47.44 -30.51 14.00
N LEU E 192 47.96 -31.06 12.90
CA LEU E 192 49.33 -31.56 12.90
C LEU E 192 50.34 -30.44 13.01
N GLY E 193 49.95 -29.23 12.62
CA GLY E 193 50.83 -28.08 12.76
C GLY E 193 50.38 -27.12 13.85
N GLY E 194 51.09 -27.12 14.97
CA GLY E 194 50.76 -26.25 16.08
C GLY E 194 49.43 -26.55 16.72
N GLY E 197 45.23 -23.77 18.45
CA GLY E 197 43.86 -23.54 18.87
C GLY E 197 43.09 -24.83 19.11
N PRO E 198 42.02 -24.75 19.89
CA PRO E 198 41.20 -25.94 20.15
C PRO E 198 40.51 -26.43 18.89
N LEU E 199 40.23 -27.73 18.88
CA LEU E 199 39.64 -28.38 17.72
C LEU E 199 38.41 -29.18 18.12
N PRO E 200 37.44 -29.31 17.21
CA PRO E 200 36.16 -29.92 17.58
C PRO E 200 36.13 -31.43 17.48
N GLN E 201 35.27 -32.02 18.30
CA GLN E 201 35.02 -33.46 18.23
C GLN E 201 34.37 -33.80 16.89
N VAL E 202 34.66 -35.01 16.41
CA VAL E 202 34.18 -35.46 15.10
C VAL E 202 33.43 -36.77 15.27
N ILE E 203 32.18 -36.80 14.79
CA ILE E 203 31.34 -37.98 14.80
C ILE E 203 30.95 -38.28 13.37
N GLY E 204 31.02 -39.55 12.98
CA GLY E 204 30.58 -39.97 11.67
C GLY E 204 29.57 -41.10 11.77
N LEU E 205 28.63 -41.09 10.83
CA LEU E 205 27.65 -42.15 10.74
C LEU E 205 27.77 -42.85 9.40
N THR E 206 27.50 -44.15 9.38
CA THR E 206 27.50 -44.87 8.12
C THR E 206 26.63 -46.12 8.25
N ALA E 207 26.25 -46.65 7.10
CA ALA E 207 25.63 -47.97 6.99
C ALA E 207 26.52 -48.99 6.32
N SER E 208 27.55 -48.53 5.60
CA SER E 208 28.52 -49.43 4.98
C SER E 208 29.79 -48.61 4.74
N VAL E 209 30.86 -48.96 5.45
CA VAL E 209 32.10 -48.19 5.38
C VAL E 209 32.73 -48.31 4.00
N GLY E 210 32.38 -49.32 3.24
CA GLY E 210 32.94 -49.49 1.91
C GLY E 210 34.18 -50.35 1.97
N VAL E 211 34.36 -51.19 0.93
CA VAL E 211 35.49 -52.11 0.88
C VAL E 211 36.55 -51.66 -0.11
N GLY E 212 36.26 -50.66 -0.93
CA GLY E 212 37.23 -50.24 -1.93
C GLY E 212 37.39 -51.30 -2.99
N ASP E 213 38.63 -51.73 -3.22
CA ASP E 213 38.94 -52.74 -4.23
C ASP E 213 39.76 -53.89 -3.66
N ALA E 214 39.38 -54.38 -2.48
CA ALA E 214 40.13 -55.46 -1.85
C ALA E 214 39.93 -56.77 -2.60
N LYS E 215 40.98 -57.59 -2.60
CA LYS E 215 40.91 -58.95 -3.11
C LYS E 215 41.06 -59.98 -1.99
N ASN E 216 41.27 -59.52 -0.76
CA ASN E 216 41.41 -60.40 0.40
C ASN E 216 41.13 -59.57 1.64
N THR E 217 40.96 -60.27 2.77
CA THR E 217 40.62 -59.58 4.01
C THR E 217 41.66 -58.53 4.40
N ASP E 218 42.93 -58.78 4.08
CA ASP E 218 43.99 -57.84 4.45
C ASP E 218 43.78 -56.48 3.80
N GLU E 219 43.47 -56.46 2.50
CA GLU E 219 43.27 -55.18 1.83
C GLU E 219 42.01 -54.48 2.31
N ALA E 220 40.97 -55.24 2.65
CA ALA E 220 39.78 -54.63 3.24
C ALA E 220 40.12 -53.96 4.57
N LEU E 221 40.93 -54.63 5.38
CA LEU E 221 41.36 -54.05 6.65
C LEU E 221 42.19 -52.79 6.42
N ASP E 222 43.07 -52.82 5.43
CA ASP E 222 43.85 -51.65 5.07
C ASP E 222 42.96 -50.50 4.65
N TYR E 223 41.95 -50.78 3.82
CA TYR E 223 41.04 -49.74 3.36
C TYR E 223 40.28 -49.12 4.51
N ILE E 224 39.78 -49.95 5.43
CA ILE E 224 39.03 -49.44 6.56
C ILE E 224 39.93 -48.62 7.49
N CYS E 225 41.16 -49.08 7.71
CA CYS E 225 42.11 -48.31 8.51
C CYS E 225 42.39 -46.96 7.87
N LYS E 226 42.60 -46.94 6.55
CA LYS E 226 42.87 -45.67 5.86
C LYS E 226 41.67 -44.74 5.95
N LEU E 227 40.46 -45.28 5.82
CA LEU E 227 39.26 -44.47 5.96
C LEU E 227 39.18 -43.85 7.35
N CYS E 228 39.38 -44.66 8.39
CA CYS E 228 39.34 -44.15 9.76
C CYS E 228 40.41 -43.09 9.97
N ALA E 229 41.59 -43.28 9.38
CA ALA E 229 42.64 -42.28 9.49
C ALA E 229 42.24 -40.98 8.78
N SER E 230 41.54 -41.09 7.66
CA SER E 230 41.24 -39.91 6.86
C SER E 230 40.37 -38.92 7.62
N LEU E 231 39.60 -39.37 8.61
CA LEU E 231 38.73 -38.49 9.36
C LEU E 231 39.05 -38.46 10.85
N ASP E 232 40.19 -39.03 11.25
CA ASP E 232 40.71 -38.91 12.61
C ASP E 232 39.70 -39.43 13.63
N ALA E 233 39.46 -40.73 13.56
CA ALA E 233 38.58 -41.42 14.50
C ALA E 233 39.37 -42.51 15.21
N SER E 234 39.12 -42.67 16.50
CA SER E 234 39.81 -43.68 17.29
C SER E 234 38.95 -44.91 17.56
N VAL E 235 37.63 -44.77 17.51
CA VAL E 235 36.72 -45.85 17.90
C VAL E 235 35.71 -46.09 16.78
N ILE E 236 35.47 -47.36 16.48
CA ILE E 236 34.41 -47.79 15.59
C ILE E 236 33.37 -48.53 16.42
N ALA E 237 32.13 -48.06 16.37
CA ALA E 237 31.07 -48.58 17.21
C ALA E 237 30.07 -49.36 16.37
N THR E 238 29.85 -50.62 16.76
CA THR E 238 28.86 -51.48 16.15
C THR E 238 28.12 -52.22 17.25
N VAL E 239 26.82 -52.39 17.08
CA VAL E 239 25.97 -53.00 18.10
C VAL E 239 26.20 -54.51 18.12
N LYS E 240 26.55 -55.03 19.30
CA LYS E 240 26.66 -56.47 19.52
C LYS E 240 25.88 -57.00 20.71
N HIS E 241 25.82 -56.26 21.82
CA HIS E 241 25.20 -56.79 23.03
C HIS E 241 23.70 -56.99 22.85
N ASN E 242 23.03 -56.01 22.26
CA ASN E 242 21.58 -56.06 22.06
C ASN E 242 21.20 -56.52 20.65
N LEU E 243 22.01 -57.39 20.05
CA LEU E 243 21.77 -57.85 18.69
C LEU E 243 20.36 -58.41 18.52
N GLU E 244 19.98 -59.35 19.39
CA GLU E 244 18.68 -59.99 19.27
C GLU E 244 17.57 -58.95 19.20
N GLU E 245 17.65 -57.91 20.03
CA GLU E 245 16.72 -56.80 19.93
C GLU E 245 16.73 -56.21 18.52
N LEU E 246 17.91 -56.11 17.92
CA LEU E 246 18.01 -55.57 16.57
C LEU E 246 17.23 -56.41 15.57
N GLU E 247 17.29 -57.74 15.69
CA GLU E 247 16.64 -58.56 14.66
C GLU E 247 15.13 -58.34 14.60
N GLN E 248 14.43 -58.29 15.73
CA GLN E 248 12.99 -58.02 15.61
C GLN E 248 12.67 -56.53 15.51
N VAL E 249 13.62 -55.64 15.82
CA VAL E 249 13.38 -54.22 15.55
C VAL E 249 13.50 -53.91 14.07
N VAL E 250 14.53 -54.44 13.42
CA VAL E 250 14.86 -54.11 12.04
C VAL E 250 14.69 -55.35 11.19
N TYR E 251 13.91 -55.23 10.12
CA TYR E 251 13.69 -56.34 9.20
C TYR E 251 14.64 -56.23 8.02
N LYS E 252 15.42 -57.28 7.78
CA LYS E 252 16.34 -57.29 6.66
C LYS E 252 15.59 -57.55 5.35
N PRO E 253 15.70 -56.67 4.37
CA PRO E 253 15.04 -56.93 3.08
C PRO E 253 15.65 -58.10 2.35
N GLN E 254 14.85 -58.71 1.48
CA GLN E 254 15.24 -59.88 0.71
C GLN E 254 15.56 -59.48 -0.73
N LYS E 255 16.42 -60.26 -1.38
CA LYS E 255 16.98 -59.93 -2.67
C LYS E 255 16.57 -60.96 -3.71
N PHE E 256 16.36 -60.51 -4.96
CA PHE E 256 16.01 -61.41 -6.05
C PHE E 256 16.56 -60.87 -7.37
N PHE E 257 16.74 -61.79 -8.31
CA PHE E 257 17.30 -61.51 -9.63
C PHE E 257 16.30 -61.90 -10.69
N ARG E 258 16.27 -61.15 -11.80
CA ARG E 258 15.41 -61.46 -12.94
C ARG E 258 16.19 -61.20 -14.22
N LYS E 259 16.64 -62.29 -14.86
CA LYS E 259 17.28 -62.24 -16.16
C LYS E 259 16.21 -62.33 -17.24
N VAL E 260 16.28 -61.42 -18.21
CA VAL E 260 15.34 -61.38 -19.33
C VAL E 260 16.13 -61.55 -20.62
N GLU E 261 15.72 -62.51 -21.44
CA GLU E 261 16.34 -62.69 -22.74
C GLU E 261 15.79 -61.67 -23.74
N SER E 262 16.54 -61.45 -24.80
CA SER E 262 16.15 -60.52 -25.85
C SER E 262 15.55 -61.29 -27.02
N ARG E 263 14.92 -60.55 -27.93
CA ARG E 263 14.31 -61.19 -29.09
C ARG E 263 15.37 -61.57 -30.11
N ILE E 264 15.16 -62.72 -30.76
CA ILE E 264 16.09 -63.17 -31.80
C ILE E 264 15.95 -62.30 -33.04
N SER E 265 14.73 -61.93 -33.40
CA SER E 265 14.46 -61.17 -34.62
C SER E 265 13.83 -59.84 -34.25
N ASP E 266 14.49 -58.74 -34.61
CA ASP E 266 13.98 -57.40 -34.38
C ASP E 266 13.94 -56.67 -35.72
N LYS E 267 12.73 -56.37 -36.19
CA LYS E 267 12.58 -55.69 -37.46
C LYS E 267 13.22 -54.31 -37.43
N PHE E 268 12.93 -53.53 -36.38
CA PHE E 268 13.49 -52.19 -36.25
C PHE E 268 15.01 -52.23 -36.19
N LYS E 269 15.55 -53.14 -35.39
CA LYS E 269 17.00 -53.29 -35.31
C LYS E 269 17.59 -53.61 -36.67
N TYR E 270 16.97 -54.53 -37.39
CA TYR E 270 17.50 -54.93 -38.70
C TYR E 270 17.48 -53.78 -39.69
N ILE E 271 16.37 -53.04 -39.74
CA ILE E 271 16.26 -51.98 -40.74
C ILE E 271 17.18 -50.82 -40.39
N ILE E 272 17.29 -50.47 -39.11
CA ILE E 272 18.22 -49.41 -38.72
C ILE E 272 19.66 -49.85 -38.97
N ALA E 273 19.96 -51.13 -38.78
CA ALA E 273 21.30 -51.63 -39.09
C ALA E 273 21.58 -51.56 -40.59
N GLN E 274 20.57 -51.84 -41.40
CA GLN E 274 20.74 -51.68 -42.85
C GLN E 274 21.03 -50.24 -43.21
N LEU E 275 20.32 -49.29 -42.58
CA LEU E 275 20.64 -47.88 -42.77
C LEU E 275 22.06 -47.57 -42.31
N MET E 276 22.49 -48.19 -41.21
CA MET E 276 23.87 -48.04 -40.75
C MET E 276 24.86 -48.47 -41.83
N ARG E 277 24.62 -49.64 -42.41
CA ARG E 277 25.53 -50.16 -43.44
C ARG E 277 25.56 -49.23 -44.64
N ASP E 278 24.39 -48.73 -45.07
CA ASP E 278 24.34 -47.81 -46.20
C ASP E 278 25.09 -46.52 -45.91
N THR E 279 24.80 -45.90 -44.77
CA THR E 279 25.45 -44.64 -44.41
C THR E 279 26.95 -44.82 -44.23
N GLU E 280 27.36 -45.96 -43.67
CA GLU E 280 28.79 -46.24 -43.54
C GLU E 280 29.45 -46.37 -44.90
N SER E 281 28.78 -47.03 -45.85
CA SER E 281 29.34 -47.12 -47.20
C SER E 281 29.46 -45.73 -47.83
N LEU E 282 28.42 -44.90 -47.69
CA LEU E 282 28.48 -43.54 -48.19
C LEU E 282 29.68 -42.79 -47.60
N ALA E 283 29.82 -42.83 -46.27
CA ALA E 283 30.93 -42.14 -45.63
C ALA E 283 32.27 -42.69 -46.10
N LYS E 284 32.36 -44.02 -46.25
CA LYS E 284 33.59 -44.66 -46.69
C LYS E 284 34.01 -44.17 -48.08
N ARG E 285 33.04 -43.98 -48.97
CA ARG E 285 33.38 -43.71 -50.36
C ARG E 285 34.13 -42.39 -50.52
N ILE E 286 33.68 -41.33 -49.85
CA ILE E 286 34.34 -40.04 -49.99
C ILE E 286 35.75 -40.08 -49.44
N CYS E 287 35.92 -40.57 -48.22
CA CYS E 287 37.22 -40.54 -47.57
C CYS E 287 38.16 -41.58 -48.17
N LYS E 288 39.43 -41.19 -48.31
CA LYS E 288 40.43 -42.14 -48.80
C LYS E 288 40.60 -43.31 -47.84
N ASP E 289 40.66 -43.04 -46.54
CA ASP E 289 40.82 -44.08 -45.53
C ASP E 289 40.22 -43.51 -44.25
N LEU E 290 39.67 -44.39 -43.43
CA LEU E 290 39.21 -44.19 -42.09
C LEU E 290 38.97 -45.49 -41.15
N GLU E 291 39.48 -46.55 -41.79
CA GLU E 291 39.46 -47.87 -41.16
C GLU E 291 40.67 -47.62 -40.27
N ASN E 292 41.75 -47.08 -40.85
CA ASN E 292 43.03 -47.01 -40.14
C ASN E 292 43.12 -45.86 -39.15
N LEU E 293 42.19 -44.91 -39.18
CA LEU E 293 42.34 -43.73 -38.33
C LEU E 293 42.20 -44.06 -36.85
N SER E 294 41.33 -45.00 -36.49
CA SER E 294 41.07 -45.35 -35.10
C SER E 294 41.48 -46.80 -34.84
N GLN E 295 42.23 -47.01 -33.76
CA GLN E 295 42.68 -48.36 -33.41
C GLN E 295 41.54 -49.30 -33.07
N ILE E 296 40.35 -48.75 -32.78
CA ILE E 296 39.21 -49.59 -32.42
C ILE E 296 38.90 -50.58 -33.54
N GLN E 297 38.51 -51.79 -33.16
CA GLN E 297 38.28 -52.87 -34.11
C GLN E 297 36.98 -53.59 -33.76
N ASN E 298 36.37 -54.17 -34.79
CA ASN E 298 35.16 -54.99 -34.64
C ASN E 298 34.06 -54.22 -33.92
N ARG E 299 33.76 -53.04 -34.44
CA ARG E 299 32.77 -52.16 -33.81
C ARG E 299 31.36 -52.72 -34.00
N GLU E 300 30.69 -53.02 -32.90
CA GLU E 300 29.29 -53.39 -32.95
C GLU E 300 28.43 -52.14 -33.18
N PHE E 301 27.13 -52.36 -33.33
CA PHE E 301 26.26 -51.26 -33.72
C PHE E 301 25.70 -50.51 -32.52
N GLY E 302 25.21 -51.23 -31.52
CA GLY E 302 24.56 -50.59 -30.39
C GLY E 302 25.43 -50.39 -29.17
N THR E 303 26.75 -50.45 -29.33
CA THR E 303 27.67 -50.35 -28.21
C THR E 303 28.22 -48.94 -28.06
N GLN E 304 28.62 -48.62 -26.83
CA GLN E 304 29.29 -47.35 -26.56
C GLN E 304 30.64 -47.28 -27.24
N LYS E 305 31.25 -48.44 -27.51
CA LYS E 305 32.51 -48.46 -28.25
C LYS E 305 32.35 -47.86 -29.64
N TYR E 306 31.23 -48.16 -30.28
CA TYR E 306 30.91 -47.53 -31.58
C TYR E 306 30.80 -46.03 -31.44
N GLU E 307 30.15 -45.56 -30.37
CA GLU E 307 30.03 -44.12 -30.15
C GLU E 307 31.39 -43.48 -29.96
N GLN E 308 32.27 -44.14 -29.20
CA GLN E 308 33.63 -43.63 -29.05
C GLN E 308 34.35 -43.59 -30.39
N TRP E 309 34.13 -44.62 -31.22
CA TRP E 309 34.75 -44.63 -32.54
C TRP E 309 34.28 -43.44 -33.37
N ILE E 310 32.98 -43.16 -33.36
CA ILE E 310 32.43 -42.04 -34.11
C ILE E 310 33.03 -40.73 -33.61
N VAL E 311 33.12 -40.56 -32.29
CA VAL E 311 33.69 -39.35 -31.74
C VAL E 311 35.15 -39.20 -32.15
N THR E 312 35.90 -40.31 -32.11
CA THR E 312 37.30 -40.26 -32.53
C THR E 312 37.43 -39.90 -34.00
N VAL E 313 36.60 -40.48 -34.85
CA VAL E 313 36.65 -40.15 -36.27
C VAL E 313 36.34 -38.69 -36.50
N GLN E 314 35.32 -38.17 -35.81
CA GLN E 314 35.05 -36.73 -35.87
C GLN E 314 36.27 -35.92 -35.47
N LYS E 315 36.76 -36.12 -34.25
CA LYS E 315 37.84 -35.30 -33.74
C LYS E 315 39.14 -35.48 -34.53
N ALA E 316 39.24 -36.54 -35.33
CA ALA E 316 40.39 -36.72 -36.21
C ALA E 316 40.18 -36.13 -37.59
N CYS E 317 38.93 -36.04 -38.06
CA CYS E 317 38.64 -35.59 -39.41
C CYS E 317 38.40 -34.08 -39.49
N MET E 318 37.57 -33.51 -38.61
CA MET E 318 37.42 -32.06 -38.66
C MET E 318 38.73 -31.33 -38.33
N VAL E 319 39.69 -31.99 -37.72
CA VAL E 319 41.00 -31.38 -37.51
C VAL E 319 41.92 -31.59 -38.72
N PHE E 320 41.62 -32.57 -39.57
CA PHE E 320 42.43 -32.82 -40.76
C PHE E 320 42.41 -31.60 -41.68
N GLN E 321 43.60 -31.24 -42.18
CA GLN E 321 43.76 -30.05 -43.00
C GLN E 321 44.16 -30.42 -44.42
N MET E 322 43.82 -29.54 -45.35
CA MET E 322 44.12 -29.68 -46.77
C MET E 322 44.77 -28.41 -47.27
N PRO E 323 45.57 -28.49 -48.34
CA PRO E 323 46.24 -27.29 -48.88
C PRO E 323 45.26 -26.25 -49.41
N LYS E 325 40.97 -25.24 -51.36
CA LYS E 325 40.64 -24.89 -49.98
C LYS E 325 39.16 -25.09 -49.71
N ASP E 326 38.32 -24.74 -50.68
CA ASP E 326 36.89 -24.95 -50.54
C ASP E 326 36.54 -26.43 -50.51
N GLU E 327 37.27 -27.25 -51.28
CA GLU E 327 37.10 -28.69 -51.22
C GLU E 327 37.35 -29.23 -49.82
N GLU E 328 38.29 -28.62 -49.10
CA GLU E 328 38.51 -29.00 -47.70
C GLU E 328 37.25 -28.79 -46.87
N SER E 329 36.64 -27.61 -46.98
CA SER E 329 35.42 -27.33 -46.25
C SER E 329 34.29 -28.27 -46.66
N ARG E 330 34.20 -28.58 -47.96
CA ARG E 330 33.15 -29.47 -48.43
C ARG E 330 33.30 -30.87 -47.84
N ILE E 331 34.53 -31.41 -47.84
CA ILE E 331 34.75 -32.72 -47.25
C ILE E 331 34.46 -32.70 -45.76
N CYS E 332 34.90 -31.64 -45.07
CA CYS E 332 34.62 -31.52 -43.64
C CYS E 332 33.12 -31.53 -43.38
N LYS E 333 32.37 -30.76 -44.16
CA LYS E 333 30.92 -30.72 -44.00
C LYS E 333 30.29 -32.09 -44.22
N ALA E 334 30.71 -32.77 -45.29
CA ALA E 334 30.12 -34.06 -45.61
C ALA E 334 30.37 -35.07 -44.51
N LEU E 335 31.63 -35.19 -44.07
CA LEU E 335 31.95 -36.13 -43.01
C LEU E 335 31.25 -35.77 -41.72
N PHE E 336 31.16 -34.46 -41.42
CA PHE E 336 30.43 -34.01 -40.24
C PHE E 336 28.99 -34.50 -40.26
N LEU E 337 28.29 -34.27 -41.37
CA LEU E 337 26.89 -34.66 -41.46
C LEU E 337 26.73 -36.17 -41.35
N TYR E 338 27.56 -36.92 -42.09
CA TYR E 338 27.49 -38.38 -42.01
C TYR E 338 27.68 -38.87 -40.58
N THR E 339 28.75 -38.41 -39.93
CA THR E 339 29.03 -38.86 -38.58
C THR E 339 27.94 -38.45 -37.60
N SER E 340 27.40 -37.25 -37.76
CA SER E 340 26.32 -36.79 -36.88
C SER E 340 25.11 -37.71 -36.99
N HIS E 341 24.72 -38.05 -38.22
CA HIS E 341 23.58 -38.95 -38.38
C HIS E 341 23.89 -40.34 -37.85
N LEU E 342 25.14 -40.81 -38.03
CA LEU E 342 25.54 -42.09 -37.45
C LEU E 342 25.34 -42.10 -35.94
N ARG E 343 25.86 -41.05 -35.28
CA ARG E 343 25.74 -40.98 -33.82
C ARG E 343 24.29 -40.90 -33.39
N LYS E 344 23.48 -40.11 -34.09
CA LYS E 344 22.08 -39.95 -33.71
C LYS E 344 21.34 -41.28 -33.83
N TYR E 345 21.60 -42.01 -34.92
CA TYR E 345 20.98 -43.32 -35.09
C TYR E 345 21.44 -44.31 -34.03
N ASN E 346 22.73 -44.27 -33.68
CA ASN E 346 23.22 -45.16 -32.63
C ASN E 346 22.54 -44.87 -31.30
N ASP E 347 22.38 -43.59 -30.97
CA ASP E 347 21.64 -43.21 -29.77
C ASP E 347 20.20 -43.73 -29.85
N ALA E 348 19.59 -43.62 -31.03
CA ALA E 348 18.25 -44.16 -31.20
C ALA E 348 18.22 -45.66 -30.93
N LEU E 349 19.23 -46.37 -31.42
CA LEU E 349 19.29 -47.82 -31.21
C LEU E 349 19.38 -48.16 -29.73
N ILE E 350 20.25 -47.47 -28.99
CA ILE E 350 20.41 -47.81 -27.58
C ILE E 350 19.16 -47.45 -26.79
N ILE E 351 18.54 -46.31 -27.12
CA ILE E 351 17.28 -45.95 -26.45
C ILE E 351 16.21 -46.99 -26.77
N SER E 352 16.16 -47.45 -28.02
CA SER E 352 15.18 -48.45 -28.40
C SER E 352 15.38 -49.74 -27.61
N GLU E 353 16.61 -50.20 -27.48
CA GLU E 353 16.84 -51.43 -26.73
C GLU E 353 16.63 -51.23 -25.23
N HIS E 354 16.74 -50.00 -24.73
CA HIS E 354 16.42 -49.71 -23.33
C HIS E 354 14.96 -49.30 -23.14
N ALA E 355 14.53 -48.24 -23.83
CA ALA E 355 13.20 -47.69 -23.66
C ALA E 355 12.23 -48.37 -24.63
N ARG E 356 11.03 -47.81 -24.75
CA ARG E 356 10.01 -48.48 -25.54
C ARG E 356 10.18 -48.20 -27.03
N MET E 357 9.38 -48.89 -27.83
CA MET E 357 9.50 -48.83 -29.29
C MET E 357 9.35 -47.39 -29.79
N LYS E 358 8.29 -46.71 -29.35
CA LYS E 358 7.92 -45.42 -29.91
C LYS E 358 8.96 -44.33 -29.65
N ASP E 359 9.68 -44.45 -28.52
CA ASP E 359 10.56 -43.35 -28.10
C ASP E 359 11.69 -43.12 -29.10
N ALA E 360 12.28 -44.19 -29.63
CA ALA E 360 13.40 -44.03 -30.56
C ALA E 360 12.96 -43.30 -31.82
N LEU E 361 11.81 -43.70 -32.37
CA LEU E 361 11.27 -43.00 -33.54
C LEU E 361 10.92 -41.56 -33.21
N ASP E 362 10.39 -41.31 -32.01
CA ASP E 362 10.11 -39.93 -31.61
C ASP E 362 11.38 -39.10 -31.64
N TYR E 363 12.45 -39.60 -31.03
CA TYR E 363 13.71 -38.86 -30.99
C TYR E 363 14.26 -38.62 -32.39
N LEU E 364 14.25 -39.67 -33.22
CA LEU E 364 14.79 -39.55 -34.57
C LEU E 364 13.99 -38.55 -35.40
N LYS E 365 12.65 -38.65 -35.34
CA LYS E 365 11.81 -37.73 -36.09
C LYS E 365 11.99 -36.29 -35.62
N ASP E 366 12.12 -36.10 -34.31
CA ASP E 366 12.37 -34.74 -33.80
C ASP E 366 13.68 -34.20 -34.33
N PHE E 367 14.74 -35.02 -34.34
CA PHE E 367 16.02 -34.56 -34.86
C PHE E 367 15.91 -34.20 -36.34
N PHE E 368 15.26 -35.07 -37.13
CA PHE E 368 15.15 -34.82 -38.56
C PHE E 368 14.33 -33.58 -38.86
N SER E 369 13.19 -33.42 -38.19
CA SER E 369 12.34 -32.25 -38.43
C SER E 369 12.98 -30.97 -37.93
N ASN E 370 13.73 -31.02 -36.83
CA ASN E 370 14.35 -29.82 -36.29
C ASN E 370 15.73 -29.56 -36.87
N VAL E 371 16.43 -30.61 -37.30
CA VAL E 371 17.77 -30.48 -37.88
C VAL E 371 18.71 -29.75 -36.93
N GLU E 378 20.79 -31.00 -51.62
CA GLU E 378 22.13 -31.32 -51.18
C GLU E 378 22.14 -32.68 -50.47
N ILE E 379 23.22 -32.96 -49.74
CA ILE E 379 23.39 -34.27 -49.11
C ILE E 379 22.30 -34.52 -48.08
N GLU E 380 22.03 -33.53 -47.23
CA GLU E 380 21.00 -33.69 -46.20
C GLU E 380 19.64 -34.00 -46.80
N GLN E 381 19.35 -33.47 -48.00
CA GLN E 381 18.14 -33.86 -48.70
C GLN E 381 18.15 -35.35 -49.02
N ASP E 382 19.30 -35.85 -49.47
CA ASP E 382 19.41 -37.28 -49.76
C ASP E 382 19.12 -38.11 -48.50
N LEU E 383 19.76 -37.75 -47.38
CA LEU E 383 19.54 -38.53 -46.16
C LEU E 383 18.11 -38.41 -45.66
N THR E 384 17.49 -37.24 -45.81
CA THR E 384 16.09 -37.09 -45.45
C THR E 384 15.21 -38.01 -46.29
N GLN E 385 15.51 -38.11 -47.60
CA GLN E 385 14.80 -39.06 -48.43
C GLN E 385 15.00 -40.49 -47.94
N ARG E 386 16.24 -40.82 -47.56
CA ARG E 386 16.53 -42.17 -47.07
C ARG E 386 15.69 -42.51 -45.85
N PHE E 387 15.57 -41.56 -44.91
CA PHE E 387 14.80 -41.85 -43.70
C PHE E 387 13.31 -41.89 -43.97
N GLU E 388 12.80 -40.92 -44.74
CA GLU E 388 11.38 -40.91 -45.07
C GLU E 388 10.97 -42.11 -45.89
N GLU E 389 11.91 -42.74 -46.59
CA GLU E 389 11.63 -44.00 -47.26
C GLU E 389 11.12 -45.05 -46.29
N LYS E 390 11.80 -45.19 -45.15
CA LYS E 390 11.55 -46.27 -44.22
C LYS E 390 10.58 -45.90 -43.10
N LEU E 391 10.31 -44.60 -42.93
CA LEU E 391 9.45 -44.11 -41.84
C LEU E 391 8.20 -44.97 -41.63
N GLN E 392 7.47 -45.25 -42.72
CA GLN E 392 6.18 -45.93 -42.56
C GLN E 392 6.35 -47.37 -42.09
N GLU E 393 7.38 -48.07 -42.60
CA GLU E 393 7.68 -49.40 -42.11
C GLU E 393 8.03 -49.37 -40.63
N LEU E 394 8.80 -48.35 -40.23
CA LEU E 394 9.16 -48.20 -38.82
C LEU E 394 7.91 -48.01 -37.96
N GLU E 395 6.99 -47.15 -38.40
CA GLU E 395 5.75 -46.95 -37.64
C GLU E 395 4.94 -48.24 -37.57
N SER E 396 4.85 -48.97 -38.68
CA SER E 396 4.08 -50.21 -38.70
C SER E 396 4.63 -51.22 -37.70
N VAL E 397 5.95 -51.42 -37.70
CA VAL E 397 6.52 -52.36 -36.75
C VAL E 397 6.40 -51.82 -35.32
N SER E 398 6.41 -50.49 -35.15
CA SER E 398 6.27 -49.92 -33.82
C SER E 398 4.89 -50.21 -33.24
N ARG E 399 3.85 -50.11 -34.05
CA ARG E 399 2.49 -50.32 -33.56
C ARG E 399 2.08 -51.78 -33.52
N ASP E 400 2.99 -52.71 -33.82
CA ASP E 400 2.74 -54.12 -33.61
C ASP E 400 3.15 -54.51 -32.20
N PRO E 401 2.19 -54.68 -31.28
CA PRO E 401 2.56 -54.94 -29.87
C PRO E 401 3.29 -56.25 -29.64
N SER E 402 3.23 -57.18 -30.59
CA SER E 402 3.89 -58.46 -30.40
C SER E 402 5.41 -58.30 -30.29
N ASN E 403 5.96 -57.25 -30.90
CA ASN E 403 7.40 -57.01 -30.87
C ASN E 403 7.79 -56.02 -29.77
N GLU E 404 7.05 -56.00 -28.67
CA GLU E 404 7.33 -55.08 -27.58
C GLU E 404 8.63 -55.45 -26.87
N ASN E 405 9.23 -54.46 -26.22
CA ASN E 405 10.48 -54.67 -25.51
C ASN E 405 10.26 -55.62 -24.34
N PRO E 406 10.96 -56.75 -24.27
CA PRO E 406 10.66 -57.75 -23.24
C PRO E 406 10.87 -57.25 -21.82
N LYS E 407 11.83 -56.33 -21.61
CA LYS E 407 12.06 -55.80 -20.28
C LYS E 407 10.82 -55.11 -19.74
N LEU E 408 10.18 -54.28 -20.57
CA LEU E 408 8.95 -53.62 -20.16
C LEU E 408 7.85 -54.64 -19.88
N GLU E 409 7.81 -55.72 -20.67
CA GLU E 409 6.83 -56.77 -20.43
C GLU E 409 7.01 -57.39 -19.05
N ASP E 410 8.24 -57.77 -18.71
CA ASP E 410 8.47 -58.39 -17.41
C ASP E 410 8.27 -57.40 -16.27
N LEU E 411 8.59 -56.12 -16.48
CA LEU E 411 8.33 -55.11 -15.46
C LEU E 411 6.84 -54.92 -15.22
N CYS E 412 6.05 -54.92 -16.30
CA CYS E 412 4.60 -54.91 -16.15
C CYS E 412 4.13 -56.12 -15.37
N PHE E 413 4.71 -57.29 -15.67
CA PHE E 413 4.31 -58.51 -14.97
C PHE E 413 4.62 -58.40 -13.47
N ILE E 414 5.81 -57.91 -13.12
CA ILE E 414 6.18 -57.82 -11.71
C ILE E 414 5.25 -56.86 -10.97
N LEU E 415 5.01 -55.68 -11.55
CA LEU E 415 4.13 -54.71 -10.90
C LEU E 415 2.73 -55.28 -10.76
N GLN E 416 2.21 -55.88 -11.82
CA GLN E 416 0.88 -56.48 -11.81
C GLN E 416 0.75 -57.52 -10.72
N GLU E 417 1.68 -58.47 -10.67
CA GLU E 417 1.51 -59.59 -9.76
C GLU E 417 1.64 -59.12 -8.32
N GLU E 418 2.60 -58.21 -8.06
CA GLU E 418 2.72 -57.66 -6.71
C GLU E 418 1.47 -56.91 -6.30
N TYR E 419 0.97 -56.03 -7.15
CA TYR E 419 -0.18 -55.23 -6.76
C TYR E 419 -1.45 -56.07 -6.69
N HIS E 420 -1.46 -57.22 -7.37
CA HIS E 420 -2.52 -58.19 -7.17
C HIS E 420 -2.40 -58.84 -5.80
N LEU E 421 -1.17 -59.23 -5.42
CA LEU E 421 -0.96 -59.85 -4.12
C LEU E 421 -1.27 -58.89 -2.99
N ASN E 422 -0.68 -57.70 -3.03
CA ASN E 422 -0.97 -56.66 -2.05
C ASN E 422 -1.56 -55.46 -2.75
N PRO E 423 -2.85 -55.15 -2.56
CA PRO E 423 -3.45 -54.00 -3.25
C PRO E 423 -2.76 -52.69 -2.94
N GLU E 424 -2.31 -52.50 -1.71
CA GLU E 424 -1.68 -51.26 -1.28
C GLU E 424 -0.22 -51.51 -0.92
N THR E 425 0.67 -50.74 -1.52
CA THR E 425 2.11 -50.82 -1.28
C THR E 425 2.77 -49.63 -1.95
N ILE E 426 3.94 -49.28 -1.45
CA ILE E 426 4.73 -48.16 -1.98
C ILE E 426 6.02 -48.73 -2.51
N THR E 427 6.27 -48.52 -3.80
CA THR E 427 7.44 -49.08 -4.47
C THR E 427 8.27 -47.98 -5.11
N ILE E 428 9.57 -48.25 -5.21
CA ILE E 428 10.54 -47.32 -5.78
C ILE E 428 11.25 -48.01 -6.93
N LEU E 429 11.43 -47.28 -8.03
CA LEU E 429 12.09 -47.80 -9.22
C LEU E 429 13.28 -46.93 -9.58
N PHE E 430 14.42 -47.59 -9.78
CA PHE E 430 15.71 -46.94 -9.94
C PHE E 430 16.18 -47.10 -11.38
N VAL E 431 16.61 -45.99 -11.98
CA VAL E 431 17.04 -45.92 -13.37
C VAL E 431 18.39 -45.23 -13.42
N LYS E 432 18.96 -45.15 -14.62
CA LYS E 432 20.26 -44.50 -14.78
C LYS E 432 20.13 -43.05 -15.22
N THR E 433 19.20 -42.76 -16.13
CA THR E 433 19.17 -41.48 -16.83
C THR E 433 17.79 -40.85 -16.77
N ARG E 434 17.78 -39.52 -16.65
CA ARG E 434 16.53 -38.75 -16.53
C ARG E 434 15.64 -38.92 -17.75
N ALA E 435 16.23 -39.02 -18.93
CA ALA E 435 15.45 -39.29 -20.13
C ALA E 435 14.62 -40.55 -19.96
N LEU E 436 15.23 -41.61 -19.41
CA LEU E 436 14.46 -42.80 -19.08
C LEU E 436 13.42 -42.53 -18.00
N VAL E 437 13.66 -41.57 -17.10
CA VAL E 437 12.62 -41.21 -16.13
C VAL E 437 11.38 -40.72 -16.87
N ASP E 438 11.55 -39.79 -17.80
CA ASP E 438 10.42 -39.28 -18.56
C ASP E 438 9.76 -40.39 -19.37
N ALA E 439 10.57 -41.23 -20.03
CA ALA E 439 10.02 -42.29 -20.87
C ALA E 439 9.19 -43.26 -20.04
N LEU E 440 9.70 -43.68 -18.88
CA LEU E 440 8.97 -44.58 -18.01
C LEU E 440 7.72 -43.90 -17.44
N LYS E 441 7.80 -42.61 -17.14
CA LYS E 441 6.61 -41.90 -16.68
C LYS E 441 5.50 -41.99 -17.72
N ASN E 442 5.81 -41.66 -18.97
CA ASN E 442 4.81 -41.71 -20.03
C ASN E 442 4.29 -43.13 -20.24
N TRP E 443 5.20 -44.10 -20.30
CA TRP E 443 4.80 -45.48 -20.58
C TRP E 443 3.94 -46.04 -19.47
N ILE E 444 4.23 -45.69 -18.21
CA ILE E 444 3.42 -46.14 -17.09
C ILE E 444 2.06 -45.49 -17.12
N GLU E 445 2.01 -44.18 -17.42
CA GLU E 445 0.72 -43.50 -17.46
C GLU E 445 -0.13 -43.93 -18.65
N GLY E 446 0.48 -44.49 -19.69
CA GLY E 446 -0.25 -44.88 -20.89
C GLY E 446 -0.58 -46.35 -21.02
N ASN E 447 -0.50 -47.13 -19.95
CA ASN E 447 -0.81 -48.55 -20.04
C ASN E 447 -2.15 -48.82 -19.37
N PRO E 448 -3.19 -49.21 -20.11
CA PRO E 448 -4.46 -49.55 -19.46
C PRO E 448 -4.36 -50.70 -18.48
N LYS E 449 -3.42 -51.63 -18.69
CA LYS E 449 -3.28 -52.76 -17.79
C LYS E 449 -2.89 -52.30 -16.38
N LEU E 450 -2.01 -51.30 -16.30
CA LEU E 450 -1.55 -50.79 -15.00
C LEU E 450 -2.36 -49.54 -14.64
N SER E 451 -3.65 -49.77 -14.38
CA SER E 451 -4.49 -48.69 -13.86
C SER E 451 -4.23 -48.45 -12.37
N PHE E 452 -3.65 -49.44 -11.69
CA PHE E 452 -3.35 -49.28 -10.27
C PHE E 452 -2.38 -48.13 -10.02
N LEU E 453 -1.34 -48.04 -10.85
CA LEU E 453 -0.19 -47.21 -10.53
C LEU E 453 -0.55 -45.72 -10.53
N LYS E 454 -0.05 -45.01 -9.52
CA LYS E 454 -0.13 -43.55 -9.45
C LYS E 454 1.30 -43.01 -9.37
N PRO E 455 1.81 -42.38 -10.42
CA PRO E 455 3.25 -42.12 -10.49
C PRO E 455 3.69 -40.88 -9.73
N GLY E 456 4.93 -40.91 -9.25
CA GLY E 456 5.58 -39.74 -8.70
C GLY E 456 7.03 -39.67 -9.11
N ILE E 457 7.41 -38.58 -9.77
CA ILE E 457 8.76 -38.38 -10.28
C ILE E 457 9.62 -37.79 -9.17
N LEU E 458 10.91 -38.11 -9.18
CA LEU E 458 11.83 -37.49 -8.23
C LEU E 458 13.22 -37.45 -8.86
N THR E 459 13.83 -36.27 -8.87
CA THR E 459 15.16 -36.09 -9.43
C THR E 459 15.81 -34.89 -8.78
N GLY E 460 17.13 -34.80 -8.95
CA GLY E 460 17.87 -33.68 -8.40
C GLY E 460 17.55 -32.38 -9.10
N ARG E 461 17.78 -31.28 -8.37
CA ARG E 461 17.52 -29.95 -8.91
C ARG E 461 18.41 -29.68 -10.12
N GLY E 462 17.80 -29.20 -11.19
CA GLY E 462 18.53 -28.90 -12.41
C GLY E 462 19.02 -30.14 -13.13
N GLY E 469 13.98 -29.47 -14.80
CA GLY E 469 14.53 -29.76 -13.49
C GLY E 469 13.59 -29.43 -12.35
N MET E 470 13.38 -30.38 -11.45
CA MET E 470 12.53 -30.16 -10.29
C MET E 470 13.18 -29.19 -9.32
N THR E 471 12.36 -28.49 -8.55
CA THR E 471 12.83 -27.52 -7.57
C THR E 471 12.70 -28.09 -6.16
N LEU E 472 13.22 -27.34 -5.18
CA LEU E 472 13.22 -27.80 -3.80
C LEU E 472 11.81 -27.98 -3.23
N PRO E 473 10.92 -26.98 -3.27
CA PRO E 473 9.58 -27.20 -2.71
C PRO E 473 8.82 -28.32 -3.41
N ALA E 474 9.03 -28.50 -4.71
CA ALA E 474 8.41 -29.62 -5.41
C ALA E 474 8.88 -30.95 -4.84
N GLN E 475 10.19 -31.09 -4.60
CA GLN E 475 10.71 -32.30 -3.99
C GLN E 475 10.10 -32.51 -2.61
N LYS E 476 10.02 -31.44 -1.81
CA LYS E 476 9.46 -31.55 -0.47
C LYS E 476 8.00 -32.01 -0.54
N CYS E 477 7.23 -31.46 -1.47
CA CYS E 477 5.83 -31.85 -1.59
C CYS E 477 5.67 -33.30 -2.03
N ILE E 478 6.47 -33.72 -3.02
CA ILE E 478 6.39 -35.11 -3.47
C ILE E 478 6.75 -36.06 -2.33
N LEU E 479 7.80 -35.73 -1.56
CA LEU E 479 8.16 -36.57 -0.42
C LEU E 479 7.04 -36.63 0.61
N ASP E 480 6.53 -35.47 1.01
CA ASP E 480 5.52 -35.44 2.07
C ASP E 480 4.23 -36.12 1.63
N ALA E 481 3.94 -36.12 0.33
CA ALA E 481 2.72 -36.77 -0.15
C ALA E 481 2.72 -38.26 0.15
N PHE E 482 3.89 -38.88 0.20
CA PHE E 482 3.97 -40.33 0.41
C PHE E 482 3.58 -40.75 1.82
N LYS E 483 3.43 -39.81 2.74
CA LYS E 483 3.05 -40.15 4.11
C LYS E 483 1.61 -40.67 4.17
N GLY E 486 -2.42 -38.83 1.39
CA GLY E 486 -1.58 -39.14 0.24
C GLY E 486 -2.26 -40.03 -0.78
N ASP E 487 -1.83 -39.94 -2.02
CA ASP E 487 -2.43 -40.74 -3.09
C ASP E 487 -1.41 -41.31 -4.07
N HIS E 488 -0.12 -41.13 -3.84
CA HIS E 488 0.90 -41.67 -4.73
C HIS E 488 1.33 -43.06 -4.27
N ASN E 489 1.62 -43.93 -5.23
CA ASN E 489 1.96 -45.32 -4.93
C ASN E 489 3.28 -45.80 -5.50
N ILE E 490 3.81 -45.17 -6.55
CA ILE E 490 5.09 -45.57 -7.14
C ILE E 490 5.94 -44.32 -7.29
N LEU E 491 7.25 -44.48 -7.06
CA LEU E 491 8.19 -43.37 -7.17
C LEU E 491 9.29 -43.76 -8.15
N ILE E 492 9.45 -42.96 -9.20
CA ILE E 492 10.52 -43.13 -10.18
C ILE E 492 11.65 -42.19 -9.78
N ALA E 493 12.82 -42.75 -9.47
CA ALA E 493 13.90 -41.95 -8.89
C ALA E 493 15.21 -42.17 -9.63
N THR E 494 16.03 -41.13 -9.63
CA THR E 494 17.41 -41.21 -10.10
C THR E 494 18.31 -41.51 -8.90
N SER E 495 19.62 -41.30 -9.08
CA SER E 495 20.59 -41.67 -8.05
C SER E 495 20.40 -40.92 -6.74
N VAL E 496 19.62 -39.83 -6.74
CA VAL E 496 19.46 -39.03 -5.52
C VAL E 496 18.67 -39.78 -4.46
N ALA E 497 18.04 -40.90 -4.79
CA ALA E 497 17.24 -41.63 -3.83
C ALA E 497 18.07 -42.55 -2.96
N ASP E 498 19.40 -42.47 -3.04
CA ASP E 498 20.27 -43.25 -2.18
C ASP E 498 20.64 -42.43 -0.95
N GLU E 499 21.40 -43.04 -0.05
CA GLU E 499 21.88 -42.42 1.18
C GLU E 499 20.74 -41.96 2.07
N GLY E 500 19.55 -42.55 1.95
CA GLY E 500 18.49 -42.33 2.91
C GLY E 500 17.40 -41.36 2.49
N ILE E 501 16.27 -41.91 2.04
CA ILE E 501 15.06 -41.11 1.86
C ILE E 501 14.09 -41.29 3.03
N ASP E 502 14.14 -42.44 3.70
CA ASP E 502 13.40 -42.68 4.94
C ASP E 502 11.90 -42.60 4.74
N ILE E 503 11.40 -43.27 3.70
CA ILE E 503 9.96 -43.43 3.53
C ILE E 503 9.49 -44.53 4.48
N ALA E 504 8.59 -44.17 5.39
CA ALA E 504 8.19 -45.09 6.45
C ALA E 504 7.55 -46.36 5.90
N GLN E 505 7.03 -46.29 4.67
CA GLN E 505 6.36 -47.43 4.05
C GLN E 505 6.94 -47.62 2.64
N CYS E 506 7.78 -48.65 2.49
CA CYS E 506 8.25 -49.09 1.19
C CYS E 506 8.50 -50.58 1.25
N ASN E 507 7.87 -51.32 0.33
CA ASN E 507 7.93 -52.77 0.35
C ASN E 507 8.47 -53.35 -0.95
N LEU E 508 8.88 -52.51 -1.90
CA LEU E 508 9.35 -53.01 -3.19
C LEU E 508 10.35 -52.03 -3.77
N VAL E 509 11.55 -52.54 -4.07
CA VAL E 509 12.58 -51.78 -4.76
C VAL E 509 12.93 -52.51 -6.03
N ILE E 510 12.93 -51.79 -7.15
CA ILE E 510 13.22 -52.37 -8.46
C ILE E 510 14.41 -51.65 -9.06
N LEU E 511 15.39 -52.41 -9.53
CA LEU E 511 16.59 -51.88 -10.17
C LEU E 511 16.52 -52.18 -11.66
N TYR E 512 16.46 -51.13 -12.48
CA TYR E 512 16.37 -51.26 -13.93
C TYR E 512 17.76 -51.08 -14.51
N GLU E 513 18.54 -52.16 -14.52
CA GLU E 513 19.91 -52.15 -15.05
C GLU E 513 20.78 -51.18 -14.26
N TYR E 514 20.65 -51.21 -12.93
CA TYR E 514 21.34 -50.30 -12.04
C TYR E 514 22.26 -51.10 -11.13
N VAL E 515 23.57 -51.01 -11.35
CA VAL E 515 24.56 -51.72 -10.56
C VAL E 515 25.77 -50.82 -10.35
N GLY E 516 26.62 -51.21 -9.40
CA GLY E 516 27.81 -50.45 -9.09
C GLY E 516 28.63 -51.08 -7.99
N ASN E 517 29.35 -50.26 -7.24
CA ASN E 517 30.14 -50.75 -6.11
C ASN E 517 29.21 -51.16 -4.97
N VAL E 518 29.80 -51.80 -3.96
CA VAL E 518 29.02 -52.42 -2.89
C VAL E 518 28.23 -51.38 -2.10
N ILE E 519 28.77 -50.16 -1.97
CA ILE E 519 28.07 -49.12 -1.21
C ILE E 519 26.69 -48.86 -1.82
N LYS E 520 26.64 -48.71 -3.15
CA LYS E 520 25.37 -48.45 -3.80
C LYS E 520 24.43 -49.64 -3.63
N MET E 521 24.95 -50.86 -3.69
CA MET E 521 24.12 -52.04 -3.49
C MET E 521 23.45 -52.00 -2.13
N ILE E 522 24.24 -51.76 -1.09
CA ILE E 522 23.69 -51.79 0.27
C ILE E 522 22.71 -50.65 0.47
N GLN E 523 23.06 -49.45 0.02
CA GLN E 523 22.18 -48.30 0.23
C GLN E 523 20.89 -48.42 -0.58
N THR E 524 20.94 -49.09 -1.73
CA THR E 524 19.72 -49.33 -2.49
C THR E 524 18.85 -50.38 -1.81
N ARG E 525 19.44 -51.47 -1.34
CA ARG E 525 18.66 -52.52 -0.70
C ARG E 525 18.00 -52.01 0.58
N GLY E 526 18.70 -51.14 1.32
CA GLY E 526 18.19 -50.70 2.61
C GLY E 526 16.94 -49.86 2.58
N ARG E 527 16.55 -49.33 1.41
CA ARG E 527 15.43 -48.40 1.34
C ARG E 527 14.14 -49.02 1.84
N GLY E 528 14.01 -50.34 1.78
CA GLY E 528 12.78 -51.00 2.18
C GLY E 528 12.57 -51.06 3.67
N ARG E 529 12.32 -49.90 4.29
CA ARG E 529 12.13 -49.85 5.74
C ARG E 529 11.01 -50.76 6.20
N ALA E 530 9.94 -50.85 5.43
CA ALA E 530 8.81 -51.69 5.80
C ALA E 530 9.20 -53.16 5.79
N ARG E 531 8.63 -53.91 6.73
CA ARG E 531 8.92 -55.34 6.81
C ARG E 531 8.19 -56.10 5.71
N GLY E 532 8.76 -57.24 5.33
CA GLY E 532 8.27 -57.98 4.19
C GLY E 532 8.68 -57.42 2.85
N SER E 533 9.61 -56.46 2.84
CA SER E 533 10.01 -55.80 1.60
C SER E 533 10.87 -56.73 0.75
N LYS E 534 11.03 -56.34 -0.51
CA LYS E 534 11.83 -57.11 -1.45
C LYS E 534 12.53 -56.17 -2.41
N CYS E 535 13.61 -56.67 -2.99
CA CYS E 535 14.38 -55.95 -4.01
C CYS E 535 14.57 -56.86 -5.20
N PHE E 536 14.42 -56.31 -6.40
CA PHE E 536 14.49 -57.09 -7.63
C PHE E 536 15.43 -56.40 -8.61
N LEU E 537 16.49 -57.09 -9.01
CA LEU E 537 17.37 -56.60 -10.06
C LEU E 537 16.92 -57.18 -11.40
N LEU E 538 16.47 -56.32 -12.30
CA LEU E 538 16.01 -56.75 -13.63
C LEU E 538 17.08 -56.41 -14.65
N THR E 539 17.50 -57.41 -15.42
CA THR E 539 18.53 -57.14 -16.42
C THR E 539 18.49 -58.18 -17.51
N SER E 540 19.17 -57.86 -18.63
CA SER E 540 19.26 -58.73 -19.78
C SER E 540 20.70 -59.16 -20.06
N ASN E 541 21.57 -59.05 -19.06
CA ASN E 541 22.97 -59.46 -19.19
C ASN E 541 23.37 -60.25 -17.96
N ALA E 542 24.08 -61.37 -18.18
CA ALA E 542 24.48 -62.24 -17.09
C ALA E 542 25.60 -61.63 -16.27
N GLY E 543 26.51 -60.89 -16.92
CA GLY E 543 27.59 -60.26 -16.20
C GLY E 543 27.12 -59.33 -15.10
N VAL E 544 25.97 -58.68 -15.31
CA VAL E 544 25.38 -57.85 -14.26
C VAL E 544 25.04 -58.69 -13.04
N ILE E 545 24.42 -59.85 -13.28
CA ILE E 545 24.09 -60.75 -12.18
C ILE E 545 25.34 -61.20 -11.45
N GLU E 546 26.40 -61.51 -12.20
CA GLU E 546 27.65 -61.93 -11.59
C GLU E 546 28.23 -60.81 -10.73
N LYS E 547 28.20 -59.57 -11.23
CA LYS E 547 28.67 -58.44 -10.44
C LYS E 547 27.86 -58.28 -9.16
N GLU E 548 26.55 -58.47 -9.25
CA GLU E 548 25.73 -58.37 -8.04
C GLU E 548 26.12 -59.43 -7.01
N GLN E 549 26.35 -60.67 -7.46
CA GLN E 549 26.73 -61.73 -6.55
C GLN E 549 28.08 -61.43 -5.88
N ILE E 550 29.06 -61.03 -6.68
CA ILE E 550 30.37 -60.74 -6.11
C ILE E 550 30.30 -59.54 -5.16
N ASN E 551 29.41 -58.57 -5.43
CA ASN E 551 29.24 -57.46 -4.52
C ASN E 551 28.63 -57.92 -3.20
N MET E 552 27.68 -58.85 -3.25
CA MET E 552 27.15 -59.42 -2.01
C MET E 552 28.25 -60.06 -1.18
N TYR E 553 29.12 -60.84 -1.84
CA TYR E 553 30.24 -61.39 -1.10
C TYR E 553 31.10 -60.29 -0.51
N LYS E 554 31.40 -59.26 -1.31
CA LYS E 554 32.29 -58.21 -0.86
C LYS E 554 31.73 -57.56 0.40
N GLU E 555 30.41 -57.38 0.43
CA GLU E 555 29.76 -56.90 1.65
C GLU E 555 30.04 -57.84 2.82
N LYS E 556 29.89 -59.15 2.59
CA LYS E 556 30.16 -60.10 3.68
C LYS E 556 31.59 -60.01 4.18
N MET E 557 32.55 -59.93 3.25
CA MET E 557 33.96 -59.90 3.64
C MET E 557 34.30 -58.63 4.39
N MET E 558 33.74 -57.50 3.96
CA MET E 558 33.90 -56.25 4.71
C MET E 558 33.33 -56.38 6.12
N ASN E 559 32.14 -56.96 6.23
CA ASN E 559 31.50 -57.08 7.54
C ASN E 559 32.30 -57.98 8.46
N ASP E 560 33.03 -58.95 7.91
CA ASP E 560 33.92 -59.75 8.75
C ASP E 560 35.20 -58.99 9.10
N SER E 561 35.72 -58.21 8.14
CA SER E 561 36.96 -57.48 8.38
C SER E 561 36.79 -56.45 9.48
N ILE E 562 35.65 -55.78 9.54
CA ILE E 562 35.44 -54.78 10.59
C ILE E 562 35.41 -55.44 11.96
N LEU E 563 34.79 -56.63 12.04
CA LEU E 563 34.78 -57.37 13.30
C LEU E 563 36.19 -57.78 13.69
N ARG E 564 37.01 -58.18 12.72
CA ARG E 564 38.42 -58.45 13.02
C ARG E 564 39.09 -57.20 13.59
N LEU E 565 38.85 -56.05 12.96
CA LEU E 565 39.51 -54.82 13.40
C LEU E 565 39.11 -54.45 14.82
N GLN E 566 37.86 -54.71 15.20
CA GLN E 566 37.40 -54.33 16.53
C GLN E 566 38.22 -54.98 17.65
N THR E 567 38.92 -56.08 17.36
CA THR E 567 39.67 -56.79 18.40
C THR E 567 40.93 -56.05 18.83
N TRP E 568 41.44 -55.14 18.00
CA TRP E 568 42.77 -54.57 18.25
C TRP E 568 42.80 -53.77 19.53
N ASP E 569 43.98 -53.73 20.15
CA ASP E 569 44.18 -53.01 21.40
C ASP E 569 44.27 -51.51 21.16
N GLU E 570 43.71 -50.74 22.10
CA GLU E 570 43.72 -49.30 21.99
C GLU E 570 45.12 -48.74 22.18
N ALA E 571 45.35 -47.56 21.61
CA ALA E 571 46.57 -46.75 21.62
C ALA E 571 47.64 -47.33 20.69
N VAL E 572 47.44 -48.51 20.13
CA VAL E 572 48.19 -48.97 18.96
C VAL E 572 47.46 -48.62 17.67
N PHE E 573 46.14 -48.87 17.69
CA PHE E 573 45.24 -48.33 16.68
C PHE E 573 45.54 -46.86 16.42
N ARG E 574 45.47 -46.03 17.47
CA ARG E 574 45.69 -44.60 17.32
C ARG E 574 47.08 -44.30 16.79
N GLU E 575 48.08 -45.08 17.23
CA GLU E 575 49.45 -44.85 16.77
C GLU E 575 49.56 -45.06 15.27
N LYS E 576 49.05 -46.19 14.76
CA LYS E 576 49.13 -46.44 13.33
C LYS E 576 48.29 -45.44 12.54
N ILE E 577 47.16 -45.00 13.12
CA ILE E 577 46.36 -43.96 12.47
C ILE E 577 47.18 -42.68 12.33
N LEU E 578 47.88 -42.29 13.40
CA LEU E 578 48.72 -41.09 13.33
C LEU E 578 49.80 -41.25 12.28
N HIS E 579 50.41 -42.43 12.21
CA HIS E 579 51.42 -42.67 11.18
C HIS E 579 50.86 -42.50 9.78
N ILE E 580 49.68 -43.07 9.52
CA ILE E 580 49.05 -42.96 8.21
C ILE E 580 48.73 -41.50 7.90
N GLN E 581 48.19 -40.77 8.87
CA GLN E 581 47.86 -39.37 8.66
C GLN E 581 49.10 -38.56 8.32
N THR E 582 50.19 -38.79 9.05
CA THR E 582 51.43 -38.05 8.79
C THR E 582 51.94 -38.34 7.38
N HIS E 583 51.96 -39.61 6.99
CA HIS E 583 52.45 -39.97 5.67
C HIS E 583 51.60 -39.33 4.59
N GLU E 584 50.28 -39.41 4.73
CA GLU E 584 49.38 -38.86 3.72
C GLU E 584 49.52 -37.34 3.63
N LYS E 585 49.67 -36.68 4.78
CA LYS E 585 49.84 -35.23 4.78
C LYS E 585 51.12 -34.84 4.07
N PHE E 586 52.22 -35.55 4.32
CA PHE E 586 53.46 -35.29 3.61
C PHE E 586 53.26 -35.47 2.11
N ILE E 587 52.61 -36.57 1.72
CA ILE E 587 52.39 -36.85 0.30
C ILE E 587 51.62 -35.72 -0.35
N ARG E 588 50.51 -35.30 0.26
CA ARG E 588 49.71 -34.23 -0.33
C ARG E 588 50.48 -32.93 -0.40
N ASP E 589 51.20 -32.60 0.67
CA ASP E 589 51.94 -31.33 0.70
C ASP E 589 52.98 -31.28 -0.40
N SER E 590 53.72 -32.38 -0.60
CA SER E 590 54.70 -32.41 -1.67
C SER E 590 54.11 -32.83 -3.00
N GLN E 591 52.84 -33.22 -3.05
CA GLN E 591 52.24 -33.65 -4.32
C GLN E 591 52.17 -32.52 -5.34
N GLU E 592 51.76 -31.33 -4.92
CA GLU E 592 51.54 -30.23 -5.84
C GLU E 592 52.51 -29.08 -5.55
N LYS E 593 52.58 -28.15 -6.49
CA LYS E 593 53.41 -26.96 -6.34
C LYS E 593 52.99 -25.89 -7.35
N GLU E 601 49.63 -16.46 -29.63
CA GLU E 601 48.58 -15.55 -29.20
C GLU E 601 47.86 -14.95 -30.39
N ASN E 602 46.71 -14.32 -30.13
CA ASN E 602 45.86 -13.75 -31.18
C ASN E 602 45.50 -14.81 -32.23
N LYS E 603 45.35 -16.06 -31.78
CA LYS E 603 45.12 -17.17 -32.68
C LYS E 603 43.73 -17.08 -33.30
N LYS E 604 43.44 -18.01 -34.20
CA LYS E 604 42.23 -17.98 -35.00
C LYS E 604 41.25 -19.05 -34.51
N LEU E 605 39.96 -18.73 -34.60
CA LEU E 605 38.88 -19.67 -34.28
C LEU E 605 37.94 -19.72 -35.47
N LEU E 606 37.61 -20.94 -35.91
CA LEU E 606 36.85 -21.14 -37.13
C LEU E 606 35.72 -22.14 -36.89
N CYS E 607 34.70 -22.06 -37.76
CA CYS E 607 33.52 -22.91 -37.61
C CYS E 607 33.89 -24.37 -37.77
N ARG E 608 33.40 -25.21 -36.86
CA ARG E 608 33.73 -26.63 -36.91
C ARG E 608 33.14 -27.36 -38.11
N LYS E 609 32.09 -26.81 -38.73
CA LYS E 609 31.41 -27.52 -39.80
C LYS E 609 31.73 -26.97 -41.19
N CYS E 610 32.00 -25.67 -41.32
CA CYS E 610 32.31 -25.08 -42.61
C CYS E 610 33.67 -24.42 -42.67
N LYS E 611 34.44 -24.42 -41.58
CA LYS E 611 35.81 -23.92 -41.56
C LYS E 611 35.88 -22.43 -41.89
N ALA E 612 34.79 -21.69 -41.70
CA ALA E 612 34.81 -20.25 -41.91
C ALA E 612 35.51 -19.56 -40.75
N LEU E 613 36.25 -18.50 -41.06
CA LEU E 613 37.02 -17.78 -40.04
C LEU E 613 36.05 -17.07 -39.12
N ALA E 614 35.85 -17.62 -37.92
CA ALA E 614 34.87 -17.04 -37.00
C ALA E 614 35.42 -15.78 -36.34
N CYS E 615 36.54 -15.90 -35.63
CA CYS E 615 37.06 -14.75 -34.89
C CYS E 615 38.50 -15.02 -34.47
N TYR E 616 39.03 -14.15 -33.62
CA TYR E 616 40.35 -14.30 -33.04
C TYR E 616 40.25 -14.08 -31.53
N THR E 617 41.12 -14.76 -30.78
CA THR E 617 41.12 -14.63 -29.33
C THR E 617 41.53 -13.24 -28.86
N ALA E 618 42.09 -12.41 -29.74
CA ALA E 618 42.45 -11.04 -29.37
C ALA E 618 41.24 -10.13 -29.26
N ASP E 619 40.06 -10.59 -29.66
CA ASP E 619 38.86 -9.77 -29.64
C ASP E 619 37.81 -10.27 -28.65
N VAL E 620 38.15 -11.25 -27.82
CA VAL E 620 37.21 -11.87 -26.89
C VAL E 620 37.44 -11.28 -25.50
N ARG E 621 36.38 -10.72 -24.92
CA ARG E 621 36.44 -10.14 -23.58
C ARG E 621 35.47 -10.86 -22.65
N VAL E 622 36.01 -11.41 -21.56
CA VAL E 622 35.17 -12.10 -20.58
C VAL E 622 34.46 -11.07 -19.70
N ILE E 623 33.17 -11.31 -19.46
CA ILE E 623 32.37 -10.51 -18.55
C ILE E 623 32.03 -11.34 -17.33
N GLU E 624 32.13 -10.72 -16.16
CA GLU E 624 31.86 -11.36 -14.87
C GLU E 624 32.70 -12.62 -14.67
N GLU E 625 33.84 -12.69 -15.36
CA GLU E 625 34.78 -13.80 -15.26
C GLU E 625 34.17 -15.12 -15.70
N CYS E 626 32.92 -15.11 -16.17
CA CYS E 626 32.23 -16.37 -16.40
C CYS E 626 31.43 -16.42 -17.71
N HIS E 627 31.27 -15.30 -18.41
CA HIS E 627 30.72 -15.34 -19.76
C HIS E 627 31.72 -14.79 -20.76
N TYR E 628 31.69 -15.33 -21.98
CA TYR E 628 32.61 -14.92 -23.03
C TYR E 628 31.84 -14.30 -24.19
N THR E 629 32.31 -13.16 -24.66
CA THR E 629 31.71 -12.49 -25.81
C THR E 629 32.78 -11.77 -26.59
N VAL E 630 32.38 -11.23 -27.74
CA VAL E 630 33.26 -10.53 -28.66
C VAL E 630 32.53 -9.30 -29.19
N LEU E 631 33.27 -8.19 -29.32
CA LEU E 631 32.73 -6.97 -29.90
C LEU E 631 33.41 -6.72 -31.24
N GLY E 632 32.75 -5.94 -32.09
CA GLY E 632 33.27 -5.64 -33.40
C GLY E 632 32.32 -6.01 -34.51
N ASP E 633 32.17 -5.09 -35.48
CA ASP E 633 31.23 -5.32 -36.58
C ASP E 633 31.65 -6.50 -37.44
N ALA E 634 32.95 -6.84 -37.44
CA ALA E 634 33.41 -7.98 -38.21
C ALA E 634 32.70 -9.26 -37.79
N PHE E 635 32.56 -9.47 -36.48
CA PHE E 635 31.79 -10.61 -36.00
C PHE E 635 30.30 -10.44 -36.27
N LYS E 636 29.83 -9.19 -36.39
CA LYS E 636 28.41 -8.95 -36.60
C LYS E 636 27.96 -9.33 -38.01
N GLU E 637 28.89 -9.63 -38.91
CA GLU E 637 28.56 -10.16 -40.22
C GLU E 637 28.75 -11.67 -40.32
N CYS E 638 29.67 -12.23 -39.54
CA CYS E 638 30.03 -13.64 -39.66
C CYS E 638 28.92 -14.59 -39.20
N PHE E 639 27.86 -14.08 -38.58
CA PHE E 639 26.75 -14.91 -38.13
C PHE E 639 25.44 -14.31 -38.61
N VAL E 640 24.36 -15.03 -38.33
CA VAL E 640 23.01 -14.53 -38.56
C VAL E 640 22.08 -15.15 -37.53
N SER E 641 21.22 -14.33 -36.94
CA SER E 641 20.27 -14.82 -35.97
C SER E 641 19.11 -15.53 -36.67
N ARG E 642 18.20 -16.06 -35.86
CA ARG E 642 17.05 -16.59 -36.57
C ARG E 642 15.83 -15.73 -36.30
N PRO E 643 14.97 -15.51 -37.32
CA PRO E 643 13.85 -14.57 -37.16
C PRO E 643 12.93 -14.95 -36.01
N HIS E 644 12.39 -16.17 -36.06
CA HIS E 644 11.64 -16.75 -34.95
C HIS E 644 12.49 -17.87 -34.37
N PRO E 645 13.34 -17.58 -33.38
CA PRO E 645 14.23 -18.62 -32.86
C PRO E 645 13.45 -19.78 -32.26
N LYS E 646 14.04 -20.97 -32.35
CA LYS E 646 13.39 -22.18 -31.86
C LYS E 646 12.93 -22.08 -30.41
N PRO E 647 13.69 -21.50 -29.46
CA PRO E 647 13.13 -21.30 -28.12
C PRO E 647 11.86 -20.45 -28.11
N LYS E 648 11.73 -19.51 -29.05
CA LYS E 648 10.54 -18.69 -29.13
C LYS E 648 9.67 -19.08 -30.33
N LYS E 655 14.14 -18.64 -24.68
CA LYS E 655 13.16 -17.70 -25.21
C LYS E 655 13.84 -16.46 -25.76
N ARG E 656 15.09 -16.63 -26.20
CA ARG E 656 15.89 -15.55 -26.75
C ARG E 656 16.57 -16.03 -28.02
N ALA E 657 16.89 -15.08 -28.90
CA ALA E 657 17.46 -15.40 -30.20
C ALA E 657 18.76 -16.17 -30.04
N LYS E 658 18.94 -17.18 -30.89
CA LYS E 658 20.14 -17.99 -30.93
C LYS E 658 21.05 -17.53 -32.07
N ILE E 659 22.28 -18.01 -32.04
CA ILE E 659 23.28 -17.67 -33.05
C ILE E 659 23.41 -18.86 -34.01
N PHE E 660 23.76 -18.55 -35.25
CA PHE E 660 23.92 -19.56 -36.28
C PHE E 660 24.96 -19.09 -37.29
N CYS E 661 25.51 -20.05 -38.02
CA CYS E 661 26.51 -19.73 -39.03
C CYS E 661 25.89 -18.92 -40.16
N ALA E 662 26.65 -17.96 -40.69
CA ALA E 662 26.10 -17.01 -41.65
C ALA E 662 25.72 -17.69 -42.97
N ARG E 663 26.63 -18.47 -43.54
CA ARG E 663 26.37 -19.08 -44.83
C ARG E 663 25.20 -20.04 -44.76
N GLN E 664 24.30 -19.96 -45.74
CA GLN E 664 23.17 -20.88 -45.81
C GLN E 664 23.64 -22.32 -45.95
N ASN E 665 24.83 -22.53 -46.50
CA ASN E 665 25.39 -23.88 -46.58
C ASN E 665 25.60 -24.47 -45.19
N CYS E 666 26.06 -23.65 -44.25
CA CYS E 666 26.36 -24.08 -42.88
C CYS E 666 25.29 -23.55 -41.94
N SER E 667 24.42 -24.44 -41.46
CA SER E 667 23.45 -24.11 -40.42
C SER E 667 23.99 -24.71 -39.12
N HIS E 668 24.89 -23.97 -38.46
CA HIS E 668 25.58 -24.44 -37.27
C HIS E 668 25.38 -23.42 -36.16
N ASP E 669 24.89 -23.89 -35.00
CA ASP E 669 24.57 -23.02 -33.88
C ASP E 669 25.83 -22.72 -33.07
N TRP E 670 26.25 -21.45 -33.07
CA TRP E 670 27.42 -21.05 -32.31
C TRP E 670 27.09 -20.78 -30.85
N GLY E 671 26.23 -19.79 -30.59
CA GLY E 671 25.96 -19.34 -29.23
C GLY E 671 24.53 -18.87 -29.06
N ILE E 672 24.36 -17.86 -28.23
CA ILE E 672 23.03 -17.35 -27.88
C ILE E 672 23.15 -15.91 -27.41
N HIS E 673 22.13 -15.11 -27.72
CA HIS E 673 22.04 -13.76 -27.20
C HIS E 673 21.69 -13.76 -25.71
N VAL E 674 22.15 -12.72 -25.02
CA VAL E 674 21.82 -12.51 -23.61
C VAL E 674 22.07 -11.05 -23.30
N LYS E 675 21.35 -10.51 -22.31
CA LYS E 675 21.50 -9.11 -21.95
C LYS E 675 22.16 -8.97 -20.59
N TYR E 676 23.31 -8.32 -20.57
CA TYR E 676 23.86 -7.77 -19.35
C TYR E 676 23.03 -6.56 -18.92
N LYS E 677 23.31 -6.08 -17.71
CA LYS E 677 22.44 -5.12 -17.01
C LYS E 677 21.76 -4.13 -17.93
N THR E 678 22.50 -3.57 -18.88
CA THR E 678 21.95 -2.61 -19.84
C THR E 678 22.05 -3.05 -21.30
N PHE E 679 22.96 -3.96 -21.64
CA PHE E 679 23.36 -4.17 -23.03
C PHE E 679 23.03 -5.57 -23.50
N GLU E 680 22.39 -5.67 -24.66
CA GLU E 680 22.19 -6.96 -25.30
C GLU E 680 23.42 -7.34 -26.12
N ILE E 681 24.00 -8.49 -25.82
CA ILE E 681 25.20 -8.95 -26.52
C ILE E 681 25.09 -10.44 -26.78
N PRO E 682 25.76 -10.91 -27.84
CA PRO E 682 25.82 -12.35 -28.08
C PRO E 682 27.04 -12.98 -27.43
N VAL E 683 26.85 -14.21 -26.96
CA VAL E 683 27.92 -14.99 -26.34
C VAL E 683 28.08 -16.29 -27.11
N ILE E 684 29.32 -16.77 -27.18
CA ILE E 684 29.65 -17.96 -27.95
C ILE E 684 30.20 -19.02 -26.99
N LYS E 685 30.19 -20.26 -27.47
CA LYS E 685 30.70 -21.39 -26.73
C LYS E 685 31.88 -21.99 -27.48
N ILE E 686 32.96 -22.31 -26.76
CA ILE E 686 34.17 -22.86 -27.35
C ILE E 686 33.83 -24.19 -28.02
N GLU E 687 32.69 -24.78 -27.62
CA GLU E 687 32.20 -26.02 -28.21
C GLU E 687 31.83 -25.87 -29.68
N SER E 688 31.92 -24.66 -30.25
CA SER E 688 31.48 -24.42 -31.61
C SER E 688 32.63 -24.29 -32.61
N PHE E 689 33.85 -24.03 -32.17
CA PHE E 689 34.94 -23.70 -33.08
C PHE E 689 36.09 -24.69 -32.98
N VAL E 690 36.96 -24.60 -33.99
CA VAL E 690 38.28 -25.21 -33.99
C VAL E 690 39.30 -24.08 -33.88
N VAL E 691 40.30 -24.29 -33.04
CA VAL E 691 41.36 -23.31 -32.84
C VAL E 691 42.52 -23.63 -33.78
N GLU E 692 43.09 -22.58 -34.36
CA GLU E 692 44.18 -22.70 -35.31
C GLU E 692 45.23 -21.65 -34.99
N ASP E 693 46.49 -22.05 -35.05
CA ASP E 693 47.60 -21.14 -34.77
C ASP E 693 47.68 -20.07 -35.85
N ILE E 694 48.04 -18.85 -35.43
CA ILE E 694 48.21 -17.77 -36.40
C ILE E 694 49.55 -17.89 -37.10
N ALA E 695 50.52 -18.57 -36.49
CA ALA E 695 51.83 -18.75 -37.09
C ALA E 695 51.89 -20.02 -37.93
N THR E 696 51.56 -21.16 -37.34
CA THR E 696 51.59 -22.45 -38.03
C THR E 696 50.17 -22.88 -38.36
N GLY E 697 50.08 -23.94 -39.17
CA GLY E 697 48.81 -24.51 -39.57
C GLY E 697 48.24 -25.57 -38.66
N VAL E 698 48.76 -25.69 -37.43
CA VAL E 698 48.31 -26.74 -36.52
C VAL E 698 46.93 -26.39 -35.96
N GLN E 699 46.22 -27.44 -35.53
CA GLN E 699 44.91 -27.29 -34.91
C GLN E 699 44.79 -28.24 -33.74
N THR E 700 43.93 -27.85 -32.80
CA THR E 700 43.46 -28.75 -31.75
C THR E 700 41.97 -28.52 -31.56
N LEU E 701 41.36 -29.31 -30.71
CA LEU E 701 39.97 -29.13 -30.34
C LEU E 701 39.88 -28.94 -28.84
N TYR E 702 39.13 -27.93 -28.42
CA TYR E 702 38.93 -27.64 -27.01
C TYR E 702 37.46 -27.84 -26.68
N SER E 703 37.19 -28.68 -25.69
CA SER E 703 35.83 -28.99 -25.29
C SER E 703 35.39 -28.17 -24.08
N LYS E 704 36.27 -27.35 -23.53
CA LYS E 704 35.98 -26.75 -22.23
C LYS E 704 36.95 -25.60 -22.09
N TRP E 705 36.47 -24.41 -21.70
CA TRP E 705 37.34 -23.24 -21.71
C TRP E 705 38.54 -23.34 -20.77
N LYS E 706 38.50 -24.21 -19.77
CA LYS E 706 39.62 -24.31 -18.84
C LYS E 706 40.89 -24.72 -19.57
N ASP E 707 40.76 -25.62 -20.55
CA ASP E 707 41.92 -26.08 -21.29
C ASP E 707 42.53 -24.96 -22.14
N PHE E 708 41.68 -24.13 -22.76
CA PHE E 708 42.18 -23.05 -23.60
C PHE E 708 42.96 -22.05 -22.76
N HIS E 709 44.12 -21.63 -23.27
CA HIS E 709 44.99 -20.71 -22.58
C HIS E 709 45.28 -19.52 -23.48
N PHE E 710 45.05 -18.32 -22.96
CA PHE E 710 45.13 -17.10 -23.75
C PHE E 710 45.24 -15.91 -22.79
N GLU E 711 45.07 -14.71 -23.33
CA GLU E 711 45.07 -13.49 -22.52
C GLU E 711 43.62 -13.17 -22.16
N LYS E 712 43.18 -13.68 -21.02
CA LYS E 712 41.83 -13.42 -20.54
C LYS E 712 41.70 -11.95 -20.14
N ILE E 713 40.85 -11.21 -20.84
CA ILE E 713 40.74 -9.77 -20.63
C ILE E 713 39.32 -9.41 -20.22
N PRO E 714 39.13 -8.45 -19.31
CA PRO E 714 37.78 -8.12 -18.86
C PRO E 714 36.97 -7.37 -19.90
N PHE E 715 35.76 -6.96 -19.54
CA PHE E 715 34.87 -6.23 -20.44
C PHE E 715 35.49 -4.93 -20.92
N GLN F 8 -20.33 -88.82 -7.86
CA GLN F 8 -20.81 -89.21 -9.18
C GLN F 8 -20.79 -88.02 -10.14
N TRP F 9 -21.32 -86.89 -9.67
CA TRP F 9 -21.35 -85.67 -10.47
C TRP F 9 -19.96 -85.14 -10.80
N ALA F 10 -18.93 -85.58 -10.07
CA ALA F 10 -17.59 -85.07 -10.29
C ALA F 10 -17.07 -85.45 -11.67
N ILE F 11 -16.36 -84.51 -12.28
CA ILE F 11 -15.69 -84.76 -13.54
C ILE F 11 -14.20 -84.95 -13.25
N HIS F 12 -13.45 -85.40 -14.27
CA HIS F 12 -12.03 -85.70 -14.14
C HIS F 12 -11.28 -84.69 -15.00
N PRO F 13 -11.17 -83.45 -14.55
CA PRO F 13 -10.71 -82.37 -15.44
C PRO F 13 -9.21 -82.44 -15.68
N THR F 14 -8.77 -81.60 -16.61
CA THR F 14 -7.36 -81.49 -16.97
C THR F 14 -7.10 -80.06 -17.45
N PHE F 15 -5.86 -79.62 -17.31
CA PHE F 15 -5.50 -78.27 -17.75
C PHE F 15 -5.51 -78.18 -19.28
N ASN F 16 -5.61 -76.95 -19.77
CA ASN F 16 -5.44 -76.66 -21.18
C ASN F 16 -4.05 -76.08 -21.42
N LEU F 17 -3.49 -76.39 -22.58
CA LEU F 17 -2.16 -75.91 -22.94
C LEU F 17 -2.19 -74.69 -23.84
N LYS F 18 -3.35 -74.07 -24.03
CA LYS F 18 -3.45 -72.88 -24.85
C LYS F 18 -3.42 -71.59 -24.03
N SER F 19 -3.78 -71.66 -22.76
CA SER F 19 -3.83 -70.50 -21.88
C SER F 19 -2.73 -70.52 -20.83
N LEU F 20 -1.63 -71.24 -21.09
CA LEU F 20 -0.53 -71.31 -20.15
C LEU F 20 0.27 -70.01 -20.15
N SER F 21 0.72 -69.62 -18.96
CA SER F 21 1.52 -68.40 -18.81
C SER F 21 2.99 -68.72 -18.98
N CYS F 22 3.72 -67.82 -19.65
CA CYS F 22 5.12 -68.07 -19.96
C CYS F 22 5.95 -68.34 -18.72
N SER F 23 5.58 -67.73 -17.59
CA SER F 23 6.31 -67.97 -16.34
C SER F 23 5.95 -69.31 -15.71
N LEU F 24 4.72 -69.79 -15.95
CA LEU F 24 4.23 -70.99 -15.29
C LEU F 24 4.39 -72.18 -16.22
N GLU F 25 4.78 -73.33 -15.65
CA GLU F 25 5.07 -74.53 -16.41
C GLU F 25 4.09 -75.64 -16.04
N VAL F 26 3.90 -76.57 -16.97
CA VAL F 26 2.99 -77.70 -16.79
C VAL F 26 3.75 -78.98 -17.10
N SER F 27 3.40 -80.04 -16.37
CA SER F 27 4.04 -81.32 -16.58
C SER F 27 3.43 -82.03 -17.79
N LYS F 28 4.10 -83.09 -18.24
CA LYS F 28 3.63 -83.85 -19.39
C LYS F 28 2.27 -84.49 -19.11
N ASP F 29 2.09 -84.99 -17.88
CA ASP F 29 0.80 -85.58 -17.52
C ASP F 29 -0.33 -84.56 -17.53
N SER F 30 -0.01 -83.26 -17.47
CA SER F 30 -0.99 -82.18 -17.42
C SER F 30 -1.88 -82.25 -16.18
N ARG F 31 -1.40 -82.89 -15.12
CA ARG F 31 -2.08 -82.89 -13.83
C ARG F 31 -1.37 -82.01 -12.82
N THR F 32 -0.26 -81.39 -13.22
CA THR F 32 0.60 -80.59 -12.36
C THR F 32 0.83 -79.23 -13.00
N VAL F 33 0.74 -78.16 -12.21
CA VAL F 33 1.23 -76.86 -12.65
C VAL F 33 2.22 -76.38 -11.61
N THR F 34 3.17 -75.55 -12.05
CA THR F 34 4.21 -75.08 -11.13
C THR F 34 4.78 -73.79 -11.69
N VAL F 35 5.65 -73.15 -10.91
CA VAL F 35 6.27 -71.89 -11.27
C VAL F 35 7.70 -72.16 -11.68
N SER F 36 8.03 -71.84 -12.93
CA SER F 36 9.37 -72.07 -13.45
C SER F 36 10.36 -71.04 -12.89
N HIS F 37 11.63 -71.44 -12.86
CA HIS F 37 12.67 -70.51 -12.43
C HIS F 37 12.89 -69.40 -13.45
N ARG F 38 12.76 -69.74 -14.73
CA ARG F 38 13.04 -68.84 -15.85
C ARG F 38 11.86 -68.85 -16.80
N PRO F 39 11.67 -67.79 -17.58
CA PRO F 39 10.51 -67.72 -18.48
C PRO F 39 10.56 -68.83 -19.54
N GLN F 40 9.38 -69.34 -19.87
CA GLN F 40 9.24 -70.34 -20.92
C GLN F 40 8.75 -69.66 -22.18
N PRO F 41 9.57 -69.55 -23.23
CA PRO F 41 9.12 -68.87 -24.45
C PRO F 41 8.00 -69.65 -25.13
N TYR F 42 6.94 -68.92 -25.48
CA TYR F 42 5.74 -69.53 -26.04
C TYR F 42 5.22 -68.66 -27.17
N ARG F 43 4.22 -69.18 -27.86
CA ARG F 43 3.61 -68.46 -28.97
C ARG F 43 2.95 -67.17 -28.48
N TRP F 44 3.17 -66.09 -29.24
CA TRP F 44 2.47 -64.83 -28.95
C TRP F 44 1.07 -64.90 -29.54
N SER F 45 0.06 -64.67 -28.70
CA SER F 45 -1.31 -64.76 -29.14
C SER F 45 -2.17 -63.83 -28.30
N CYS F 46 -3.35 -63.49 -28.83
CA CYS F 46 -4.32 -62.72 -28.06
C CYS F 46 -4.87 -63.51 -26.89
N GLU F 47 -4.71 -64.84 -26.90
CA GLU F 47 -5.19 -65.67 -25.81
C GLU F 47 -4.29 -65.58 -24.59
N ARG F 48 -2.98 -65.37 -24.80
CA ARG F 48 -2.02 -65.44 -23.71
C ARG F 48 -2.38 -64.46 -22.59
N PHE F 49 -2.34 -64.96 -21.36
CA PHE F 49 -2.67 -64.13 -20.20
C PHE F 49 -1.67 -63.00 -20.02
N SER F 50 -0.38 -63.27 -20.23
CA SER F 50 0.70 -62.40 -19.81
C SER F 50 0.69 -62.19 -18.30
N THR F 51 0.18 -63.18 -17.57
CA THR F 51 0.09 -63.16 -16.12
C THR F 51 -0.21 -64.57 -15.64
N SER F 52 0.12 -64.83 -14.37
CA SER F 52 0.28 -66.19 -13.88
C SER F 52 -1.05 -66.82 -13.44
N GLN F 53 -1.94 -67.02 -14.40
CA GLN F 53 -3.11 -67.86 -14.16
C GLN F 53 -3.43 -68.68 -15.41
N VAL F 54 -4.17 -69.77 -15.20
CA VAL F 54 -4.48 -70.74 -16.24
C VAL F 54 -5.94 -71.16 -16.08
N LEU F 55 -6.46 -71.83 -17.10
CA LEU F 55 -7.83 -72.31 -17.13
C LEU F 55 -7.85 -73.81 -17.38
N CYS F 56 -8.85 -74.49 -16.81
CA CYS F 56 -9.04 -75.90 -17.08
C CYS F 56 -9.50 -76.10 -18.52
N SER F 57 -9.05 -77.22 -19.12
CA SER F 57 -9.37 -77.49 -20.52
C SER F 57 -10.87 -77.73 -20.71
N GLN F 58 -11.47 -78.51 -19.81
CA GLN F 58 -12.88 -78.88 -19.98
C GLN F 58 -13.80 -77.69 -19.84
N ALA F 59 -14.75 -77.57 -20.76
CA ALA F 59 -15.79 -76.56 -20.68
C ALA F 59 -16.97 -77.10 -19.90
N LEU F 60 -17.70 -76.20 -19.25
CA LEU F 60 -18.80 -76.57 -18.37
C LEU F 60 -20.02 -75.72 -18.70
N SER F 61 -21.02 -76.33 -19.32
CA SER F 61 -22.25 -75.64 -19.66
C SER F 61 -23.40 -76.08 -18.75
N LYS F 64 -23.68 -79.51 -12.40
CA LYS F 64 -23.66 -80.87 -11.89
C LYS F 64 -22.26 -81.47 -12.00
N HIS F 65 -21.24 -80.65 -11.75
CA HIS F 65 -19.85 -81.05 -11.90
C HIS F 65 -19.04 -80.66 -10.68
N TYR F 66 -18.15 -81.54 -10.25
CA TYR F 66 -17.38 -81.35 -9.04
C TYR F 66 -15.91 -81.65 -9.30
N TRP F 67 -15.03 -80.81 -8.79
CA TRP F 67 -13.59 -80.98 -8.98
C TRP F 67 -12.86 -80.29 -7.84
N GLU F 68 -11.80 -80.91 -7.34
CA GLU F 68 -11.11 -80.41 -6.16
C GLU F 68 -9.59 -80.41 -6.35
N VAL F 69 -8.95 -79.41 -5.73
CA VAL F 69 -7.53 -79.11 -5.89
C VAL F 69 -6.95 -79.03 -4.49
N ASP F 70 -5.63 -79.26 -4.38
CA ASP F 70 -4.98 -79.09 -3.08
C ASP F 70 -4.25 -77.76 -3.02
N THR F 71 -4.22 -77.17 -1.83
CA THR F 71 -3.47 -75.94 -1.60
C THR F 71 -2.17 -76.18 -0.87
N ARG F 72 -1.86 -77.44 -0.52
CA ARG F 72 -0.54 -77.77 -0.02
C ARG F 72 0.51 -77.43 -1.08
N ASN F 73 1.61 -76.83 -0.64
CA ASN F 73 2.65 -76.35 -1.53
C ASN F 73 2.08 -75.35 -2.53
N SER F 75 1.50 -71.59 -1.97
CA SER F 75 1.96 -70.42 -1.25
C SER F 75 0.89 -69.31 -1.22
N HIS F 76 0.59 -68.77 -2.40
CA HIS F 76 -0.47 -67.79 -2.58
C HIS F 76 -1.25 -68.18 -3.83
N TRP F 77 -2.55 -68.38 -3.68
CA TRP F 77 -3.33 -69.02 -4.73
C TRP F 77 -4.73 -68.43 -4.77
N ALA F 78 -5.37 -68.57 -5.93
CA ALA F 78 -6.78 -68.23 -6.11
C ALA F 78 -7.40 -69.27 -7.03
N VAL F 79 -8.58 -69.76 -6.65
CA VAL F 79 -9.30 -70.75 -7.44
C VAL F 79 -10.74 -70.30 -7.59
N GLY F 80 -11.28 -70.39 -8.80
CA GLY F 80 -12.64 -69.98 -9.01
C GLY F 80 -13.15 -70.39 -10.37
N VAL F 81 -14.17 -69.66 -10.83
CA VAL F 81 -14.85 -69.93 -12.09
C VAL F 81 -14.79 -68.69 -12.96
N ALA F 82 -14.63 -68.89 -14.28
CA ALA F 82 -14.53 -67.76 -15.19
C ALA F 82 -15.03 -68.17 -16.57
N SER F 83 -15.60 -67.21 -17.28
CA SER F 83 -16.08 -67.43 -18.63
C SER F 83 -14.97 -67.19 -19.65
N TRP F 84 -15.21 -67.65 -20.88
CA TRP F 84 -14.25 -67.41 -21.95
C TRP F 84 -14.20 -65.95 -22.37
N GLU F 85 -15.33 -65.25 -22.28
CA GLU F 85 -15.41 -63.84 -22.70
C GLU F 85 -14.67 -62.90 -21.76
N MET F 86 -13.97 -63.40 -20.74
CA MET F 86 -13.20 -62.53 -19.86
C MET F 86 -12.03 -61.91 -20.61
N SER F 87 -11.64 -60.73 -20.16
CA SER F 87 -10.46 -60.07 -20.73
C SER F 87 -9.20 -60.84 -20.35
N ARG F 88 -8.32 -61.04 -21.33
CA ARG F 88 -7.10 -61.80 -21.08
C ARG F 88 -6.18 -61.06 -20.11
N ASP F 89 -6.01 -59.75 -20.30
CA ASP F 89 -5.14 -58.96 -19.45
C ASP F 89 -5.77 -58.58 -18.13
N GLN F 90 -7.07 -58.82 -17.95
CA GLN F 90 -7.73 -58.46 -16.71
C GLN F 90 -7.30 -59.39 -15.58
N VAL F 91 -7.40 -58.89 -14.35
CA VAL F 91 -7.02 -59.68 -13.18
C VAL F 91 -8.14 -60.64 -12.81
N LEU F 92 -7.74 -61.86 -12.45
CA LEU F 92 -8.71 -62.90 -12.12
C LEU F 92 -9.49 -62.54 -10.87
N GLY F 93 -10.79 -62.82 -10.89
CA GLY F 93 -11.63 -62.66 -9.73
C GLY F 93 -12.19 -61.28 -9.51
N ARG F 94 -11.80 -60.29 -10.32
CA ARG F 94 -12.28 -58.93 -10.15
C ARG F 94 -13.18 -58.47 -11.28
N THR F 95 -13.22 -59.20 -12.39
CA THR F 95 -14.04 -58.84 -13.53
C THR F 95 -15.43 -59.48 -13.40
N MET F 96 -16.27 -59.24 -14.41
CA MET F 96 -17.65 -59.73 -14.36
C MET F 96 -17.72 -61.24 -14.44
N ASP F 97 -16.97 -61.84 -15.37
CA ASP F 97 -17.13 -63.25 -15.68
C ASP F 97 -16.56 -64.18 -14.61
N SER F 98 -15.82 -63.66 -13.64
CA SER F 98 -15.07 -64.50 -12.70
C SER F 98 -15.60 -64.36 -11.29
N CYS F 99 -15.59 -65.47 -10.55
CA CYS F 99 -15.89 -65.49 -9.12
C CYS F 99 -14.98 -66.52 -8.48
N CYS F 100 -14.19 -66.10 -7.49
CA CYS F 100 -13.11 -66.94 -7.01
C CYS F 100 -12.91 -66.74 -5.51
N VAL F 101 -12.08 -67.63 -4.94
CA VAL F 101 -11.63 -67.56 -3.56
C VAL F 101 -10.10 -67.57 -3.57
N GLU F 102 -9.50 -66.64 -2.83
CA GLU F 102 -8.06 -66.42 -2.85
C GLU F 102 -7.53 -66.35 -1.43
N TRP F 103 -6.31 -66.88 -1.25
CA TRP F 103 -5.59 -66.80 0.02
C TRP F 103 -4.63 -65.63 -0.07
N LYS F 104 -5.09 -64.46 0.39
CA LYS F 104 -4.40 -63.21 0.14
C LYS F 104 -3.13 -63.11 1.01
N GLY F 105 -2.31 -62.11 0.69
CA GLY F 105 -1.02 -61.92 1.33
C GLY F 105 -1.11 -61.58 2.81
N THR F 106 -2.28 -61.21 3.31
CA THR F 106 -2.49 -60.96 4.73
C THR F 106 -2.79 -62.23 5.51
N SER F 107 -2.42 -63.39 4.97
CA SER F 107 -2.65 -64.68 5.60
C SER F 107 -4.14 -64.89 5.88
N GLN F 108 -4.98 -64.52 4.92
CA GLN F 108 -6.42 -64.67 5.06
C GLN F 108 -7.02 -65.23 3.78
N LEU F 109 -8.12 -65.95 3.94
CA LEU F 109 -8.90 -66.49 2.83
C LEU F 109 -10.10 -65.60 2.58
N SER F 110 -10.43 -65.37 1.31
CA SER F 110 -11.54 -64.49 0.97
C SER F 110 -12.19 -64.96 -0.32
N ALA F 111 -13.44 -64.54 -0.50
CA ALA F 111 -14.17 -64.75 -1.74
C ALA F 111 -14.44 -63.40 -2.37
N TRP F 112 -14.14 -63.26 -3.66
CA TRP F 112 -14.22 -61.99 -4.35
C TRP F 112 -15.40 -61.98 -5.31
N HIS F 113 -16.21 -60.93 -5.21
CA HIS F 113 -17.33 -60.66 -6.10
C HIS F 113 -17.02 -59.34 -6.83
N MET F 114 -17.93 -58.94 -7.73
CA MET F 114 -17.66 -57.95 -8.78
C MET F 114 -16.65 -56.88 -8.40
N VAL F 115 -16.83 -56.26 -7.23
CA VAL F 115 -15.83 -55.33 -6.70
C VAL F 115 -15.55 -55.66 -5.24
N LYS F 116 -16.39 -56.51 -4.65
CA LYS F 116 -16.37 -56.73 -3.22
C LYS F 116 -15.48 -57.90 -2.85
N GLU F 117 -15.13 -57.97 -1.56
CA GLU F 117 -14.27 -59.03 -1.03
C GLU F 117 -14.78 -59.40 0.36
N THR F 118 -15.29 -60.62 0.50
CA THR F 118 -15.75 -61.14 1.78
C THR F 118 -14.66 -62.05 2.34
N VAL F 119 -14.00 -61.61 3.40
CA VAL F 119 -12.88 -62.34 3.99
C VAL F 119 -13.38 -63.14 5.18
N LEU F 120 -12.82 -64.33 5.38
CA LEU F 120 -13.18 -65.16 6.52
C LEU F 120 -11.94 -65.90 7.02
N ARG F 124 -7.11 -69.88 8.21
CA ARG F 124 -6.83 -71.32 8.12
C ARG F 124 -7.15 -71.84 6.73
N PRO F 125 -6.14 -71.95 5.87
CA PRO F 125 -6.35 -72.47 4.52
C PRO F 125 -6.47 -73.98 4.54
N GLY F 126 -6.78 -74.54 3.38
CA GLY F 126 -6.91 -75.99 3.28
C GLY F 126 -7.13 -76.42 1.85
N VAL F 127 -7.16 -77.74 1.68
CA VAL F 127 -7.44 -78.34 0.37
C VAL F 127 -8.89 -78.09 -0.01
N VAL F 128 -9.11 -77.59 -1.23
CA VAL F 128 -10.40 -77.02 -1.58
C VAL F 128 -11.05 -77.82 -2.69
N GLY F 129 -12.34 -77.62 -2.83
CA GLY F 129 -13.12 -78.28 -3.87
C GLY F 129 -14.24 -77.39 -4.32
N ILE F 130 -14.67 -77.57 -5.56
CA ILE F 130 -15.70 -76.76 -6.18
C ILE F 130 -16.77 -77.69 -6.73
N TRP F 131 -18.03 -77.44 -6.34
CA TRP F 131 -19.17 -78.20 -6.85
C TRP F 131 -20.17 -77.20 -7.44
N LEU F 132 -20.50 -77.40 -8.71
CA LEU F 132 -21.35 -76.48 -9.44
C LEU F 132 -22.55 -77.22 -9.99
N ASN F 133 -23.68 -76.52 -10.03
CA ASN F 133 -24.86 -77.02 -10.72
C ASN F 133 -25.54 -75.87 -11.48
N LEU F 134 -25.28 -75.83 -12.79
CA LEU F 134 -25.80 -74.75 -13.62
C LEU F 134 -27.32 -74.83 -13.74
N GLU F 135 -27.89 -76.03 -13.75
CA GLU F 135 -29.34 -76.15 -13.80
C GLU F 135 -29.99 -75.53 -12.57
N GLU F 136 -29.42 -75.75 -11.39
CA GLU F 136 -29.77 -75.00 -10.20
C GLU F 136 -28.99 -73.71 -10.07
N GLY F 137 -27.93 -73.54 -10.87
CA GLY F 137 -27.15 -72.31 -10.85
C GLY F 137 -26.50 -71.98 -9.53
N LYS F 138 -25.98 -72.99 -8.83
CA LYS F 138 -25.37 -72.80 -7.53
C LYS F 138 -23.90 -73.19 -7.58
N LEU F 139 -23.08 -72.40 -6.89
CA LEU F 139 -21.64 -72.59 -6.78
C LEU F 139 -21.30 -72.83 -5.31
N ALA F 140 -20.57 -73.91 -5.03
CA ALA F 140 -20.22 -74.25 -3.66
C ALA F 140 -18.73 -74.53 -3.57
N PHE F 141 -18.09 -73.96 -2.54
CA PHE F 141 -16.69 -74.19 -2.25
C PHE F 141 -16.57 -74.98 -0.95
N TYR F 142 -15.62 -75.91 -0.92
CA TYR F 142 -15.48 -76.86 0.18
C TYR F 142 -14.02 -76.94 0.60
N SER F 143 -13.81 -77.30 1.87
CA SER F 143 -12.50 -77.61 2.41
C SER F 143 -12.52 -79.03 2.95
N VAL F 144 -11.54 -79.83 2.58
CA VAL F 144 -11.46 -81.21 3.03
C VAL F 144 -10.58 -81.28 4.26
N ASP F 145 -11.08 -81.92 5.31
CA ASP F 145 -10.33 -82.04 6.57
C ASP F 145 -10.25 -83.48 7.04
N GLU F 148 -15.36 -83.40 6.16
CA GLU F 148 -14.80 -82.23 5.47
C GLU F 148 -15.34 -80.94 6.06
N LYS F 149 -15.24 -79.86 5.29
CA LYS F 149 -15.70 -78.55 5.73
C LYS F 149 -16.29 -77.80 4.55
N LEU F 150 -17.01 -76.73 4.86
CA LEU F 150 -17.71 -75.91 3.88
C LEU F 150 -17.11 -74.51 3.81
N LEU F 151 -17.07 -73.95 2.61
CA LEU F 151 -16.69 -72.57 2.38
C LEU F 151 -17.89 -71.78 1.88
N TYR F 152 -17.66 -70.52 1.52
CA TYR F 152 -18.75 -69.65 1.10
C TYR F 152 -19.44 -70.19 -0.15
N GLU F 153 -20.77 -70.18 -0.13
CA GLU F 153 -21.59 -70.69 -1.22
C GLU F 153 -22.38 -69.54 -1.84
N CYS F 154 -22.56 -69.57 -3.16
CA CYS F 154 -23.23 -68.50 -3.86
C CYS F 154 -24.19 -69.08 -4.90
N THR F 155 -25.04 -68.21 -5.43
CA THR F 155 -26.03 -68.57 -6.44
C THR F 155 -25.70 -67.81 -7.72
N ILE F 156 -24.88 -68.41 -8.57
CA ILE F 156 -24.44 -67.79 -9.81
C ILE F 156 -24.63 -68.79 -10.95
N SER F 157 -25.32 -68.36 -12.00
CA SER F 157 -25.49 -69.15 -13.21
C SER F 157 -25.13 -68.27 -14.42
N ALA F 158 -24.26 -68.79 -15.28
CA ALA F 158 -23.75 -68.03 -16.42
C ALA F 158 -24.32 -68.59 -17.73
N SER F 159 -24.68 -67.68 -18.64
CA SER F 159 -25.17 -68.09 -19.94
C SER F 159 -24.10 -68.81 -20.74
N SER F 160 -22.92 -68.20 -20.85
CA SER F 160 -21.78 -68.80 -21.53
C SER F 160 -21.18 -69.91 -20.67
N PRO F 161 -20.75 -71.02 -21.27
CA PRO F 161 -20.17 -72.08 -20.46
C PRO F 161 -18.83 -71.67 -19.87
N LEU F 162 -18.55 -72.18 -18.68
CA LEU F 162 -17.49 -71.67 -17.83
C LEU F 162 -16.32 -72.66 -17.76
N TYR F 163 -15.23 -72.19 -17.18
CA TYR F 163 -14.04 -72.99 -16.94
C TYR F 163 -13.51 -72.68 -15.55
N PRO F 164 -12.95 -73.67 -14.86
CA PRO F 164 -12.19 -73.38 -13.64
C PRO F 164 -10.98 -72.51 -13.96
N ALA F 165 -10.77 -71.47 -13.17
CA ALA F 165 -9.69 -70.52 -13.35
C ALA F 165 -8.81 -70.53 -12.10
N PHE F 166 -7.51 -70.74 -12.30
CA PHE F 166 -6.56 -70.92 -11.21
C PHE F 166 -5.43 -69.92 -11.37
N TRP F 167 -5.22 -69.08 -10.37
CA TRP F 167 -4.09 -68.15 -10.36
C TRP F 167 -3.10 -68.59 -9.29
N LEU F 168 -1.82 -68.66 -9.66
CA LEU F 168 -0.76 -69.08 -8.76
C LEU F 168 0.17 -67.90 -8.53
N TYR F 169 0.83 -67.88 -7.37
CA TYR F 169 1.79 -66.83 -7.06
C TYR F 169 2.96 -66.95 -8.02
N GLY F 170 3.33 -65.86 -8.68
CA GLY F 170 4.28 -65.94 -9.77
C GLY F 170 5.73 -65.65 -9.46
N LEU F 171 6.11 -65.51 -8.18
CA LEU F 171 7.48 -65.16 -7.84
C LEU F 171 8.13 -66.09 -6.82
N HIS F 172 7.41 -67.11 -6.34
CA HIS F 172 7.95 -68.02 -5.33
C HIS F 172 8.27 -69.34 -6.01
N PRO F 173 9.49 -69.53 -6.52
CA PRO F 173 9.81 -70.76 -7.24
C PRO F 173 9.70 -71.98 -6.34
N GLY F 174 9.33 -73.10 -6.94
CA GLY F 174 9.06 -74.32 -6.21
C GLY F 174 7.66 -74.42 -5.64
N ASN F 175 6.76 -73.53 -6.04
CA ASN F 175 5.37 -73.58 -5.61
C ASN F 175 4.54 -74.20 -6.74
N TYR F 176 3.93 -75.35 -6.46
CA TYR F 176 3.17 -76.08 -7.46
C TYR F 176 1.76 -76.35 -6.96
N LEU F 177 0.86 -76.54 -7.92
CA LEU F 177 -0.54 -76.82 -7.66
C LEU F 177 -0.92 -78.11 -8.39
N ILE F 178 -1.61 -79.01 -7.68
CA ILE F 178 -2.16 -80.21 -8.28
C ILE F 178 -3.64 -80.30 -7.97
N ILE F 179 -4.43 -80.51 -9.01
CA ILE F 179 -5.82 -80.91 -8.86
C ILE F 179 -5.82 -82.37 -8.42
N LYS F 180 -6.50 -82.65 -7.31
CA LYS F 180 -6.52 -84.00 -6.77
C LYS F 180 -7.76 -84.71 -7.27
N GLN F 181 -7.60 -85.97 -7.65
CA GLN F 181 -8.65 -86.73 -8.33
C GLN F 181 -9.15 -87.80 -7.39
N VAL F 182 -10.14 -87.43 -6.57
CA VAL F 182 -10.77 -88.41 -5.69
C VAL F 182 -11.76 -89.26 -6.48
N LYS F 183 -12.15 -90.39 -5.89
CA LYS F 183 -13.06 -91.33 -6.51
C LYS F 183 -14.19 -91.64 -5.55
N VAL F 184 -15.33 -92.06 -6.12
CA VAL F 184 -16.49 -92.43 -5.33
C VAL F 184 -16.39 -93.89 -4.89
#